data_1DUO
# 
_entry.id   1DUO 
# 
_audit_conform.dict_name       mmcif_pdbx.dic 
_audit_conform.dict_version    5.385 
_audit_conform.dict_location   http://mmcif.pdb.org/dictionaries/ascii/mmcif_pdbx.dic 
# 
loop_
_database_2.database_id 
_database_2.database_code 
_database_2.pdbx_database_accession 
_database_2.pdbx_DOI 
PDB   1DUO         pdb_00001duo 10.2210/pdb1duo/pdb 
RCSB  RCSB010385   ?            ?                   
WWPDB D_1000010385 ?            ?                   
# 
loop_
_pdbx_audit_revision_history.ordinal 
_pdbx_audit_revision_history.data_content_type 
_pdbx_audit_revision_history.major_revision 
_pdbx_audit_revision_history.minor_revision 
_pdbx_audit_revision_history.revision_date 
1 'Structure model' 1 0 2000-02-07 
2 'Structure model' 1 1 2008-04-27 
3 'Structure model' 1 2 2011-07-13 
4 'Structure model' 1 3 2018-03-14 
5 'Structure model' 2 0 2019-05-15 
6 'Structure model' 2 1 2024-02-07 
# 
_pdbx_audit_revision_details.ordinal             1 
_pdbx_audit_revision_details.revision_ordinal    1 
_pdbx_audit_revision_details.data_content_type   'Structure model' 
_pdbx_audit_revision_details.provider            repository 
_pdbx_audit_revision_details.type                'Initial release' 
_pdbx_audit_revision_details.description         ? 
_pdbx_audit_revision_details.details             ? 
# 
loop_
_pdbx_audit_revision_group.ordinal 
_pdbx_audit_revision_group.revision_ordinal 
_pdbx_audit_revision_group.data_content_type 
_pdbx_audit_revision_group.group 
1 2 'Structure model' 'Version format compliance' 
2 3 'Structure model' 'Version format compliance' 
3 4 'Structure model' 'Database references'       
4 5 'Structure model' 'Atomic model'              
5 5 'Structure model' 'Data collection'           
6 5 'Structure model' 'Source and taxonomy'       
7 6 'Structure model' 'Data collection'           
8 6 'Structure model' 'Database references'       
9 6 'Structure model' 'Derived calculations'      
# 
loop_
_pdbx_audit_revision_category.ordinal 
_pdbx_audit_revision_category.revision_ordinal 
_pdbx_audit_revision_category.data_content_type 
_pdbx_audit_revision_category.category 
1 4 'Structure model' struct_ref_seq_dif  
2 5 'Structure model' atom_site           
3 5 'Structure model' pdbx_entity_src_syn 
4 6 'Structure model' chem_comp_atom      
5 6 'Structure model' chem_comp_bond      
6 6 'Structure model' database_2          
7 6 'Structure model' struct_ref_seq_dif  
8 6 'Structure model' struct_site         
# 
loop_
_pdbx_audit_revision_item.ordinal 
_pdbx_audit_revision_item.revision_ordinal 
_pdbx_audit_revision_item.data_content_type 
_pdbx_audit_revision_item.item 
1  4 'Structure model' '_struct_ref_seq_dif.details'         
2  5 'Structure model' '_atom_site.B_iso_or_equiv'           
3  5 'Structure model' '_atom_site.Cartn_x'                  
4  5 'Structure model' '_atom_site.Cartn_y'                  
5  5 'Structure model' '_atom_site.Cartn_z'                  
6  6 'Structure model' '_database_2.pdbx_DOI'                
7  6 'Structure model' '_database_2.pdbx_database_accession' 
8  6 'Structure model' '_struct_ref_seq_dif.details'         
9  6 'Structure model' '_struct_site.pdbx_auth_asym_id'      
10 6 'Structure model' '_struct_site.pdbx_auth_comp_id'      
11 6 'Structure model' '_struct_site.pdbx_auth_seq_id'       
# 
_pdbx_database_status.status_code                     REL 
_pdbx_database_status.entry_id                        1DUO 
_pdbx_database_status.recvd_initial_deposition_date   2000-01-18 
_pdbx_database_status.deposit_site                    RCSB 
_pdbx_database_status.process_site                    RCSB 
_pdbx_database_status.status_code_sf                  REL 
_pdbx_database_status.SG_entry                        . 
_pdbx_database_status.pdb_format_compatible           Y 
_pdbx_database_status.status_code_mr                  ? 
_pdbx_database_status.status_code_cs                  ? 
_pdbx_database_status.methods_development_category    ? 
_pdbx_database_status.status_code_nmr_data            ? 
# 
loop_
_pdbx_database_related.db_name 
_pdbx_database_related.db_id 
_pdbx_database_related.details 
_pdbx_database_related.content_type 
PDB 1IRC 
;Sperm whale metaquomyoglobin proximal histidine mutant H93G with imidazole as proximal ligand. Same crystallization conditions and refinement procedures.
;
unspecified 
PDB 1DTM 
;Sperm whale metaquomyoglobin proximal histidine mutant H93G with 4-methylimidazole as proximal ligand. Same crystallization conditions and refinement procedures.
;
unspecified 
PDB 1DUK 'Wild-type sperm whale metaquomyoglobin. Same crystallization conditions and refinement procedures.' unspecified 
# 
loop_
_audit_author.name 
_audit_author.pdbx_ordinal 
'Barrick, D.'     1 
'Dahlquist, F.W.' 2 
# 
loop_
_citation.id 
_citation.title 
_citation.journal_abbrev 
_citation.journal_volume 
_citation.page_first 
_citation.page_last 
_citation.year 
_citation.journal_id_ASTM 
_citation.country 
_citation.journal_id_ISSN 
_citation.journal_id_CSD 
_citation.book_publisher 
_citation.pdbx_database_id_PubMed 
_citation.pdbx_database_id_DOI 
primary 'Trans-substitution of the proximal hydrogen bond in myoglobin: I. Structural consequences of hydrogen bond deletion.' 
Proteins          39 278 290 2000 PSFGEY US 0887-3585 0867 ? 10813811 
'10.1002/(SICI)1097-0134(20000601)39:4<278::AID-PROT20>3.0.CO;2-T' 
1       
;Trans-substitution of the proximal hydrogen bond in myoglobin: II. Energetics, functional consequences, and implications for hemoglobin allostery.
;
'To be Published' ?  ?   ?   ?    ?      ?  ?         0353 ? ?        ? 
# 
loop_
_citation_author.citation_id 
_citation_author.name 
_citation_author.ordinal 
_citation_author.identifier_ORCID 
primary 'Barrick, D.'     1 ? 
primary 'Dahlquist, F.W.' 2 ? 
1       'Barrick, D.'     3 ? 
# 
loop_
_entity.id 
_entity.type 
_entity.src_method 
_entity.pdbx_description 
_entity.formula_weight 
_entity.pdbx_number_of_molecules 
_entity.pdbx_ec 
_entity.pdbx_mutation 
_entity.pdbx_fragment 
_entity.details 
1 polymer     man 'SPERM WHALE METAQUOMYOGLOBIN VARIANT H93G' 17153.857 1  ? H93G ? 
'HEME IS BOUND TO THE PROTEIN DURING BACTERIAL EXPRESSION' 
2 non-polymer syn 'PROTOPORPHYRIN IX CONTAINING FE'           616.487   1  ? ?    ? ? 
3 non-polymer syn 1-METHYLIMIDAZOLE                           83.112    1  ? ?    ? ? 
4 water       nat water                                       18.015    24 ? ?    ? ? 
# 
_entity_poly.entity_id                      1 
_entity_poly.type                           'polypeptide(L)' 
_entity_poly.nstd_linkage                   no 
_entity_poly.nstd_monomer                   no 
_entity_poly.pdbx_seq_one_letter_code       
;VLSEGEWQLVLHVWAKVEADVAGHGQDILIRLFKSHPETLEKFDRFKHLKTEAEMKASEDLKKHGVTVLTALGAILKKKG
HHEAELKPLAQSGATKHKIPIKYLEFISEAIIHVLHSRHPGDFGADAQGAMNKALELFRKDIAAKYKELGYQG
;
_entity_poly.pdbx_seq_one_letter_code_can   
;VLSEGEWQLVLHVWAKVEADVAGHGQDILIRLFKSHPETLEKFDRFKHLKTEAEMKASEDLKKHGVTVLTALGAILKKKG
HHEAELKPLAQSGATKHKIPIKYLEFISEAIIHVLHSRHPGDFGADAQGAMNKALELFRKDIAAKYKELGYQG
;
_entity_poly.pdbx_strand_id                 A 
_entity_poly.pdbx_target_identifier         ? 
# 
loop_
_pdbx_entity_nonpoly.entity_id 
_pdbx_entity_nonpoly.name 
_pdbx_entity_nonpoly.comp_id 
2 'PROTOPORPHYRIN IX CONTAINING FE' HEM 
3 1-METHYLIMIDAZOLE                 1MZ 
4 water                             HOH 
# 
loop_
_entity_poly_seq.entity_id 
_entity_poly_seq.num 
_entity_poly_seq.mon_id 
_entity_poly_seq.hetero 
1 1   VAL n 
1 2   LEU n 
1 3   SER n 
1 4   GLU n 
1 5   GLY n 
1 6   GLU n 
1 7   TRP n 
1 8   GLN n 
1 9   LEU n 
1 10  VAL n 
1 11  LEU n 
1 12  HIS n 
1 13  VAL n 
1 14  TRP n 
1 15  ALA n 
1 16  LYS n 
1 17  VAL n 
1 18  GLU n 
1 19  ALA n 
1 20  ASP n 
1 21  VAL n 
1 22  ALA n 
1 23  GLY n 
1 24  HIS n 
1 25  GLY n 
1 26  GLN n 
1 27  ASP n 
1 28  ILE n 
1 29  LEU n 
1 30  ILE n 
1 31  ARG n 
1 32  LEU n 
1 33  PHE n 
1 34  LYS n 
1 35  SER n 
1 36  HIS n 
1 37  PRO n 
1 38  GLU n 
1 39  THR n 
1 40  LEU n 
1 41  GLU n 
1 42  LYS n 
1 43  PHE n 
1 44  ASP n 
1 45  ARG n 
1 46  PHE n 
1 47  LYS n 
1 48  HIS n 
1 49  LEU n 
1 50  LYS n 
1 51  THR n 
1 52  GLU n 
1 53  ALA n 
1 54  GLU n 
1 55  MET n 
1 56  LYS n 
1 57  ALA n 
1 58  SER n 
1 59  GLU n 
1 60  ASP n 
1 61  LEU n 
1 62  LYS n 
1 63  LYS n 
1 64  HIS n 
1 65  GLY n 
1 66  VAL n 
1 67  THR n 
1 68  VAL n 
1 69  LEU n 
1 70  THR n 
1 71  ALA n 
1 72  LEU n 
1 73  GLY n 
1 74  ALA n 
1 75  ILE n 
1 76  LEU n 
1 77  LYS n 
1 78  LYS n 
1 79  LYS n 
1 80  GLY n 
1 81  HIS n 
1 82  HIS n 
1 83  GLU n 
1 84  ALA n 
1 85  GLU n 
1 86  LEU n 
1 87  LYS n 
1 88  PRO n 
1 89  LEU n 
1 90  ALA n 
1 91  GLN n 
1 92  SER n 
1 93  GLY n 
1 94  ALA n 
1 95  THR n 
1 96  LYS n 
1 97  HIS n 
1 98  LYS n 
1 99  ILE n 
1 100 PRO n 
1 101 ILE n 
1 102 LYS n 
1 103 TYR n 
1 104 LEU n 
1 105 GLU n 
1 106 PHE n 
1 107 ILE n 
1 108 SER n 
1 109 GLU n 
1 110 ALA n 
1 111 ILE n 
1 112 ILE n 
1 113 HIS n 
1 114 VAL n 
1 115 LEU n 
1 116 HIS n 
1 117 SER n 
1 118 ARG n 
1 119 HIS n 
1 120 PRO n 
1 121 GLY n 
1 122 ASP n 
1 123 PHE n 
1 124 GLY n 
1 125 ALA n 
1 126 ASP n 
1 127 ALA n 
1 128 GLN n 
1 129 GLY n 
1 130 ALA n 
1 131 MET n 
1 132 ASN n 
1 133 LYS n 
1 134 ALA n 
1 135 LEU n 
1 136 GLU n 
1 137 LEU n 
1 138 PHE n 
1 139 ARG n 
1 140 LYS n 
1 141 ASP n 
1 142 ILE n 
1 143 ALA n 
1 144 ALA n 
1 145 LYS n 
1 146 TYR n 
1 147 LYS n 
1 148 GLU n 
1 149 LEU n 
1 150 GLY n 
1 151 TYR n 
1 152 GLN n 
1 153 GLY n 
# 
_entity_src_gen.entity_id                          1 
_entity_src_gen.pdbx_src_id                        1 
_entity_src_gen.pdbx_alt_source_flag               sample 
_entity_src_gen.pdbx_seq_type                      ? 
_entity_src_gen.pdbx_beg_seq_num                   ? 
_entity_src_gen.pdbx_end_seq_num                   ? 
_entity_src_gen.gene_src_common_name               'sperm whale' 
_entity_src_gen.gene_src_genus                     Physeter 
_entity_src_gen.pdbx_gene_src_gene                 ? 
_entity_src_gen.gene_src_species                   ? 
_entity_src_gen.gene_src_strain                    ? 
_entity_src_gen.gene_src_tissue                    ? 
_entity_src_gen.gene_src_tissue_fraction           ? 
_entity_src_gen.gene_src_details                   ? 
_entity_src_gen.pdbx_gene_src_fragment             ? 
_entity_src_gen.pdbx_gene_src_scientific_name      'Physeter catodon' 
_entity_src_gen.pdbx_gene_src_ncbi_taxonomy_id     9755 
_entity_src_gen.pdbx_gene_src_variant              ? 
_entity_src_gen.pdbx_gene_src_cell_line            ? 
_entity_src_gen.pdbx_gene_src_atcc                 ? 
_entity_src_gen.pdbx_gene_src_organ                ? 
_entity_src_gen.pdbx_gene_src_organelle            ? 
_entity_src_gen.pdbx_gene_src_cell                 ? 
_entity_src_gen.pdbx_gene_src_cellular_location    ? 
_entity_src_gen.host_org_common_name               ? 
_entity_src_gen.pdbx_host_org_scientific_name      'Escherichia coli' 
_entity_src_gen.pdbx_host_org_ncbi_taxonomy_id     562 
_entity_src_gen.host_org_genus                     Escherichia 
_entity_src_gen.pdbx_host_org_gene                 ? 
_entity_src_gen.pdbx_host_org_organ                ? 
_entity_src_gen.host_org_species                   ? 
_entity_src_gen.pdbx_host_org_tissue               ? 
_entity_src_gen.pdbx_host_org_tissue_fraction      ? 
_entity_src_gen.pdbx_host_org_strain               ? 
_entity_src_gen.pdbx_host_org_variant              ? 
_entity_src_gen.pdbx_host_org_cell_line            ? 
_entity_src_gen.pdbx_host_org_atcc                 ? 
_entity_src_gen.pdbx_host_org_culture_collection   ? 
_entity_src_gen.pdbx_host_org_cell                 ? 
_entity_src_gen.pdbx_host_org_organelle            ? 
_entity_src_gen.pdbx_host_org_cellular_location    ? 
_entity_src_gen.pdbx_host_org_vector_type          PLASMID 
_entity_src_gen.pdbx_host_org_vector               ? 
_entity_src_gen.host_org_details                   ? 
_entity_src_gen.expression_system_id               ? 
_entity_src_gen.plasmid_name                       P413B 
_entity_src_gen.plasmid_details                    ? 
_entity_src_gen.pdbx_description                   ? 
# 
loop_
_chem_comp.id 
_chem_comp.type 
_chem_comp.mon_nstd_flag 
_chem_comp.name 
_chem_comp.pdbx_synonyms 
_chem_comp.formula 
_chem_comp.formula_weight 
1MZ non-polymer         . 1-METHYLIMIDAZOLE                 ?    'C4 H7 N2 1'       83.112  
ALA 'L-peptide linking' y ALANINE                           ?    'C3 H7 N O2'       89.093  
ARG 'L-peptide linking' y ARGININE                          ?    'C6 H15 N4 O2 1'   175.209 
ASN 'L-peptide linking' y ASPARAGINE                        ?    'C4 H8 N2 O3'      132.118 
ASP 'L-peptide linking' y 'ASPARTIC ACID'                   ?    'C4 H7 N O4'       133.103 
GLN 'L-peptide linking' y GLUTAMINE                         ?    'C5 H10 N2 O3'     146.144 
GLU 'L-peptide linking' y 'GLUTAMIC ACID'                   ?    'C5 H9 N O4'       147.129 
GLY 'peptide linking'   y GLYCINE                           ?    'C2 H5 N O2'       75.067  
HEM non-polymer         . 'PROTOPORPHYRIN IX CONTAINING FE' HEME 'C34 H32 Fe N4 O4' 616.487 
HIS 'L-peptide linking' y HISTIDINE                         ?    'C6 H10 N3 O2 1'   156.162 
HOH non-polymer         . WATER                             ?    'H2 O'             18.015  
ILE 'L-peptide linking' y ISOLEUCINE                        ?    'C6 H13 N O2'      131.173 
LEU 'L-peptide linking' y LEUCINE                           ?    'C6 H13 N O2'      131.173 
LYS 'L-peptide linking' y LYSINE                            ?    'C6 H15 N2 O2 1'   147.195 
MET 'L-peptide linking' y METHIONINE                        ?    'C5 H11 N O2 S'    149.211 
PHE 'L-peptide linking' y PHENYLALANINE                     ?    'C9 H11 N O2'      165.189 
PRO 'L-peptide linking' y PROLINE                           ?    'C5 H9 N O2'       115.130 
SER 'L-peptide linking' y SERINE                            ?    'C3 H7 N O3'       105.093 
THR 'L-peptide linking' y THREONINE                         ?    'C4 H9 N O3'       119.119 
TRP 'L-peptide linking' y TRYPTOPHAN                        ?    'C11 H12 N2 O2'    204.225 
TYR 'L-peptide linking' y TYROSINE                          ?    'C9 H11 N O3'      181.189 
VAL 'L-peptide linking' y VALINE                            ?    'C5 H11 N O2'      117.146 
# 
loop_
_pdbx_poly_seq_scheme.asym_id 
_pdbx_poly_seq_scheme.entity_id 
_pdbx_poly_seq_scheme.seq_id 
_pdbx_poly_seq_scheme.mon_id 
_pdbx_poly_seq_scheme.ndb_seq_num 
_pdbx_poly_seq_scheme.pdb_seq_num 
_pdbx_poly_seq_scheme.auth_seq_num 
_pdbx_poly_seq_scheme.pdb_mon_id 
_pdbx_poly_seq_scheme.auth_mon_id 
_pdbx_poly_seq_scheme.pdb_strand_id 
_pdbx_poly_seq_scheme.pdb_ins_code 
_pdbx_poly_seq_scheme.hetero 
A 1 1   VAL 1   1   1   VAL VAL A . n 
A 1 2   LEU 2   2   2   LEU LEU A . n 
A 1 3   SER 3   3   3   SER SER A . n 
A 1 4   GLU 4   4   4   GLU GLU A . n 
A 1 5   GLY 5   5   5   GLY GLY A . n 
A 1 6   GLU 6   6   6   GLU GLU A . n 
A 1 7   TRP 7   7   7   TRP TRP A . n 
A 1 8   GLN 8   8   8   GLN GLN A . n 
A 1 9   LEU 9   9   9   LEU LEU A . n 
A 1 10  VAL 10  10  10  VAL VAL A . n 
A 1 11  LEU 11  11  11  LEU LEU A . n 
A 1 12  HIS 12  12  12  HIS HIS A . n 
A 1 13  VAL 13  13  13  VAL VAL A . n 
A 1 14  TRP 14  14  14  TRP TRP A . n 
A 1 15  ALA 15  15  15  ALA ALA A . n 
A 1 16  LYS 16  16  16  LYS LYS A . n 
A 1 17  VAL 17  17  17  VAL VAL A . n 
A 1 18  GLU 18  18  18  GLU GLU A . n 
A 1 19  ALA 19  19  19  ALA ALA A . n 
A 1 20  ASP 20  20  20  ASP ASP A . n 
A 1 21  VAL 21  21  21  VAL VAL A . n 
A 1 22  ALA 22  22  22  ALA ALA A . n 
A 1 23  GLY 23  23  23  GLY GLY A . n 
A 1 24  HIS 24  24  24  HIS HIS A . n 
A 1 25  GLY 25  25  25  GLY GLY A . n 
A 1 26  GLN 26  26  26  GLN GLN A . n 
A 1 27  ASP 27  27  27  ASP ASP A . n 
A 1 28  ILE 28  28  28  ILE ILE A . n 
A 1 29  LEU 29  29  29  LEU LEU A . n 
A 1 30  ILE 30  30  30  ILE ILE A . n 
A 1 31  ARG 31  31  31  ARG ARG A . n 
A 1 32  LEU 32  32  32  LEU LEU A . n 
A 1 33  PHE 33  33  33  PHE PHE A . n 
A 1 34  LYS 34  34  34  LYS LYS A . n 
A 1 35  SER 35  35  35  SER SER A . n 
A 1 36  HIS 36  36  36  HIS HIS A . n 
A 1 37  PRO 37  37  37  PRO PRO A . n 
A 1 38  GLU 38  38  38  GLU GLU A . n 
A 1 39  THR 39  39  39  THR THR A . n 
A 1 40  LEU 40  40  40  LEU LEU A . n 
A 1 41  GLU 41  41  41  GLU GLU A . n 
A 1 42  LYS 42  42  42  LYS LYS A . n 
A 1 43  PHE 43  43  43  PHE PHE A . n 
A 1 44  ASP 44  44  44  ASP ASP A . n 
A 1 45  ARG 45  45  45  ARG ARG A . n 
A 1 46  PHE 46  46  46  PHE PHE A . n 
A 1 47  LYS 47  47  47  LYS GLY A . n 
A 1 48  HIS 48  48  48  HIS HIS A . n 
A 1 49  LEU 49  49  49  LEU LEU A . n 
A 1 50  LYS 50  50  50  LYS LYS A . n 
A 1 51  THR 51  51  51  THR THR A . n 
A 1 52  GLU 52  52  52  GLU GLU A . n 
A 1 53  ALA 53  53  53  ALA ALA A . n 
A 1 54  GLU 54  54  54  GLU GLU A . n 
A 1 55  MET 55  55  55  MET MET A . n 
A 1 56  LYS 56  56  56  LYS LYS A . n 
A 1 57  ALA 57  57  57  ALA ALA A . n 
A 1 58  SER 58  58  58  SER SER A . n 
A 1 59  GLU 59  59  59  GLU GLU A . n 
A 1 60  ASP 60  60  60  ASP ASP A . n 
A 1 61  LEU 61  61  61  LEU LEU A . n 
A 1 62  LYS 62  62  62  LYS LYS A . n 
A 1 63  LYS 63  63  63  LYS LYS A . n 
A 1 64  HIS 64  64  64  HIS HIS A . n 
A 1 65  GLY 65  65  65  GLY GLY A . n 
A 1 66  VAL 66  66  66  VAL VAL A . n 
A 1 67  THR 67  67  67  THR THR A . n 
A 1 68  VAL 68  68  68  VAL VAL A . n 
A 1 69  LEU 69  69  69  LEU LEU A . n 
A 1 70  THR 70  70  70  THR THR A . n 
A 1 71  ALA 71  71  71  ALA ALA A . n 
A 1 72  LEU 72  72  72  LEU LEU A . n 
A 1 73  GLY 73  73  73  GLY GLY A . n 
A 1 74  ALA 74  74  74  ALA ALA A . n 
A 1 75  ILE 75  75  75  ILE ILE A . n 
A 1 76  LEU 76  76  76  LEU LEU A . n 
A 1 77  LYS 77  77  77  LYS LYS A . n 
A 1 78  LYS 78  78  78  LYS LYS A . n 
A 1 79  LYS 79  79  79  LYS LYS A . n 
A 1 80  GLY 80  80  80  GLY GLY A . n 
A 1 81  HIS 81  81  81  HIS HIS A . n 
A 1 82  HIS 82  82  82  HIS HIS A . n 
A 1 83  GLU 83  83  83  GLU GLU A . n 
A 1 84  ALA 84  84  84  ALA ALA A . n 
A 1 85  GLU 85  85  85  GLU GLU A . n 
A 1 86  LEU 86  86  86  LEU LEU A . n 
A 1 87  LYS 87  87  87  LYS LYS A . n 
A 1 88  PRO 88  88  88  PRO PRO A . n 
A 1 89  LEU 89  89  89  LEU LEU A . n 
A 1 90  ALA 90  90  90  ALA ALA A . n 
A 1 91  GLN 91  91  91  GLN ALA A . n 
A 1 92  SER 92  92  92  SER SER A . n 
A 1 93  GLY 93  93  93  GLY GLY A . n 
A 1 94  ALA 94  94  94  ALA ALA A . n 
A 1 95  THR 95  95  95  THR THR A . n 
A 1 96  LYS 96  96  96  LYS LYS A . n 
A 1 97  HIS 97  97  97  HIS HIS A . n 
A 1 98  LYS 98  98  98  LYS LYS A . n 
A 1 99  ILE 99  99  99  ILE ILE A . n 
A 1 100 PRO 100 100 100 PRO PRO A . n 
A 1 101 ILE 101 101 101 ILE ILE A . n 
A 1 102 LYS 102 102 102 LYS LYS A . n 
A 1 103 TYR 103 103 103 TYR TYR A . n 
A 1 104 LEU 104 104 104 LEU LEU A . n 
A 1 105 GLU 105 105 105 GLU GLU A . n 
A 1 106 PHE 106 106 106 PHE PHE A . n 
A 1 107 ILE 107 107 107 ILE ILE A . n 
A 1 108 SER 108 108 108 SER SER A . n 
A 1 109 GLU 109 109 109 GLU GLU A . n 
A 1 110 ALA 110 110 110 ALA ALA A . n 
A 1 111 ILE 111 111 111 ILE ILE A . n 
A 1 112 ILE 112 112 112 ILE ILE A . n 
A 1 113 HIS 113 113 113 HIS HIS A . n 
A 1 114 VAL 114 114 114 VAL VAL A . n 
A 1 115 LEU 115 115 115 LEU LEU A . n 
A 1 116 HIS 116 116 116 HIS HIS A . n 
A 1 117 SER 117 117 117 SER SER A . n 
A 1 118 ARG 118 118 118 ARG ARG A . n 
A 1 119 HIS 119 119 119 HIS HIS A . n 
A 1 120 PRO 120 120 120 PRO PRO A . n 
A 1 121 GLY 121 121 121 GLY GLY A . n 
A 1 122 ASP 122 122 122 ASP ASP A . n 
A 1 123 PHE 123 123 123 PHE PHE A . n 
A 1 124 GLY 124 124 124 GLY GLY A . n 
A 1 125 ALA 125 125 125 ALA ALA A . n 
A 1 126 ASP 126 126 126 ASP ASP A . n 
A 1 127 ALA 127 127 127 ALA ALA A . n 
A 1 128 GLN 128 128 128 GLN GLN A . n 
A 1 129 GLY 129 129 129 GLY GLY A . n 
A 1 130 ALA 130 130 130 ALA ALA A . n 
A 1 131 MET 131 131 131 MET MET A . n 
A 1 132 ASN 132 132 132 ASN ASN A . n 
A 1 133 LYS 133 133 133 LYS LYS A . n 
A 1 134 ALA 134 134 134 ALA ALA A . n 
A 1 135 LEU 135 135 135 LEU LEU A . n 
A 1 136 GLU 136 136 136 GLU GLU A . n 
A 1 137 LEU 137 137 137 LEU LEU A . n 
A 1 138 PHE 138 138 138 PHE PHE A . n 
A 1 139 ARG 139 139 139 ARG ARG A . n 
A 1 140 LYS 140 140 140 LYS LYS A . n 
A 1 141 ASP 141 141 141 ASP ASP A . n 
A 1 142 ILE 142 142 142 ILE ILE A . n 
A 1 143 ALA 143 143 143 ALA ALA A . n 
A 1 144 ALA 144 144 144 ALA ALA A . n 
A 1 145 LYS 145 145 145 LYS LYS A . n 
A 1 146 TYR 146 146 146 TYR TYR A . n 
A 1 147 LYS 147 147 147 LYS LYS A . n 
A 1 148 GLU 148 148 148 GLU GLU A . n 
A 1 149 LEU 149 149 149 LEU LEU A . n 
A 1 150 GLY 150 150 150 GLY GLY A . n 
A 1 151 TYR 151 151 151 TYR TYR A . n 
A 1 152 GLN 152 152 152 GLN GLN A . n 
A 1 153 GLY 153 153 ?   ?   ?   A . n 
# 
loop_
_pdbx_nonpoly_scheme.asym_id 
_pdbx_nonpoly_scheme.entity_id 
_pdbx_nonpoly_scheme.mon_id 
_pdbx_nonpoly_scheme.ndb_seq_num 
_pdbx_nonpoly_scheme.pdb_seq_num 
_pdbx_nonpoly_scheme.auth_seq_num 
_pdbx_nonpoly_scheme.pdb_mon_id 
_pdbx_nonpoly_scheme.auth_mon_id 
_pdbx_nonpoly_scheme.pdb_strand_id 
_pdbx_nonpoly_scheme.pdb_ins_code 
B 2 HEM 1  154 0 HEM HEM A . 
C 3 1MZ 1  155 0 1MZ 1IM A . 
D 4 HOH 1  156 0 HOH WAT A . 
D 4 HOH 2  157 0 HOH WAT A . 
D 4 HOH 3  158 0 HOH WAT A . 
D 4 HOH 4  159 0 HOH WAT A . 
D 4 HOH 5  160 0 HOH WAT A . 
D 4 HOH 6  161 0 HOH WAT A . 
D 4 HOH 7  162 0 HOH WAT A . 
D 4 HOH 8  163 0 HOH WAT A . 
D 4 HOH 9  164 0 HOH WAT A . 
D 4 HOH 10 165 0 HOH WAT A . 
D 4 HOH 11 166 0 HOH WAT A . 
D 4 HOH 12 167 0 HOH WAT A . 
D 4 HOH 13 168 0 HOH WAT A . 
D 4 HOH 14 169 0 HOH WAT A . 
D 4 HOH 15 170 0 HOH WAT A . 
D 4 HOH 16 171 0 HOH WAT A . 
D 4 HOH 17 172 0 HOH WAT A . 
D 4 HOH 18 173 0 HOH WAT A . 
D 4 HOH 19 174 0 HOH WAT A . 
D 4 HOH 20 175 0 HOH WAT A . 
D 4 HOH 21 176 0 HOH WAT A . 
D 4 HOH 22 177 0 HOH WAT A . 
D 4 HOH 23 178 0 HOH WAT A . 
D 4 HOH 24 179 0 HOH WAT A . 
# 
loop_
_pdbx_unobs_or_zero_occ_atoms.id 
_pdbx_unobs_or_zero_occ_atoms.PDB_model_num 
_pdbx_unobs_or_zero_occ_atoms.polymer_flag 
_pdbx_unobs_or_zero_occ_atoms.occupancy_flag 
_pdbx_unobs_or_zero_occ_atoms.auth_asym_id 
_pdbx_unobs_or_zero_occ_atoms.auth_comp_id 
_pdbx_unobs_or_zero_occ_atoms.auth_seq_id 
_pdbx_unobs_or_zero_occ_atoms.PDB_ins_code 
_pdbx_unobs_or_zero_occ_atoms.auth_atom_id 
_pdbx_unobs_or_zero_occ_atoms.label_alt_id 
_pdbx_unobs_or_zero_occ_atoms.label_asym_id 
_pdbx_unobs_or_zero_occ_atoms.label_comp_id 
_pdbx_unobs_or_zero_occ_atoms.label_seq_id 
_pdbx_unobs_or_zero_occ_atoms.label_atom_id 
1  1 Y 1 A LYS 34  ? CD  ? A LYS 34  CD  
2  1 Y 1 A LYS 34  ? CE  ? A LYS 34  CE  
3  1 Y 1 A LYS 34  ? NZ  ? A LYS 34  NZ  
4  1 Y 1 A ARG 45  ? CB  ? A ARG 45  CB  
5  1 Y 1 A ARG 45  ? CG  ? A ARG 45  CG  
6  1 Y 1 A ARG 45  ? CD  ? A ARG 45  CD  
7  1 Y 1 A ARG 45  ? NE  ? A ARG 45  NE  
8  1 Y 1 A ARG 45  ? CZ  ? A ARG 45  CZ  
9  1 Y 1 A ARG 45  ? NH1 ? A ARG 45  NH1 
10 1 Y 1 A ARG 45  ? NH2 ? A ARG 45  NH2 
11 1 Y 1 A LYS 47  ? CB  ? A LYS 47  CB  
12 1 Y 1 A LYS 47  ? CG  ? A LYS 47  CG  
13 1 Y 1 A LYS 47  ? CD  ? A LYS 47  CD  
14 1 Y 1 A LYS 47  ? CE  ? A LYS 47  CE  
15 1 Y 1 A LYS 47  ? NZ  ? A LYS 47  NZ  
16 1 Y 1 A LYS 62  ? CE  ? A LYS 62  CE  
17 1 Y 1 A LYS 62  ? NZ  ? A LYS 62  NZ  
18 1 Y 1 A GLN 91  ? CG  ? A GLN 91  CG  
19 1 Y 1 A GLN 91  ? CD  ? A GLN 91  CD  
20 1 Y 1 A GLN 91  ? OE1 ? A GLN 91  OE1 
21 1 Y 1 A GLN 91  ? NE2 ? A GLN 91  NE2 
22 1 Y 1 A LYS 140 ? CD  ? A LYS 140 CD  
23 1 Y 1 A LYS 140 ? CE  ? A LYS 140 CE  
24 1 Y 1 A LYS 140 ? NZ  ? A LYS 140 NZ  
25 1 Y 1 A LYS 145 ? CE  ? A LYS 145 CE  
26 1 Y 1 A LYS 145 ? NZ  ? A LYS 145 NZ  
27 1 Y 1 A LYS 147 ? CE  ? A LYS 147 CE  
28 1 Y 1 A LYS 147 ? NZ  ? A LYS 147 NZ  
# 
loop_
_software.name 
_software.classification 
_software.version 
_software.citation_id 
_software.pdbx_ordinal 
TNT  refinement       . ? 1 
SDMS 'data reduction' . ? 2 
SDMS 'data scaling'   . ? 3 
TNT  phasing          . ? 4 
# 
_cell.entry_id           1DUO 
_cell.length_a           40.161 
_cell.length_b           49.033 
_cell.length_c           79.240 
_cell.angle_alpha        90.00 
_cell.angle_beta         90.00 
_cell.angle_gamma        90.00 
_cell.Z_PDB              4 
_cell.pdbx_unique_axis   ? 
# 
_symmetry.entry_id                         1DUO 
_symmetry.space_group_name_H-M             'P 21 21 21' 
_symmetry.pdbx_full_space_group_name_H-M   ? 
_symmetry.cell_setting                     ? 
_symmetry.Int_Tables_number                19 
# 
_exptl.entry_id          1DUO 
_exptl.method            'X-RAY DIFFRACTION' 
_exptl.crystals_number   1 
# 
_exptl_crystal.id                    1 
_exptl_crystal.density_meas          ? 
_exptl_crystal.density_Matthews      2.27 
_exptl_crystal.density_percent_sol   45.90 
_exptl_crystal.description           ? 
# 
_exptl_crystal_grow.crystal_id      1 
_exptl_crystal_grow.method          'VAPOR DIFFUSION, HANGING DROP' 
_exptl_crystal_grow.temp            ? 
_exptl_crystal_grow.temp_details    'Room temperature' 
_exptl_crystal_grow.pH              6.5 
_exptl_crystal_grow.pdbx_details    
'35 % PEG 8000, 0.3 M NaOAc, 0.1 M PIPES, and 0.1 % dioxane, pH 6.5, VAPOR DIFFUSION, HANGING DROP' 
_exptl_crystal_grow.pdbx_pH_range   ? 
# 
_diffrn.id                     1 
_diffrn.ambient_temp           298.0 
_diffrn.ambient_temp_details   ? 
_diffrn.crystal_id             1 
# 
_diffrn_detector.diffrn_id              1 
_diffrn_detector.detector               'AREA DETECTOR' 
_diffrn_detector.type                   SDMS 
_diffrn_detector.pdbx_collection_date   1994-11-29 
_diffrn_detector.details                ? 
# 
_diffrn_radiation.diffrn_id                        1 
_diffrn_radiation.wavelength_id                    1 
_diffrn_radiation.pdbx_monochromatic_or_laue_m_l   M 
_diffrn_radiation.monochromator                    ? 
_diffrn_radiation.pdbx_diffrn_protocol             'SINGLE WAVELENGTH' 
_diffrn_radiation.pdbx_scattering_type             x-ray 
# 
_diffrn_radiation_wavelength.id           1 
_diffrn_radiation_wavelength.wavelength   1.54 
_diffrn_radiation_wavelength.wt           1.0 
# 
_diffrn_source.diffrn_id                   1 
_diffrn_source.source                      'ROTATING ANODE' 
_diffrn_source.type                        'RIGAKU RU200' 
_diffrn_source.pdbx_synchrotron_site       ? 
_diffrn_source.pdbx_synchrotron_beamline   ? 
_diffrn_source.pdbx_wavelength             1.54 
_diffrn_source.pdbx_wavelength_list        ? 
# 
_reflns.entry_id                     1DUO 
_reflns.observed_criterion_sigma_I   ? 
_reflns.observed_criterion_sigma_F   ? 
_reflns.d_resolution_low             20.0 
_reflns.d_resolution_high            2.0 
_reflns.number_obs                   9290 
_reflns.number_all                   9290 
_reflns.percent_possible_obs         76 
_reflns.pdbx_Rmerge_I_obs            0.0560000 
_reflns.pdbx_Rsym_value              ? 
_reflns.pdbx_netI_over_sigmaI        9.70 
_reflns.B_iso_Wilson_estimate        17.3 
_reflns.pdbx_redundancy              2.19 
_reflns.R_free_details               ? 
_reflns.limit_h_max                  ? 
_reflns.limit_h_min                  ? 
_reflns.limit_k_max                  ? 
_reflns.limit_k_min                  ? 
_reflns.limit_l_max                  ? 
_reflns.limit_l_min                  ? 
_reflns.observed_criterion_F_max     ? 
_reflns.observed_criterion_F_min     ? 
_reflns.pdbx_diffrn_id               1 
_reflns.pdbx_ordinal                 1 
# 
_reflns_shell.d_res_high             2.0 
_reflns_shell.d_res_low              2.15 
_reflns_shell.percent_possible_all   71.1 
_reflns_shell.Rmerge_I_obs           0.1820000 
_reflns_shell.pdbx_Rsym_value        ? 
_reflns_shell.meanI_over_sigI_obs    ? 
_reflns_shell.pdbx_redundancy        1.36 
_reflns_shell.percent_possible_obs   ? 
_reflns_shell.number_unique_all      1522 
_reflns_shell.pdbx_diffrn_id         ? 
_reflns_shell.pdbx_ordinal           1 
# 
_refine.entry_id                                 1DUO 
_refine.ls_number_reflns_obs                     9290 
_refine.ls_number_reflns_all                     9290 
_refine.pdbx_ls_sigma_I                          ? 
_refine.pdbx_ls_sigma_F                          ? 
_refine.pdbx_data_cutoff_high_absF               ? 
_refine.pdbx_data_cutoff_low_absF                ? 
_refine.ls_d_res_low                             20.0 
_refine.ls_d_res_high                            2.00 
_refine.ls_percent_reflns_obs                    76 
_refine.ls_R_factor_obs                          ? 
_refine.ls_R_factor_all                          ? 
_refine.ls_R_factor_R_work                       0.1810000 
_refine.ls_R_factor_R_free                       ? 
_refine.ls_R_factor_R_free_error                 ? 
_refine.ls_R_factor_R_free_error_details         ? 
_refine.ls_percent_reflns_R_free                 ? 
_refine.ls_number_reflns_R_free                  ? 
_refine.ls_number_parameters                     ? 
_refine.ls_number_restraints                     ? 
_refine.occupancy_min                            ? 
_refine.occupancy_max                            ? 
_refine.B_iso_mean                               ? 
_refine.aniso_B[1][1]                            ? 
_refine.aniso_B[2][2]                            ? 
_refine.aniso_B[3][3]                            ? 
_refine.aniso_B[1][2]                            ? 
_refine.aniso_B[1][3]                            ? 
_refine.aniso_B[2][3]                            ? 
_refine.solvent_model_details                    ? 
_refine.solvent_model_param_ksol                 ? 
_refine.solvent_model_param_bsol                 ? 
_refine.pdbx_ls_cross_valid_method               ? 
_refine.details                                  ? 
_refine.pdbx_starting_model                      ? 
_refine.pdbx_method_to_determine_struct          ? 
_refine.pdbx_isotropic_thermal_model             ? 
_refine.pdbx_stereochemistry_target_values       
'Bond length 0.02 angstroms; Bond angles 3 degrees; Trig planes 0.02, General planes 0.02; B-correlation 6.0 angstroms squared.' 
_refine.pdbx_stereochem_target_val_spec_case     ? 
_refine.pdbx_R_Free_selection_details            ? 
_refine.pdbx_overall_ESU_R_Free                  ? 
_refine.overall_SU_B                             ? 
_refine.ls_redundancy_reflns_obs                 ? 
_refine.B_iso_min                                ? 
_refine.B_iso_max                                ? 
_refine.overall_SU_ML                            ? 
_refine.pdbx_overall_ESU_R                       ? 
_refine.pdbx_data_cutoff_high_rms_absF           ? 
_refine.correlation_coeff_Fo_to_Fc               ? 
_refine.correlation_coeff_Fo_to_Fc_free          ? 
_refine.overall_SU_R_Cruickshank_DPI             ? 
_refine.overall_SU_R_free                        ? 
_refine.pdbx_refine_id                           'X-RAY DIFFRACTION' 
_refine.pdbx_diffrn_id                           1 
_refine.pdbx_TLS_residual_ADP_flag               ? 
_refine.pdbx_solvent_vdw_probe_radii             ? 
_refine.pdbx_solvent_ion_probe_radii             ? 
_refine.pdbx_solvent_shrinkage_radii             ? 
_refine.pdbx_overall_phase_error                 ? 
_refine.pdbx_overall_SU_R_free_Cruickshank_DPI   ? 
_refine.pdbx_overall_SU_R_Blow_DPI               ? 
_refine.pdbx_overall_SU_R_free_Blow_DPI          ? 
# 
_refine_hist.pdbx_refine_id                   'X-RAY DIFFRACTION' 
_refine_hist.cycle_id                         LAST 
_refine_hist.pdbx_number_atoms_protein        1178 
_refine_hist.pdbx_number_atoms_nucleic_acid   0 
_refine_hist.pdbx_number_atoms_ligand         49 
_refine_hist.number_atoms_solvent             24 
_refine_hist.number_atoms_total               1251 
_refine_hist.d_res_high                       2.00 
_refine_hist.d_res_low                        20.0 
# 
loop_
_refine_ls_restr.type 
_refine_ls_restr.dev_ideal 
_refine_ls_restr.dev_ideal_target 
_refine_ls_restr.weight 
_refine_ls_restr.number 
_refine_ls_restr.pdbx_refine_id 
_refine_ls_restr.pdbx_restraint_function 
t_bond_d    0.02 ? ? ? 'X-RAY DIFFRACTION' ? 
t_angle_deg 3.0  ? ? ? 'X-RAY DIFFRACTION' ? 
# 
_pdbx_refine.entry_id                                    1DUO 
_pdbx_refine.R_factor_all_no_cutoff                      ? 
_pdbx_refine.R_factor_obs_no_cutoff                      0.1810000 
_pdbx_refine.free_R_factor_no_cutoff                     ? 
_pdbx_refine.free_R_val_test_set_size_perc_no_cutoff     ? 
_pdbx_refine.free_R_val_test_set_ct_no_cutoff            ? 
_pdbx_refine.R_factor_all_4sig_cutoff                    ? 
_pdbx_refine.R_factor_obs_4sig_cutoff                    ? 
_pdbx_refine.free_R_factor_4sig_cutoff                   ? 
_pdbx_refine.free_R_val_test_set_size_perc_4sig_cutoff   ? 
_pdbx_refine.free_R_val_test_set_ct_4sig_cutoff          ? 
_pdbx_refine.number_reflns_obs_4sig_cutoff               ? 
_pdbx_refine.number_reflns_obs_no_cutoff                 ? 
_pdbx_refine.pdbx_refine_id                              'X-RAY DIFFRACTION' 
_pdbx_refine.free_R_error_no_cutoff                      ? 
# 
_struct.entry_id                  1DUO 
_struct.title                     
'SPERM WHALE METAQUOMYOGLOBIN PROXIMAL HISTIDINE MUTANT H93G WITH 1-METHYLIMIDAZOLE AS PROXIMAL LIGAND.' 
_struct.pdbx_model_details        ? 
_struct.pdbx_CASP_flag            ? 
_struct.pdbx_model_type_details   ? 
# 
_struct_keywords.entry_id        1DUO 
_struct_keywords.pdbx_keywords   OXIDOREDUCTASE 
_struct_keywords.text            'Myoglobin, ligand substitution, heme protein, OXIDOREDUCTASE' 
# 
loop_
_struct_asym.id 
_struct_asym.pdbx_blank_PDB_chainid_flag 
_struct_asym.pdbx_modified 
_struct_asym.entity_id 
_struct_asym.details 
A N N 1 ? 
B N N 2 ? 
C N N 3 ? 
D N N 4 ? 
# 
_struct_ref.id                         1 
_struct_ref.db_name                    UNP 
_struct_ref.db_code                    MYG_PHYCA 
_struct_ref.entity_id                  1 
_struct_ref.pdbx_db_accession          P02185 
_struct_ref.pdbx_align_begin           ? 
_struct_ref.pdbx_seq_one_letter_code   ? 
_struct_ref.pdbx_db_isoform            ? 
# 
_struct_ref_seq.align_id                      1 
_struct_ref_seq.ref_id                        1 
_struct_ref_seq.pdbx_PDB_id_code              1DUO 
_struct_ref_seq.pdbx_strand_id                A 
_struct_ref_seq.seq_align_beg                 1 
_struct_ref_seq.pdbx_seq_align_beg_ins_code   ? 
_struct_ref_seq.seq_align_end                 153 
_struct_ref_seq.pdbx_seq_align_end_ins_code   ? 
_struct_ref_seq.pdbx_db_accession             P02185 
_struct_ref_seq.db_align_beg                  1 
_struct_ref_seq.pdbx_db_align_beg_ins_code    ? 
_struct_ref_seq.db_align_end                  153 
_struct_ref_seq.pdbx_db_align_end_ins_code    ? 
_struct_ref_seq.pdbx_auth_seq_align_beg       1 
_struct_ref_seq.pdbx_auth_seq_align_end       153 
# 
_struct_ref_seq_dif.align_id                     1 
_struct_ref_seq_dif.pdbx_pdb_id_code             1DUO 
_struct_ref_seq_dif.mon_id                       GLY 
_struct_ref_seq_dif.pdbx_pdb_strand_id           A 
_struct_ref_seq_dif.seq_num                      93 
_struct_ref_seq_dif.pdbx_pdb_ins_code            ? 
_struct_ref_seq_dif.pdbx_seq_db_name             UNP 
_struct_ref_seq_dif.pdbx_seq_db_accession_code   P02185 
_struct_ref_seq_dif.db_mon_id                    HIS 
_struct_ref_seq_dif.pdbx_seq_db_seq_num          93 
_struct_ref_seq_dif.details                      'engineered mutation' 
_struct_ref_seq_dif.pdbx_auth_seq_num            93 
_struct_ref_seq_dif.pdbx_ordinal                 1 
# 
_pdbx_struct_assembly.id                   1 
_pdbx_struct_assembly.details              author_defined_assembly 
_pdbx_struct_assembly.method_details       ? 
_pdbx_struct_assembly.oligomeric_details   monomeric 
_pdbx_struct_assembly.oligomeric_count     1 
# 
_pdbx_struct_assembly_gen.assembly_id       1 
_pdbx_struct_assembly_gen.oper_expression   1 
_pdbx_struct_assembly_gen.asym_id_list      A,B,C,D 
# 
_pdbx_struct_oper_list.id                   1 
_pdbx_struct_oper_list.type                 'identity operation' 
_pdbx_struct_oper_list.name                 1_555 
_pdbx_struct_oper_list.symmetry_operation   x,y,z 
_pdbx_struct_oper_list.matrix[1][1]         1.0000000000 
_pdbx_struct_oper_list.matrix[1][2]         0.0000000000 
_pdbx_struct_oper_list.matrix[1][3]         0.0000000000 
_pdbx_struct_oper_list.vector[1]            0.0000000000 
_pdbx_struct_oper_list.matrix[2][1]         0.0000000000 
_pdbx_struct_oper_list.matrix[2][2]         1.0000000000 
_pdbx_struct_oper_list.matrix[2][3]         0.0000000000 
_pdbx_struct_oper_list.vector[2]            0.0000000000 
_pdbx_struct_oper_list.matrix[3][1]         0.0000000000 
_pdbx_struct_oper_list.matrix[3][2]         0.0000000000 
_pdbx_struct_oper_list.matrix[3][3]         1.0000000000 
_pdbx_struct_oper_list.vector[3]            0.0000000000 
# 
loop_
_struct_conf.conf_type_id 
_struct_conf.id 
_struct_conf.pdbx_PDB_helix_id 
_struct_conf.beg_label_comp_id 
_struct_conf.beg_label_asym_id 
_struct_conf.beg_label_seq_id 
_struct_conf.pdbx_beg_PDB_ins_code 
_struct_conf.end_label_comp_id 
_struct_conf.end_label_asym_id 
_struct_conf.end_label_seq_id 
_struct_conf.pdbx_end_PDB_ins_code 
_struct_conf.beg_auth_comp_id 
_struct_conf.beg_auth_asym_id 
_struct_conf.beg_auth_seq_id 
_struct_conf.end_auth_comp_id 
_struct_conf.end_auth_asym_id 
_struct_conf.end_auth_seq_id 
_struct_conf.pdbx_PDB_helix_class 
_struct_conf.details 
_struct_conf.pdbx_PDB_helix_length 
HELX_P HELX_P1 1 SER A 3   ? ALA A 19  ? SER A 3   ALA A 19  1 ? 17 
HELX_P HELX_P2 2 ASP A 20  ? HIS A 36  ? ASP A 20  HIS A 36  1 ? 17 
HELX_P HELX_P3 3 HIS A 36  ? GLU A 41  ? HIS A 36  GLU A 41  1 ? 6  
HELX_P HELX_P4 4 THR A 51  ? SER A 58  ? THR A 51  SER A 58  1 ? 8  
HELX_P HELX_P5 5 SER A 58  ? LYS A 77  ? SER A 58  LYS A 77  1 ? 20 
HELX_P HELX_P6 6 HIS A 82  ? LYS A 96  ? HIS A 82  LYS A 96  1 ? 15 
HELX_P HELX_P7 7 PRO A 100 ? HIS A 119 ? PRO A 100 HIS A 119 1 ? 20 
HELX_P HELX_P8 8 PRO A 120 ? PHE A 123 ? PRO A 120 PHE A 123 5 ? 4  
HELX_P HELX_P9 9 GLY A 124 ? LEU A 149 ? GLY A 124 LEU A 149 1 ? 26 
# 
_struct_conf_type.id          HELX_P 
_struct_conf_type.criteria    ? 
_struct_conf_type.reference   ? 
# 
loop_
_struct_conn.id 
_struct_conn.conn_type_id 
_struct_conn.pdbx_leaving_atom_flag 
_struct_conn.pdbx_PDB_id 
_struct_conn.ptnr1_label_asym_id 
_struct_conn.ptnr1_label_comp_id 
_struct_conn.ptnr1_label_seq_id 
_struct_conn.ptnr1_label_atom_id 
_struct_conn.pdbx_ptnr1_label_alt_id 
_struct_conn.pdbx_ptnr1_PDB_ins_code 
_struct_conn.pdbx_ptnr1_standard_comp_id 
_struct_conn.ptnr1_symmetry 
_struct_conn.ptnr2_label_asym_id 
_struct_conn.ptnr2_label_comp_id 
_struct_conn.ptnr2_label_seq_id 
_struct_conn.ptnr2_label_atom_id 
_struct_conn.pdbx_ptnr2_label_alt_id 
_struct_conn.pdbx_ptnr2_PDB_ins_code 
_struct_conn.ptnr1_auth_asym_id 
_struct_conn.ptnr1_auth_comp_id 
_struct_conn.ptnr1_auth_seq_id 
_struct_conn.ptnr2_auth_asym_id 
_struct_conn.ptnr2_auth_comp_id 
_struct_conn.ptnr2_auth_seq_id 
_struct_conn.ptnr2_symmetry 
_struct_conn.pdbx_ptnr3_label_atom_id 
_struct_conn.pdbx_ptnr3_label_seq_id 
_struct_conn.pdbx_ptnr3_label_comp_id 
_struct_conn.pdbx_ptnr3_label_asym_id 
_struct_conn.pdbx_ptnr3_label_alt_id 
_struct_conn.pdbx_ptnr3_PDB_ins_code 
_struct_conn.details 
_struct_conn.pdbx_dist_value 
_struct_conn.pdbx_value_order 
_struct_conn.pdbx_role 
metalc1 metalc ? ? B HEM . FE ? ? ? 1_555 C 1MZ . N3 ? ? A HEM 154 A 1MZ 155 1_555 ? ? ? ? ? ? ? 2.136 ? ? 
metalc2 metalc ? ? B HEM . FE ? ? ? 1_555 D HOH . O  ? ? A HEM 154 A HOH 156 1_555 ? ? ? ? ? ? ? 2.220 ? ? 
# 
_struct_conn_type.id          metalc 
_struct_conn_type.criteria    ? 
_struct_conn_type.reference   ? 
# 
loop_
_pdbx_struct_conn_angle.id 
_pdbx_struct_conn_angle.ptnr1_label_atom_id 
_pdbx_struct_conn_angle.ptnr1_label_alt_id 
_pdbx_struct_conn_angle.ptnr1_label_asym_id 
_pdbx_struct_conn_angle.ptnr1_label_comp_id 
_pdbx_struct_conn_angle.ptnr1_label_seq_id 
_pdbx_struct_conn_angle.ptnr1_auth_atom_id 
_pdbx_struct_conn_angle.ptnr1_auth_asym_id 
_pdbx_struct_conn_angle.ptnr1_auth_comp_id 
_pdbx_struct_conn_angle.ptnr1_auth_seq_id 
_pdbx_struct_conn_angle.ptnr1_PDB_ins_code 
_pdbx_struct_conn_angle.ptnr1_symmetry 
_pdbx_struct_conn_angle.ptnr2_label_atom_id 
_pdbx_struct_conn_angle.ptnr2_label_alt_id 
_pdbx_struct_conn_angle.ptnr2_label_asym_id 
_pdbx_struct_conn_angle.ptnr2_label_comp_id 
_pdbx_struct_conn_angle.ptnr2_label_seq_id 
_pdbx_struct_conn_angle.ptnr2_auth_atom_id 
_pdbx_struct_conn_angle.ptnr2_auth_asym_id 
_pdbx_struct_conn_angle.ptnr2_auth_comp_id 
_pdbx_struct_conn_angle.ptnr2_auth_seq_id 
_pdbx_struct_conn_angle.ptnr2_PDB_ins_code 
_pdbx_struct_conn_angle.ptnr2_symmetry 
_pdbx_struct_conn_angle.ptnr3_label_atom_id 
_pdbx_struct_conn_angle.ptnr3_label_alt_id 
_pdbx_struct_conn_angle.ptnr3_label_asym_id 
_pdbx_struct_conn_angle.ptnr3_label_comp_id 
_pdbx_struct_conn_angle.ptnr3_label_seq_id 
_pdbx_struct_conn_angle.ptnr3_auth_atom_id 
_pdbx_struct_conn_angle.ptnr3_auth_asym_id 
_pdbx_struct_conn_angle.ptnr3_auth_comp_id 
_pdbx_struct_conn_angle.ptnr3_auth_seq_id 
_pdbx_struct_conn_angle.ptnr3_PDB_ins_code 
_pdbx_struct_conn_angle.ptnr3_symmetry 
_pdbx_struct_conn_angle.value 
_pdbx_struct_conn_angle.value_esd 
1  N3 ? C 1MZ . ? A 1MZ 155 ? 1_555 FE ? B HEM . ? A HEM 154 ? 1_555 NA ? B HEM . ? A HEM 154 ? 1_555 77.6  ? 
2  N3 ? C 1MZ . ? A 1MZ 155 ? 1_555 FE ? B HEM . ? A HEM 154 ? 1_555 NB ? B HEM . ? A HEM 154 ? 1_555 92.8  ? 
3  NA ? B HEM . ? A HEM 154 ? 1_555 FE ? B HEM . ? A HEM 154 ? 1_555 NB ? B HEM . ? A HEM 154 ? 1_555 86.0  ? 
4  N3 ? C 1MZ . ? A 1MZ 155 ? 1_555 FE ? B HEM . ? A HEM 154 ? 1_555 NC ? B HEM . ? A HEM 154 ? 1_555 102.2 ? 
5  NA ? B HEM . ? A HEM 154 ? 1_555 FE ? B HEM . ? A HEM 154 ? 1_555 NC ? B HEM . ? A HEM 154 ? 1_555 176.2 ? 
6  NB ? B HEM . ? A HEM 154 ? 1_555 FE ? B HEM . ? A HEM 154 ? 1_555 NC ? B HEM . ? A HEM 154 ? 1_555 90.2  ? 
7  N3 ? C 1MZ . ? A 1MZ 155 ? 1_555 FE ? B HEM . ? A HEM 154 ? 1_555 ND ? B HEM . ? A HEM 154 ? 1_555 83.4  ? 
8  NA ? B HEM . ? A HEM 154 ? 1_555 FE ? B HEM . ? A HEM 154 ? 1_555 ND ? B HEM . ? A HEM 154 ? 1_555 92.6  ? 
9  NB ? B HEM . ? A HEM 154 ? 1_555 FE ? B HEM . ? A HEM 154 ? 1_555 ND ? B HEM . ? A HEM 154 ? 1_555 176.2 ? 
10 NC ? B HEM . ? A HEM 154 ? 1_555 FE ? B HEM . ? A HEM 154 ? 1_555 ND ? B HEM . ? A HEM 154 ? 1_555 91.1  ? 
11 N3 ? C 1MZ . ? A 1MZ 155 ? 1_555 FE ? B HEM . ? A HEM 154 ? 1_555 O  ? D HOH . ? A HOH 156 ? 1_555 174.4 ? 
12 NA ? B HEM . ? A HEM 154 ? 1_555 FE ? B HEM . ? A HEM 154 ? 1_555 O  ? D HOH . ? A HOH 156 ? 1_555 100.7 ? 
13 NB ? B HEM . ? A HEM 154 ? 1_555 FE ? B HEM . ? A HEM 154 ? 1_555 O  ? D HOH . ? A HOH 156 ? 1_555 92.4  ? 
14 NC ? B HEM . ? A HEM 154 ? 1_555 FE ? B HEM . ? A HEM 154 ? 1_555 O  ? D HOH . ? A HOH 156 ? 1_555 79.9  ? 
15 ND ? B HEM . ? A HEM 154 ? 1_555 FE ? B HEM . ? A HEM 154 ? 1_555 O  ? D HOH . ? A HOH 156 ? 1_555 91.4  ? 
# 
loop_
_struct_site.id 
_struct_site.pdbx_evidence_code 
_struct_site.pdbx_auth_asym_id 
_struct_site.pdbx_auth_comp_id 
_struct_site.pdbx_auth_seq_id 
_struct_site.pdbx_auth_ins_code 
_struct_site.pdbx_num_residues 
_struct_site.details 
AC1 Software A HEM 154 ? 9 'BINDING SITE FOR RESIDUE HEM A 154' 
AC2 Software A 1MZ 155 ? 5 'BINDING SITE FOR RESIDUE 1MZ A 155' 
# 
loop_
_struct_site_gen.id 
_struct_site_gen.site_id 
_struct_site_gen.pdbx_num_res 
_struct_site_gen.label_comp_id 
_struct_site_gen.label_asym_id 
_struct_site_gen.label_seq_id 
_struct_site_gen.pdbx_auth_ins_code 
_struct_site_gen.auth_comp_id 
_struct_site_gen.auth_asym_id 
_struct_site_gen.auth_seq_id 
_struct_site_gen.label_atom_id 
_struct_site_gen.label_alt_id 
_struct_site_gen.symmetry 
_struct_site_gen.details 
1  AC1 9 LYS A 42  ? LYS A 42  . ? 1_555 ? 
2  AC1 9 PHE A 43  ? PHE A 43  . ? 1_555 ? 
3  AC1 9 SER A 92  ? SER A 92  . ? 1_555 ? 
4  AC1 9 HIS A 97  ? HIS A 97  . ? 1_555 ? 
5  AC1 9 ILE A 99  ? ILE A 99  . ? 1_555 ? 
6  AC1 9 TYR A 103 ? TYR A 103 . ? 1_555 ? 
7  AC1 9 ILE A 107 ? ILE A 107 . ? 1_555 ? 
8  AC1 9 1MZ C .   ? 1MZ A 155 . ? 1_555 ? 
9  AC1 9 HOH D .   ? HOH A 156 . ? 1_555 ? 
10 AC2 5 LEU A 89  ? LEU A 89  . ? 1_555 ? 
11 AC2 5 SER A 92  ? SER A 92  . ? 1_555 ? 
12 AC2 5 HIS A 97  ? HIS A 97  . ? 1_555 ? 
13 AC2 5 TYR A 146 ? TYR A 146 . ? 1_555 ? 
14 AC2 5 HEM B .   ? HEM A 154 . ? 1_555 ? 
# 
loop_
_pdbx_validate_rmsd_bond.id 
_pdbx_validate_rmsd_bond.PDB_model_num 
_pdbx_validate_rmsd_bond.auth_atom_id_1 
_pdbx_validate_rmsd_bond.auth_asym_id_1 
_pdbx_validate_rmsd_bond.auth_comp_id_1 
_pdbx_validate_rmsd_bond.auth_seq_id_1 
_pdbx_validate_rmsd_bond.PDB_ins_code_1 
_pdbx_validate_rmsd_bond.label_alt_id_1 
_pdbx_validate_rmsd_bond.auth_atom_id_2 
_pdbx_validate_rmsd_bond.auth_asym_id_2 
_pdbx_validate_rmsd_bond.auth_comp_id_2 
_pdbx_validate_rmsd_bond.auth_seq_id_2 
_pdbx_validate_rmsd_bond.PDB_ins_code_2 
_pdbx_validate_rmsd_bond.label_alt_id_2 
_pdbx_validate_rmsd_bond.bond_value 
_pdbx_validate_rmsd_bond.bond_target_value 
_pdbx_validate_rmsd_bond.bond_deviation 
_pdbx_validate_rmsd_bond.bond_standard_deviation 
_pdbx_validate_rmsd_bond.linker_flag 
1 1 CD A GLU 4   ? ? OE2 A GLU 4   ? ? 1.330 1.252 0.078 0.011 N 
2 1 CD A GLU 6   ? ? OE2 A GLU 6   ? ? 1.322 1.252 0.070 0.011 N 
3 1 CD A GLU 18  ? ? OE2 A GLU 18  ? ? 1.331 1.252 0.079 0.011 N 
4 1 CD A GLU 38  ? ? OE2 A GLU 38  ? ? 1.330 1.252 0.078 0.011 N 
5 1 CD A GLU 41  ? ? OE2 A GLU 41  ? ? 1.320 1.252 0.068 0.011 N 
6 1 CD A GLU 54  ? ? OE2 A GLU 54  ? ? 1.327 1.252 0.075 0.011 N 
7 1 CD A GLU 83  ? ? OE2 A GLU 83  ? ? 1.326 1.252 0.074 0.011 N 
8 1 CD A GLU 109 ? ? OE2 A GLU 109 ? ? 1.334 1.252 0.082 0.011 N 
9 1 CD A GLU 136 ? ? OE2 A GLU 136 ? ? 1.319 1.252 0.067 0.011 N 
# 
loop_
_pdbx_validate_rmsd_angle.id 
_pdbx_validate_rmsd_angle.PDB_model_num 
_pdbx_validate_rmsd_angle.auth_atom_id_1 
_pdbx_validate_rmsd_angle.auth_asym_id_1 
_pdbx_validate_rmsd_angle.auth_comp_id_1 
_pdbx_validate_rmsd_angle.auth_seq_id_1 
_pdbx_validate_rmsd_angle.PDB_ins_code_1 
_pdbx_validate_rmsd_angle.label_alt_id_1 
_pdbx_validate_rmsd_angle.auth_atom_id_2 
_pdbx_validate_rmsd_angle.auth_asym_id_2 
_pdbx_validate_rmsd_angle.auth_comp_id_2 
_pdbx_validate_rmsd_angle.auth_seq_id_2 
_pdbx_validate_rmsd_angle.PDB_ins_code_2 
_pdbx_validate_rmsd_angle.label_alt_id_2 
_pdbx_validate_rmsd_angle.auth_atom_id_3 
_pdbx_validate_rmsd_angle.auth_asym_id_3 
_pdbx_validate_rmsd_angle.auth_comp_id_3 
_pdbx_validate_rmsd_angle.auth_seq_id_3 
_pdbx_validate_rmsd_angle.PDB_ins_code_3 
_pdbx_validate_rmsd_angle.label_alt_id_3 
_pdbx_validate_rmsd_angle.angle_value 
_pdbx_validate_rmsd_angle.angle_target_value 
_pdbx_validate_rmsd_angle.angle_deviation 
_pdbx_validate_rmsd_angle.angle_standard_deviation 
_pdbx_validate_rmsd_angle.linker_flag 
1 1 CB A ASP 20  ? ? CG A ASP 20  ? ? OD1 A ASP 20  ? ? 126.09 118.30 7.79   0.90 N 
2 1 CB A ASP 20  ? ? CG A ASP 20  ? ? OD2 A ASP 20  ? ? 111.13 118.30 -7.17  0.90 N 
3 1 CB A ASP 44  ? ? CG A ASP 44  ? ? OD1 A ASP 44  ? ? 124.50 118.30 6.20   0.90 N 
4 1 CB A ASP 44  ? ? CG A ASP 44  ? ? OD2 A ASP 44  ? ? 111.37 118.30 -6.93  0.90 N 
5 1 CD A ARG 118 ? ? NE A ARG 118 ? ? CZ  A ARG 118 ? ? 141.20 123.60 17.60  1.40 N 
6 1 NE A ARG 118 ? ? CZ A ARG 118 ? ? NH1 A ARG 118 ? ? 131.23 120.30 10.93  0.50 N 
7 1 NE A ARG 118 ? ? CZ A ARG 118 ? ? NH2 A ARG 118 ? ? 109.36 120.30 -10.94 0.50 N 
8 1 CB A ASP 122 ? ? CG A ASP 122 ? ? OD2 A ASP 122 ? ? 111.75 118.30 -6.55  0.90 N 
9 1 CB A TYR 146 ? ? CG A TYR 146 ? ? CD2 A TYR 146 ? ? 124.74 121.00 3.74   0.60 N 
# 
loop_
_pdbx_validate_torsion.id 
_pdbx_validate_torsion.PDB_model_num 
_pdbx_validate_torsion.auth_comp_id 
_pdbx_validate_torsion.auth_asym_id 
_pdbx_validate_torsion.auth_seq_id 
_pdbx_validate_torsion.PDB_ins_code 
_pdbx_validate_torsion.label_alt_id 
_pdbx_validate_torsion.phi 
_pdbx_validate_torsion.psi 
1 1 ASP A 20 ? ? -161.33 65.58  
2 1 LYS A 96 ? ? -100.74 -61.13 
# 
_pdbx_unobs_or_zero_occ_residues.id               1 
_pdbx_unobs_or_zero_occ_residues.PDB_model_num    1 
_pdbx_unobs_or_zero_occ_residues.polymer_flag     Y 
_pdbx_unobs_or_zero_occ_residues.occupancy_flag   1 
_pdbx_unobs_or_zero_occ_residues.auth_asym_id     A 
_pdbx_unobs_or_zero_occ_residues.auth_comp_id     GLY 
_pdbx_unobs_or_zero_occ_residues.auth_seq_id      153 
_pdbx_unobs_or_zero_occ_residues.PDB_ins_code     ? 
_pdbx_unobs_or_zero_occ_residues.label_asym_id    A 
_pdbx_unobs_or_zero_occ_residues.label_comp_id    GLY 
_pdbx_unobs_or_zero_occ_residues.label_seq_id     153 
# 
loop_
_chem_comp_atom.comp_id 
_chem_comp_atom.atom_id 
_chem_comp_atom.type_symbol 
_chem_comp_atom.pdbx_aromatic_flag 
_chem_comp_atom.pdbx_stereo_config 
_chem_comp_atom.pdbx_ordinal 
1MZ N1   N  Y N 1   
1MZ C2   C  Y N 2   
1MZ N3   N  Y N 3   
1MZ C4   C  Y N 4   
1MZ C5   C  Y N 5   
1MZ CM1  C  N N 6   
1MZ H2   H  N N 7   
1MZ HN3  H  N N 8   
1MZ H4   H  N N 9   
1MZ H5   H  N N 10  
1MZ HM11 H  N N 11  
1MZ HM12 H  N N 12  
1MZ HM13 H  N N 13  
ALA N    N  N N 14  
ALA CA   C  N S 15  
ALA C    C  N N 16  
ALA O    O  N N 17  
ALA CB   C  N N 18  
ALA OXT  O  N N 19  
ALA H    H  N N 20  
ALA H2   H  N N 21  
ALA HA   H  N N 22  
ALA HB1  H  N N 23  
ALA HB2  H  N N 24  
ALA HB3  H  N N 25  
ALA HXT  H  N N 26  
ARG N    N  N N 27  
ARG CA   C  N S 28  
ARG C    C  N N 29  
ARG O    O  N N 30  
ARG CB   C  N N 31  
ARG CG   C  N N 32  
ARG CD   C  N N 33  
ARG NE   N  N N 34  
ARG CZ   C  N N 35  
ARG NH1  N  N N 36  
ARG NH2  N  N N 37  
ARG OXT  O  N N 38  
ARG H    H  N N 39  
ARG H2   H  N N 40  
ARG HA   H  N N 41  
ARG HB2  H  N N 42  
ARG HB3  H  N N 43  
ARG HG2  H  N N 44  
ARG HG3  H  N N 45  
ARG HD2  H  N N 46  
ARG HD3  H  N N 47  
ARG HE   H  N N 48  
ARG HH11 H  N N 49  
ARG HH12 H  N N 50  
ARG HH21 H  N N 51  
ARG HH22 H  N N 52  
ARG HXT  H  N N 53  
ASN N    N  N N 54  
ASN CA   C  N S 55  
ASN C    C  N N 56  
ASN O    O  N N 57  
ASN CB   C  N N 58  
ASN CG   C  N N 59  
ASN OD1  O  N N 60  
ASN ND2  N  N N 61  
ASN OXT  O  N N 62  
ASN H    H  N N 63  
ASN H2   H  N N 64  
ASN HA   H  N N 65  
ASN HB2  H  N N 66  
ASN HB3  H  N N 67  
ASN HD21 H  N N 68  
ASN HD22 H  N N 69  
ASN HXT  H  N N 70  
ASP N    N  N N 71  
ASP CA   C  N S 72  
ASP C    C  N N 73  
ASP O    O  N N 74  
ASP CB   C  N N 75  
ASP CG   C  N N 76  
ASP OD1  O  N N 77  
ASP OD2  O  N N 78  
ASP OXT  O  N N 79  
ASP H    H  N N 80  
ASP H2   H  N N 81  
ASP HA   H  N N 82  
ASP HB2  H  N N 83  
ASP HB3  H  N N 84  
ASP HD2  H  N N 85  
ASP HXT  H  N N 86  
GLN N    N  N N 87  
GLN CA   C  N S 88  
GLN C    C  N N 89  
GLN O    O  N N 90  
GLN CB   C  N N 91  
GLN CG   C  N N 92  
GLN CD   C  N N 93  
GLN OE1  O  N N 94  
GLN NE2  N  N N 95  
GLN OXT  O  N N 96  
GLN H    H  N N 97  
GLN H2   H  N N 98  
GLN HA   H  N N 99  
GLN HB2  H  N N 100 
GLN HB3  H  N N 101 
GLN HG2  H  N N 102 
GLN HG3  H  N N 103 
GLN HE21 H  N N 104 
GLN HE22 H  N N 105 
GLN HXT  H  N N 106 
GLU N    N  N N 107 
GLU CA   C  N S 108 
GLU C    C  N N 109 
GLU O    O  N N 110 
GLU CB   C  N N 111 
GLU CG   C  N N 112 
GLU CD   C  N N 113 
GLU OE1  O  N N 114 
GLU OE2  O  N N 115 
GLU OXT  O  N N 116 
GLU H    H  N N 117 
GLU H2   H  N N 118 
GLU HA   H  N N 119 
GLU HB2  H  N N 120 
GLU HB3  H  N N 121 
GLU HG2  H  N N 122 
GLU HG3  H  N N 123 
GLU HE2  H  N N 124 
GLU HXT  H  N N 125 
GLY N    N  N N 126 
GLY CA   C  N N 127 
GLY C    C  N N 128 
GLY O    O  N N 129 
GLY OXT  O  N N 130 
GLY H    H  N N 131 
GLY H2   H  N N 132 
GLY HA2  H  N N 133 
GLY HA3  H  N N 134 
GLY HXT  H  N N 135 
HEM CHA  C  N N 136 
HEM CHB  C  N N 137 
HEM CHC  C  N N 138 
HEM CHD  C  N N 139 
HEM C1A  C  Y N 140 
HEM C2A  C  Y N 141 
HEM C3A  C  Y N 142 
HEM C4A  C  Y N 143 
HEM CMA  C  N N 144 
HEM CAA  C  N N 145 
HEM CBA  C  N N 146 
HEM CGA  C  N N 147 
HEM O1A  O  N N 148 
HEM O2A  O  N N 149 
HEM C1B  C  N N 150 
HEM C2B  C  N N 151 
HEM C3B  C  N N 152 
HEM C4B  C  N N 153 
HEM CMB  C  N N 154 
HEM CAB  C  N N 155 
HEM CBB  C  N N 156 
HEM C1C  C  Y N 157 
HEM C2C  C  Y N 158 
HEM C3C  C  Y N 159 
HEM C4C  C  Y N 160 
HEM CMC  C  N N 161 
HEM CAC  C  N N 162 
HEM CBC  C  N N 163 
HEM C1D  C  N N 164 
HEM C2D  C  N N 165 
HEM C3D  C  N N 166 
HEM C4D  C  N N 167 
HEM CMD  C  N N 168 
HEM CAD  C  N N 169 
HEM CBD  C  N N 170 
HEM CGD  C  N N 171 
HEM O1D  O  N N 172 
HEM O2D  O  N N 173 
HEM NA   N  Y N 174 
HEM NB   N  N N 175 
HEM NC   N  Y N 176 
HEM ND   N  N N 177 
HEM FE   FE N N 178 
HEM HHB  H  N N 179 
HEM HHC  H  N N 180 
HEM HHD  H  N N 181 
HEM HMA  H  N N 182 
HEM HMAA H  N N 183 
HEM HMAB H  N N 184 
HEM HAA  H  N N 185 
HEM HAAA H  N N 186 
HEM HBA  H  N N 187 
HEM HBAA H  N N 188 
HEM HMB  H  N N 189 
HEM HMBA H  N N 190 
HEM HMBB H  N N 191 
HEM HAB  H  N N 192 
HEM HBB  H  N N 193 
HEM HBBA H  N N 194 
HEM HMC  H  N N 195 
HEM HMCA H  N N 196 
HEM HMCB H  N N 197 
HEM HAC  H  N N 198 
HEM HBC  H  N N 199 
HEM HBCA H  N N 200 
HEM HMD  H  N N 201 
HEM HMDA H  N N 202 
HEM HMDB H  N N 203 
HEM HAD  H  N N 204 
HEM HADA H  N N 205 
HEM HBD  H  N N 206 
HEM HBDA H  N N 207 
HEM H2A  H  N N 208 
HEM H2D  H  N N 209 
HEM HHA  H  N N 210 
HIS N    N  N N 211 
HIS CA   C  N S 212 
HIS C    C  N N 213 
HIS O    O  N N 214 
HIS CB   C  N N 215 
HIS CG   C  Y N 216 
HIS ND1  N  Y N 217 
HIS CD2  C  Y N 218 
HIS CE1  C  Y N 219 
HIS NE2  N  Y N 220 
HIS OXT  O  N N 221 
HIS H    H  N N 222 
HIS H2   H  N N 223 
HIS HA   H  N N 224 
HIS HB2  H  N N 225 
HIS HB3  H  N N 226 
HIS HD1  H  N N 227 
HIS HD2  H  N N 228 
HIS HE1  H  N N 229 
HIS HE2  H  N N 230 
HIS HXT  H  N N 231 
HOH O    O  N N 232 
HOH H1   H  N N 233 
HOH H2   H  N N 234 
ILE N    N  N N 235 
ILE CA   C  N S 236 
ILE C    C  N N 237 
ILE O    O  N N 238 
ILE CB   C  N S 239 
ILE CG1  C  N N 240 
ILE CG2  C  N N 241 
ILE CD1  C  N N 242 
ILE OXT  O  N N 243 
ILE H    H  N N 244 
ILE H2   H  N N 245 
ILE HA   H  N N 246 
ILE HB   H  N N 247 
ILE HG12 H  N N 248 
ILE HG13 H  N N 249 
ILE HG21 H  N N 250 
ILE HG22 H  N N 251 
ILE HG23 H  N N 252 
ILE HD11 H  N N 253 
ILE HD12 H  N N 254 
ILE HD13 H  N N 255 
ILE HXT  H  N N 256 
LEU N    N  N N 257 
LEU CA   C  N S 258 
LEU C    C  N N 259 
LEU O    O  N N 260 
LEU CB   C  N N 261 
LEU CG   C  N N 262 
LEU CD1  C  N N 263 
LEU CD2  C  N N 264 
LEU OXT  O  N N 265 
LEU H    H  N N 266 
LEU H2   H  N N 267 
LEU HA   H  N N 268 
LEU HB2  H  N N 269 
LEU HB3  H  N N 270 
LEU HG   H  N N 271 
LEU HD11 H  N N 272 
LEU HD12 H  N N 273 
LEU HD13 H  N N 274 
LEU HD21 H  N N 275 
LEU HD22 H  N N 276 
LEU HD23 H  N N 277 
LEU HXT  H  N N 278 
LYS N    N  N N 279 
LYS CA   C  N S 280 
LYS C    C  N N 281 
LYS O    O  N N 282 
LYS CB   C  N N 283 
LYS CG   C  N N 284 
LYS CD   C  N N 285 
LYS CE   C  N N 286 
LYS NZ   N  N N 287 
LYS OXT  O  N N 288 
LYS H    H  N N 289 
LYS H2   H  N N 290 
LYS HA   H  N N 291 
LYS HB2  H  N N 292 
LYS HB3  H  N N 293 
LYS HG2  H  N N 294 
LYS HG3  H  N N 295 
LYS HD2  H  N N 296 
LYS HD3  H  N N 297 
LYS HE2  H  N N 298 
LYS HE3  H  N N 299 
LYS HZ1  H  N N 300 
LYS HZ2  H  N N 301 
LYS HZ3  H  N N 302 
LYS HXT  H  N N 303 
MET N    N  N N 304 
MET CA   C  N S 305 
MET C    C  N N 306 
MET O    O  N N 307 
MET CB   C  N N 308 
MET CG   C  N N 309 
MET SD   S  N N 310 
MET CE   C  N N 311 
MET OXT  O  N N 312 
MET H    H  N N 313 
MET H2   H  N N 314 
MET HA   H  N N 315 
MET HB2  H  N N 316 
MET HB3  H  N N 317 
MET HG2  H  N N 318 
MET HG3  H  N N 319 
MET HE1  H  N N 320 
MET HE2  H  N N 321 
MET HE3  H  N N 322 
MET HXT  H  N N 323 
PHE N    N  N N 324 
PHE CA   C  N S 325 
PHE C    C  N N 326 
PHE O    O  N N 327 
PHE CB   C  N N 328 
PHE CG   C  Y N 329 
PHE CD1  C  Y N 330 
PHE CD2  C  Y N 331 
PHE CE1  C  Y N 332 
PHE CE2  C  Y N 333 
PHE CZ   C  Y N 334 
PHE OXT  O  N N 335 
PHE H    H  N N 336 
PHE H2   H  N N 337 
PHE HA   H  N N 338 
PHE HB2  H  N N 339 
PHE HB3  H  N N 340 
PHE HD1  H  N N 341 
PHE HD2  H  N N 342 
PHE HE1  H  N N 343 
PHE HE2  H  N N 344 
PHE HZ   H  N N 345 
PHE HXT  H  N N 346 
PRO N    N  N N 347 
PRO CA   C  N S 348 
PRO C    C  N N 349 
PRO O    O  N N 350 
PRO CB   C  N N 351 
PRO CG   C  N N 352 
PRO CD   C  N N 353 
PRO OXT  O  N N 354 
PRO H    H  N N 355 
PRO HA   H  N N 356 
PRO HB2  H  N N 357 
PRO HB3  H  N N 358 
PRO HG2  H  N N 359 
PRO HG3  H  N N 360 
PRO HD2  H  N N 361 
PRO HD3  H  N N 362 
PRO HXT  H  N N 363 
SER N    N  N N 364 
SER CA   C  N S 365 
SER C    C  N N 366 
SER O    O  N N 367 
SER CB   C  N N 368 
SER OG   O  N N 369 
SER OXT  O  N N 370 
SER H    H  N N 371 
SER H2   H  N N 372 
SER HA   H  N N 373 
SER HB2  H  N N 374 
SER HB3  H  N N 375 
SER HG   H  N N 376 
SER HXT  H  N N 377 
THR N    N  N N 378 
THR CA   C  N S 379 
THR C    C  N N 380 
THR O    O  N N 381 
THR CB   C  N R 382 
THR OG1  O  N N 383 
THR CG2  C  N N 384 
THR OXT  O  N N 385 
THR H    H  N N 386 
THR H2   H  N N 387 
THR HA   H  N N 388 
THR HB   H  N N 389 
THR HG1  H  N N 390 
THR HG21 H  N N 391 
THR HG22 H  N N 392 
THR HG23 H  N N 393 
THR HXT  H  N N 394 
TRP N    N  N N 395 
TRP CA   C  N S 396 
TRP C    C  N N 397 
TRP O    O  N N 398 
TRP CB   C  N N 399 
TRP CG   C  Y N 400 
TRP CD1  C  Y N 401 
TRP CD2  C  Y N 402 
TRP NE1  N  Y N 403 
TRP CE2  C  Y N 404 
TRP CE3  C  Y N 405 
TRP CZ2  C  Y N 406 
TRP CZ3  C  Y N 407 
TRP CH2  C  Y N 408 
TRP OXT  O  N N 409 
TRP H    H  N N 410 
TRP H2   H  N N 411 
TRP HA   H  N N 412 
TRP HB2  H  N N 413 
TRP HB3  H  N N 414 
TRP HD1  H  N N 415 
TRP HE1  H  N N 416 
TRP HE3  H  N N 417 
TRP HZ2  H  N N 418 
TRP HZ3  H  N N 419 
TRP HH2  H  N N 420 
TRP HXT  H  N N 421 
TYR N    N  N N 422 
TYR CA   C  N S 423 
TYR C    C  N N 424 
TYR O    O  N N 425 
TYR CB   C  N N 426 
TYR CG   C  Y N 427 
TYR CD1  C  Y N 428 
TYR CD2  C  Y N 429 
TYR CE1  C  Y N 430 
TYR CE2  C  Y N 431 
TYR CZ   C  Y N 432 
TYR OH   O  N N 433 
TYR OXT  O  N N 434 
TYR H    H  N N 435 
TYR H2   H  N N 436 
TYR HA   H  N N 437 
TYR HB2  H  N N 438 
TYR HB3  H  N N 439 
TYR HD1  H  N N 440 
TYR HD2  H  N N 441 
TYR HE1  H  N N 442 
TYR HE2  H  N N 443 
TYR HH   H  N N 444 
TYR HXT  H  N N 445 
VAL N    N  N N 446 
VAL CA   C  N S 447 
VAL C    C  N N 448 
VAL O    O  N N 449 
VAL CB   C  N N 450 
VAL CG1  C  N N 451 
VAL CG2  C  N N 452 
VAL OXT  O  N N 453 
VAL H    H  N N 454 
VAL H2   H  N N 455 
VAL HA   H  N N 456 
VAL HB   H  N N 457 
VAL HG11 H  N N 458 
VAL HG12 H  N N 459 
VAL HG13 H  N N 460 
VAL HG21 H  N N 461 
VAL HG22 H  N N 462 
VAL HG23 H  N N 463 
VAL HXT  H  N N 464 
# 
loop_
_chem_comp_bond.comp_id 
_chem_comp_bond.atom_id_1 
_chem_comp_bond.atom_id_2 
_chem_comp_bond.value_order 
_chem_comp_bond.pdbx_aromatic_flag 
_chem_comp_bond.pdbx_stereo_config 
_chem_comp_bond.pdbx_ordinal 
1MZ N1  C2   sing Y N 1   
1MZ N1  C5   sing Y N 2   
1MZ N1  CM1  sing N N 3   
1MZ C2  N3   doub Y N 4   
1MZ C2  H2   sing N N 5   
1MZ N3  C4   sing Y N 6   
1MZ N3  HN3  sing N N 7   
1MZ C4  C5   doub Y N 8   
1MZ C4  H4   sing N N 9   
1MZ C5  H5   sing N N 10  
1MZ CM1 HM11 sing N N 11  
1MZ CM1 HM12 sing N N 12  
1MZ CM1 HM13 sing N N 13  
ALA N   CA   sing N N 14  
ALA N   H    sing N N 15  
ALA N   H2   sing N N 16  
ALA CA  C    sing N N 17  
ALA CA  CB   sing N N 18  
ALA CA  HA   sing N N 19  
ALA C   O    doub N N 20  
ALA C   OXT  sing N N 21  
ALA CB  HB1  sing N N 22  
ALA CB  HB2  sing N N 23  
ALA CB  HB3  sing N N 24  
ALA OXT HXT  sing N N 25  
ARG N   CA   sing N N 26  
ARG N   H    sing N N 27  
ARG N   H2   sing N N 28  
ARG CA  C    sing N N 29  
ARG CA  CB   sing N N 30  
ARG CA  HA   sing N N 31  
ARG C   O    doub N N 32  
ARG C   OXT  sing N N 33  
ARG CB  CG   sing N N 34  
ARG CB  HB2  sing N N 35  
ARG CB  HB3  sing N N 36  
ARG CG  CD   sing N N 37  
ARG CG  HG2  sing N N 38  
ARG CG  HG3  sing N N 39  
ARG CD  NE   sing N N 40  
ARG CD  HD2  sing N N 41  
ARG CD  HD3  sing N N 42  
ARG NE  CZ   sing N N 43  
ARG NE  HE   sing N N 44  
ARG CZ  NH1  sing N N 45  
ARG CZ  NH2  doub N N 46  
ARG NH1 HH11 sing N N 47  
ARG NH1 HH12 sing N N 48  
ARG NH2 HH21 sing N N 49  
ARG NH2 HH22 sing N N 50  
ARG OXT HXT  sing N N 51  
ASN N   CA   sing N N 52  
ASN N   H    sing N N 53  
ASN N   H2   sing N N 54  
ASN CA  C    sing N N 55  
ASN CA  CB   sing N N 56  
ASN CA  HA   sing N N 57  
ASN C   O    doub N N 58  
ASN C   OXT  sing N N 59  
ASN CB  CG   sing N N 60  
ASN CB  HB2  sing N N 61  
ASN CB  HB3  sing N N 62  
ASN CG  OD1  doub N N 63  
ASN CG  ND2  sing N N 64  
ASN ND2 HD21 sing N N 65  
ASN ND2 HD22 sing N N 66  
ASN OXT HXT  sing N N 67  
ASP N   CA   sing N N 68  
ASP N   H    sing N N 69  
ASP N   H2   sing N N 70  
ASP CA  C    sing N N 71  
ASP CA  CB   sing N N 72  
ASP CA  HA   sing N N 73  
ASP C   O    doub N N 74  
ASP C   OXT  sing N N 75  
ASP CB  CG   sing N N 76  
ASP CB  HB2  sing N N 77  
ASP CB  HB3  sing N N 78  
ASP CG  OD1  doub N N 79  
ASP CG  OD2  sing N N 80  
ASP OD2 HD2  sing N N 81  
ASP OXT HXT  sing N N 82  
GLN N   CA   sing N N 83  
GLN N   H    sing N N 84  
GLN N   H2   sing N N 85  
GLN CA  C    sing N N 86  
GLN CA  CB   sing N N 87  
GLN CA  HA   sing N N 88  
GLN C   O    doub N N 89  
GLN C   OXT  sing N N 90  
GLN CB  CG   sing N N 91  
GLN CB  HB2  sing N N 92  
GLN CB  HB3  sing N N 93  
GLN CG  CD   sing N N 94  
GLN CG  HG2  sing N N 95  
GLN CG  HG3  sing N N 96  
GLN CD  OE1  doub N N 97  
GLN CD  NE2  sing N N 98  
GLN NE2 HE21 sing N N 99  
GLN NE2 HE22 sing N N 100 
GLN OXT HXT  sing N N 101 
GLU N   CA   sing N N 102 
GLU N   H    sing N N 103 
GLU N   H2   sing N N 104 
GLU CA  C    sing N N 105 
GLU CA  CB   sing N N 106 
GLU CA  HA   sing N N 107 
GLU C   O    doub N N 108 
GLU C   OXT  sing N N 109 
GLU CB  CG   sing N N 110 
GLU CB  HB2  sing N N 111 
GLU CB  HB3  sing N N 112 
GLU CG  CD   sing N N 113 
GLU CG  HG2  sing N N 114 
GLU CG  HG3  sing N N 115 
GLU CD  OE1  doub N N 116 
GLU CD  OE2  sing N N 117 
GLU OE2 HE2  sing N N 118 
GLU OXT HXT  sing N N 119 
GLY N   CA   sing N N 120 
GLY N   H    sing N N 121 
GLY N   H2   sing N N 122 
GLY CA  C    sing N N 123 
GLY CA  HA2  sing N N 124 
GLY CA  HA3  sing N N 125 
GLY C   O    doub N N 126 
GLY C   OXT  sing N N 127 
GLY OXT HXT  sing N N 128 
HEM CHA C1A  sing N N 129 
HEM CHA C4D  doub N N 130 
HEM CHA HHA  sing N N 131 
HEM CHB C4A  sing N N 132 
HEM CHB C1B  doub N N 133 
HEM CHB HHB  sing N N 134 
HEM CHC C4B  sing N N 135 
HEM CHC C1C  doub N N 136 
HEM CHC HHC  sing N N 137 
HEM CHD C4C  doub N N 138 
HEM CHD C1D  sing N N 139 
HEM CHD HHD  sing N N 140 
HEM C1A C2A  doub Y N 141 
HEM C1A NA   sing Y N 142 
HEM C2A C3A  sing Y N 143 
HEM C2A CAA  sing N N 144 
HEM C3A C4A  doub Y N 145 
HEM C3A CMA  sing N N 146 
HEM C4A NA   sing Y N 147 
HEM CMA HMA  sing N N 148 
HEM CMA HMAA sing N N 149 
HEM CMA HMAB sing N N 150 
HEM CAA CBA  sing N N 151 
HEM CAA HAA  sing N N 152 
HEM CAA HAAA sing N N 153 
HEM CBA CGA  sing N N 154 
HEM CBA HBA  sing N N 155 
HEM CBA HBAA sing N N 156 
HEM CGA O1A  doub N N 157 
HEM CGA O2A  sing N N 158 
HEM C1B C2B  sing N N 159 
HEM C1B NB   sing N N 160 
HEM C2B C3B  doub N N 161 
HEM C2B CMB  sing N N 162 
HEM C3B C4B  sing N N 163 
HEM C3B CAB  sing N N 164 
HEM C4B NB   doub N N 165 
HEM CMB HMB  sing N N 166 
HEM CMB HMBA sing N N 167 
HEM CMB HMBB sing N N 168 
HEM CAB CBB  doub N N 169 
HEM CAB HAB  sing N N 170 
HEM CBB HBB  sing N N 171 
HEM CBB HBBA sing N N 172 
HEM C1C C2C  sing Y N 173 
HEM C1C NC   sing Y N 174 
HEM C2C C3C  doub Y N 175 
HEM C2C CMC  sing N N 176 
HEM C3C C4C  sing Y N 177 
HEM C3C CAC  sing N N 178 
HEM C4C NC   sing Y N 179 
HEM CMC HMC  sing N N 180 
HEM CMC HMCA sing N N 181 
HEM CMC HMCB sing N N 182 
HEM CAC CBC  doub N N 183 
HEM CAC HAC  sing N N 184 
HEM CBC HBC  sing N N 185 
HEM CBC HBCA sing N N 186 
HEM C1D C2D  sing N N 187 
HEM C1D ND   doub N N 188 
HEM C2D C3D  doub N N 189 
HEM C2D CMD  sing N N 190 
HEM C3D C4D  sing N N 191 
HEM C3D CAD  sing N N 192 
HEM C4D ND   sing N N 193 
HEM CMD HMD  sing N N 194 
HEM CMD HMDA sing N N 195 
HEM CMD HMDB sing N N 196 
HEM CAD CBD  sing N N 197 
HEM CAD HAD  sing N N 198 
HEM CAD HADA sing N N 199 
HEM CBD CGD  sing N N 200 
HEM CBD HBD  sing N N 201 
HEM CBD HBDA sing N N 202 
HEM CGD O1D  doub N N 203 
HEM CGD O2D  sing N N 204 
HEM O2A H2A  sing N N 205 
HEM O2D H2D  sing N N 206 
HEM FE  NA   sing N N 207 
HEM FE  NB   sing N N 208 
HEM FE  NC   sing N N 209 
HEM FE  ND   sing N N 210 
HIS N   CA   sing N N 211 
HIS N   H    sing N N 212 
HIS N   H2   sing N N 213 
HIS CA  C    sing N N 214 
HIS CA  CB   sing N N 215 
HIS CA  HA   sing N N 216 
HIS C   O    doub N N 217 
HIS C   OXT  sing N N 218 
HIS CB  CG   sing N N 219 
HIS CB  HB2  sing N N 220 
HIS CB  HB3  sing N N 221 
HIS CG  ND1  sing Y N 222 
HIS CG  CD2  doub Y N 223 
HIS ND1 CE1  doub Y N 224 
HIS ND1 HD1  sing N N 225 
HIS CD2 NE2  sing Y N 226 
HIS CD2 HD2  sing N N 227 
HIS CE1 NE2  sing Y N 228 
HIS CE1 HE1  sing N N 229 
HIS NE2 HE2  sing N N 230 
HIS OXT HXT  sing N N 231 
HOH O   H1   sing N N 232 
HOH O   H2   sing N N 233 
ILE N   CA   sing N N 234 
ILE N   H    sing N N 235 
ILE N   H2   sing N N 236 
ILE CA  C    sing N N 237 
ILE CA  CB   sing N N 238 
ILE CA  HA   sing N N 239 
ILE C   O    doub N N 240 
ILE C   OXT  sing N N 241 
ILE CB  CG1  sing N N 242 
ILE CB  CG2  sing N N 243 
ILE CB  HB   sing N N 244 
ILE CG1 CD1  sing N N 245 
ILE CG1 HG12 sing N N 246 
ILE CG1 HG13 sing N N 247 
ILE CG2 HG21 sing N N 248 
ILE CG2 HG22 sing N N 249 
ILE CG2 HG23 sing N N 250 
ILE CD1 HD11 sing N N 251 
ILE CD1 HD12 sing N N 252 
ILE CD1 HD13 sing N N 253 
ILE OXT HXT  sing N N 254 
LEU N   CA   sing N N 255 
LEU N   H    sing N N 256 
LEU N   H2   sing N N 257 
LEU CA  C    sing N N 258 
LEU CA  CB   sing N N 259 
LEU CA  HA   sing N N 260 
LEU C   O    doub N N 261 
LEU C   OXT  sing N N 262 
LEU CB  CG   sing N N 263 
LEU CB  HB2  sing N N 264 
LEU CB  HB3  sing N N 265 
LEU CG  CD1  sing N N 266 
LEU CG  CD2  sing N N 267 
LEU CG  HG   sing N N 268 
LEU CD1 HD11 sing N N 269 
LEU CD1 HD12 sing N N 270 
LEU CD1 HD13 sing N N 271 
LEU CD2 HD21 sing N N 272 
LEU CD2 HD22 sing N N 273 
LEU CD2 HD23 sing N N 274 
LEU OXT HXT  sing N N 275 
LYS N   CA   sing N N 276 
LYS N   H    sing N N 277 
LYS N   H2   sing N N 278 
LYS CA  C    sing N N 279 
LYS CA  CB   sing N N 280 
LYS CA  HA   sing N N 281 
LYS C   O    doub N N 282 
LYS C   OXT  sing N N 283 
LYS CB  CG   sing N N 284 
LYS CB  HB2  sing N N 285 
LYS CB  HB3  sing N N 286 
LYS CG  CD   sing N N 287 
LYS CG  HG2  sing N N 288 
LYS CG  HG3  sing N N 289 
LYS CD  CE   sing N N 290 
LYS CD  HD2  sing N N 291 
LYS CD  HD3  sing N N 292 
LYS CE  NZ   sing N N 293 
LYS CE  HE2  sing N N 294 
LYS CE  HE3  sing N N 295 
LYS NZ  HZ1  sing N N 296 
LYS NZ  HZ2  sing N N 297 
LYS NZ  HZ3  sing N N 298 
LYS OXT HXT  sing N N 299 
MET N   CA   sing N N 300 
MET N   H    sing N N 301 
MET N   H2   sing N N 302 
MET CA  C    sing N N 303 
MET CA  CB   sing N N 304 
MET CA  HA   sing N N 305 
MET C   O    doub N N 306 
MET C   OXT  sing N N 307 
MET CB  CG   sing N N 308 
MET CB  HB2  sing N N 309 
MET CB  HB3  sing N N 310 
MET CG  SD   sing N N 311 
MET CG  HG2  sing N N 312 
MET CG  HG3  sing N N 313 
MET SD  CE   sing N N 314 
MET CE  HE1  sing N N 315 
MET CE  HE2  sing N N 316 
MET CE  HE3  sing N N 317 
MET OXT HXT  sing N N 318 
PHE N   CA   sing N N 319 
PHE N   H    sing N N 320 
PHE N   H2   sing N N 321 
PHE CA  C    sing N N 322 
PHE CA  CB   sing N N 323 
PHE CA  HA   sing N N 324 
PHE C   O    doub N N 325 
PHE C   OXT  sing N N 326 
PHE CB  CG   sing N N 327 
PHE CB  HB2  sing N N 328 
PHE CB  HB3  sing N N 329 
PHE CG  CD1  doub Y N 330 
PHE CG  CD2  sing Y N 331 
PHE CD1 CE1  sing Y N 332 
PHE CD1 HD1  sing N N 333 
PHE CD2 CE2  doub Y N 334 
PHE CD2 HD2  sing N N 335 
PHE CE1 CZ   doub Y N 336 
PHE CE1 HE1  sing N N 337 
PHE CE2 CZ   sing Y N 338 
PHE CE2 HE2  sing N N 339 
PHE CZ  HZ   sing N N 340 
PHE OXT HXT  sing N N 341 
PRO N   CA   sing N N 342 
PRO N   CD   sing N N 343 
PRO N   H    sing N N 344 
PRO CA  C    sing N N 345 
PRO CA  CB   sing N N 346 
PRO CA  HA   sing N N 347 
PRO C   O    doub N N 348 
PRO C   OXT  sing N N 349 
PRO CB  CG   sing N N 350 
PRO CB  HB2  sing N N 351 
PRO CB  HB3  sing N N 352 
PRO CG  CD   sing N N 353 
PRO CG  HG2  sing N N 354 
PRO CG  HG3  sing N N 355 
PRO CD  HD2  sing N N 356 
PRO CD  HD3  sing N N 357 
PRO OXT HXT  sing N N 358 
SER N   CA   sing N N 359 
SER N   H    sing N N 360 
SER N   H2   sing N N 361 
SER CA  C    sing N N 362 
SER CA  CB   sing N N 363 
SER CA  HA   sing N N 364 
SER C   O    doub N N 365 
SER C   OXT  sing N N 366 
SER CB  OG   sing N N 367 
SER CB  HB2  sing N N 368 
SER CB  HB3  sing N N 369 
SER OG  HG   sing N N 370 
SER OXT HXT  sing N N 371 
THR N   CA   sing N N 372 
THR N   H    sing N N 373 
THR N   H2   sing N N 374 
THR CA  C    sing N N 375 
THR CA  CB   sing N N 376 
THR CA  HA   sing N N 377 
THR C   O    doub N N 378 
THR C   OXT  sing N N 379 
THR CB  OG1  sing N N 380 
THR CB  CG2  sing N N 381 
THR CB  HB   sing N N 382 
THR OG1 HG1  sing N N 383 
THR CG2 HG21 sing N N 384 
THR CG2 HG22 sing N N 385 
THR CG2 HG23 sing N N 386 
THR OXT HXT  sing N N 387 
TRP N   CA   sing N N 388 
TRP N   H    sing N N 389 
TRP N   H2   sing N N 390 
TRP CA  C    sing N N 391 
TRP CA  CB   sing N N 392 
TRP CA  HA   sing N N 393 
TRP C   O    doub N N 394 
TRP C   OXT  sing N N 395 
TRP CB  CG   sing N N 396 
TRP CB  HB2  sing N N 397 
TRP CB  HB3  sing N N 398 
TRP CG  CD1  doub Y N 399 
TRP CG  CD2  sing Y N 400 
TRP CD1 NE1  sing Y N 401 
TRP CD1 HD1  sing N N 402 
TRP CD2 CE2  doub Y N 403 
TRP CD2 CE3  sing Y N 404 
TRP NE1 CE2  sing Y N 405 
TRP NE1 HE1  sing N N 406 
TRP CE2 CZ2  sing Y N 407 
TRP CE3 CZ3  doub Y N 408 
TRP CE3 HE3  sing N N 409 
TRP CZ2 CH2  doub Y N 410 
TRP CZ2 HZ2  sing N N 411 
TRP CZ3 CH2  sing Y N 412 
TRP CZ3 HZ3  sing N N 413 
TRP CH2 HH2  sing N N 414 
TRP OXT HXT  sing N N 415 
TYR N   CA   sing N N 416 
TYR N   H    sing N N 417 
TYR N   H2   sing N N 418 
TYR CA  C    sing N N 419 
TYR CA  CB   sing N N 420 
TYR CA  HA   sing N N 421 
TYR C   O    doub N N 422 
TYR C   OXT  sing N N 423 
TYR CB  CG   sing N N 424 
TYR CB  HB2  sing N N 425 
TYR CB  HB3  sing N N 426 
TYR CG  CD1  doub Y N 427 
TYR CG  CD2  sing Y N 428 
TYR CD1 CE1  sing Y N 429 
TYR CD1 HD1  sing N N 430 
TYR CD2 CE2  doub Y N 431 
TYR CD2 HD2  sing N N 432 
TYR CE1 CZ   doub Y N 433 
TYR CE1 HE1  sing N N 434 
TYR CE2 CZ   sing Y N 435 
TYR CE2 HE2  sing N N 436 
TYR CZ  OH   sing N N 437 
TYR OH  HH   sing N N 438 
TYR OXT HXT  sing N N 439 
VAL N   CA   sing N N 440 
VAL N   H    sing N N 441 
VAL N   H2   sing N N 442 
VAL CA  C    sing N N 443 
VAL CA  CB   sing N N 444 
VAL CA  HA   sing N N 445 
VAL C   O    doub N N 446 
VAL C   OXT  sing N N 447 
VAL CB  CG1  sing N N 448 
VAL CB  CG2  sing N N 449 
VAL CB  HB   sing N N 450 
VAL CG1 HG11 sing N N 451 
VAL CG1 HG12 sing N N 452 
VAL CG1 HG13 sing N N 453 
VAL CG2 HG21 sing N N 454 
VAL CG2 HG22 sing N N 455 
VAL CG2 HG23 sing N N 456 
VAL OXT HXT  sing N N 457 
# 
_atom_sites.entry_id                    1DUO 
_atom_sites.fract_transf_matrix[1][1]   0.00741863 
_atom_sites.fract_transf_matrix[1][2]   -0.01167209 
_atom_sites.fract_transf_matrix[1][3]   -0.02070595 
_atom_sites.fract_transf_matrix[2][1]   -0.01829925 
_atom_sites.fract_transf_matrix[2][2]   -0.00886711 
_atom_sites.fract_transf_matrix[2][3]   -0.00155789 
_atom_sites.fract_transf_matrix[3][1]   -0.00411094 
_atom_sites.fract_transf_matrix[3][2]   0.00970364 
_atom_sites.fract_transf_matrix[3][3]   -0.00694290 
_atom_sites.fract_transf_vector[1]      -0.011385 
_atom_sites.fract_transf_vector[2]      0.523561 
_atom_sites.fract_transf_vector[3]      -0.049627 
# 
loop_
_atom_type.symbol 
C  
FE 
N  
O  
S  
# 
loop_
_atom_site.group_PDB 
_atom_site.id 
_atom_site.type_symbol 
_atom_site.label_atom_id 
_atom_site.label_alt_id 
_atom_site.label_comp_id 
_atom_site.label_asym_id 
_atom_site.label_entity_id 
_atom_site.label_seq_id 
_atom_site.pdbx_PDB_ins_code 
_atom_site.Cartn_x 
_atom_site.Cartn_y 
_atom_site.Cartn_z 
_atom_site.occupancy 
_atom_site.B_iso_or_equiv 
_atom_site.pdbx_formal_charge 
_atom_site.auth_seq_id 
_atom_site.auth_comp_id 
_atom_site.auth_asym_id 
_atom_site.auth_atom_id 
_atom_site.pdbx_PDB_model_num 
ATOM   1    N  N   . VAL A 1 1   ? 1.248   18.935  -0.601  1.00 65.81  ? 1   VAL A N   1 
ATOM   2    C  CA  . VAL A 1 1   ? 0.509   18.773  -1.856  1.00 65.77  ? 1   VAL A CA  1 
ATOM   3    C  C   . VAL A 1 1   ? 1.356   18.313  -3.048  1.00 53.91  ? 1   VAL A C   1 
ATOM   4    O  O   . VAL A 1 1   ? 2.582   18.407  -3.010  1.00 58.27  ? 1   VAL A O   1 
ATOM   5    C  CB  . VAL A 1 1   ? -0.360  19.998  -2.213  1.00 77.66  ? 1   VAL A CB  1 
ATOM   6    C  CG1 . VAL A 1 1   ? 0.461   21.096  -2.880  1.00 76.53  ? 1   VAL A CG1 1 
ATOM   7    C  CG2 . VAL A 1 1   ? -1.514  19.609  -3.138  1.00 81.33  ? 1   VAL A CG2 1 
ATOM   8    N  N   . LEU A 1 2   ? 0.675   17.759  -4.087  1.00 39.14  ? 2   LEU A N   1 
ATOM   9    C  CA  . LEU A 1 2   ? 1.276   17.324  -5.354  1.00 27.05  ? 2   LEU A CA  1 
ATOM   10   C  C   . LEU A 1 2   ? 0.755   18.218  -6.494  1.00 29.09  ? 2   LEU A C   1 
ATOM   11   O  O   . LEU A 1 2   ? -0.388  18.770  -6.500  1.00 35.89  ? 2   LEU A O   1 
ATOM   12   C  CB  . LEU A 1 2   ? 1.062   15.832  -5.780  1.00 20.69  ? 2   LEU A CB  1 
ATOM   13   C  CG  . LEU A 1 2   ? 1.802   14.762  -5.023  1.00 19.10  ? 2   LEU A CG  1 
ATOM   14   C  CD1 . LEU A 1 2   ? 1.195   14.570  -3.637  1.00 10.85  ? 2   LEU A CD1 1 
ATOM   15   C  CD2 . LEU A 1 2   ? 1.664   13.467  -5.812  1.00 19.81  ? 2   LEU A CD2 1 
ATOM   16   N  N   . SER A 1 3   ? 1.563   18.330  -7.539  1.00 17.60  ? 3   SER A N   1 
ATOM   17   C  CA  . SER A 1 3   ? 1.062   19.080  -8.681  1.00 18.27  ? 3   SER A CA  1 
ATOM   18   C  C   . SER A 1 3   ? 0.166   18.197  -9.501  1.00 24.16  ? 3   SER A C   1 
ATOM   19   O  O   . SER A 1 3   ? 0.163   16.971  -9.357  1.00 13.27  ? 3   SER A O   1 
ATOM   20   C  CB  . SER A 1 3   ? 2.183   19.547  -9.589  1.00 19.62  ? 3   SER A CB  1 
ATOM   21   O  OG  . SER A 1 3   ? 2.843   18.474  -10.206 1.00 32.02  ? 3   SER A OG  1 
ATOM   22   N  N   . GLU A 1 4   ? -0.533  18.857  -10.421 1.00 25.15  ? 4   GLU A N   1 
ATOM   23   C  CA  . GLU A 1 4   ? -1.364  18.110  -11.359 1.00 32.95  ? 4   GLU A CA  1 
ATOM   24   C  C   . GLU A 1 4   ? -0.585  17.072  -12.209 1.00 27.69  ? 4   GLU A C   1 
ATOM   25   O  O   . GLU A 1 4   ? -1.016  15.939  -12.474 1.00 21.42  ? 4   GLU A O   1 
ATOM   26   C  CB  . GLU A 1 4   ? -2.283  19.012  -12.243 1.00 38.59  ? 4   GLU A CB  1 
ATOM   27   C  CG  . GLU A 1 4   ? -3.164  18.240  -13.285 1.00 63.48  ? 4   GLU A CG  1 
ATOM   28   C  CD  . GLU A 1 4   ? -4.364  17.477  -12.734 1.00 99.20  ? 4   GLU A CD  1 
ATOM   29   O  OE1 . GLU A 1 4   ? -4.816  17.653  -11.595 1.00 69.71  ? 4   GLU A OE1 1 
ATOM   30   O  OE2 . GLU A 1 4   ? -4.866  16.608  -13.606 1.00 53.04  ? 4   GLU A OE2 1 
ATOM   31   N  N   . GLY A 1 5   ? 0.585   17.455  -12.660 1.00 17.84  ? 5   GLY A N   1 
ATOM   32   C  CA  . GLY A 1 5   ? 1.320   16.526  -13.449 1.00 12.73  ? 5   GLY A CA  1 
ATOM   33   C  C   . GLY A 1 5   ? 1.856   15.398  -12.606 1.00 24.00  ? 5   GLY A C   1 
ATOM   34   O  O   . GLY A 1 5   ? 2.183   14.362  -13.156 1.00 21.30  ? 5   GLY A O   1 
ATOM   35   N  N   . GLU A 1 6   ? 2.025   15.603  -11.293 1.00 20.73  ? 6   GLU A N   1 
ATOM   36   C  CA  . GLU A 1 6   ? 2.547   14.510  -10.463 1.00 17.31  ? 6   GLU A CA  1 
ATOM   37   C  C   . GLU A 1 6   ? 1.463   13.474  -10.251 1.00 20.39  ? 6   GLU A C   1 
ATOM   38   O  O   . GLU A 1 6   ? 1.645   12.259  -10.225 1.00 18.84  ? 6   GLU A O   1 
ATOM   39   C  CB  . GLU A 1 6   ? 3.005   15.024  -9.098  1.00 19.73  ? 6   GLU A CB  1 
ATOM   40   C  CG  . GLU A 1 6   ? 4.049   16.100  -9.307  1.00 37.46  ? 6   GLU A CG  1 
ATOM   41   C  CD  . GLU A 1 6   ? 4.725   16.617  -8.069  1.00 18.41  ? 6   GLU A CD  1 
ATOM   42   O  OE1 . GLU A 1 6   ? 5.942   16.497  -7.897  1.00 34.23  ? 6   GLU A OE1 1 
ATOM   43   O  OE2 . GLU A 1 6   ? 3.885   17.206  -7.236  1.00 28.81  ? 6   GLU A OE2 1 
ATOM   44   N  N   . TRP A 1 7   ? 0.273   13.999  -10.093 1.00 10.56  ? 7   TRP A N   1 
ATOM   45   C  CA  . TRP A 1 7   ? -0.858  13.117  -9.961  1.00 9.13   ? 7   TRP A CA  1 
ATOM   46   C  C   . TRP A 1 7   ? -1.047  12.415  -11.275 1.00 12.89  ? 7   TRP A C   1 
ATOM   47   O  O   . TRP A 1 7   ? -1.443  11.287  -11.314 1.00 11.93  ? 7   TRP A O   1 
ATOM   48   C  CB  . TRP A 1 7   ? -2.157  13.913  -9.690  1.00 9.62   ? 7   TRP A CB  1 
ATOM   49   C  CG  . TRP A 1 7   ? -2.325  14.284  -8.210  1.00 18.01  ? 7   TRP A CG  1 
ATOM   50   C  CD1 . TRP A 1 7   ? -2.404  15.567  -7.726  1.00 23.64  ? 7   TRP A CD1 1 
ATOM   51   C  CD2 . TRP A 1 7   ? -2.351  13.418  -7.044  1.00 13.28  ? 7   TRP A CD2 1 
ATOM   52   N  NE1 . TRP A 1 7   ? -2.537  15.556  -6.341  1.00 22.64  ? 7   TRP A NE1 1 
ATOM   53   C  CE2 . TRP A 1 7   ? -2.476  14.249  -5.889  1.00 19.03  ? 7   TRP A CE2 1 
ATOM   54   C  CE3 . TRP A 1 7   ? -2.360  12.039  -6.863  1.00 11.59  ? 7   TRP A CE3 1 
ATOM   55   C  CZ2 . TRP A 1 7   ? -2.474  13.719  -4.557  1.00 15.79  ? 7   TRP A CZ2 1 
ATOM   56   C  CZ3 . TRP A 1 7   ? -2.256  11.526  -5.571  1.00 16.47  ? 7   TRP A CZ3 1 
ATOM   57   C  CH2 . TRP A 1 7   ? -2.358  12.344  -4.417  1.00 14.82  ? 7   TRP A CH2 1 
ATOM   58   N  N   . GLN A 1 8   ? -0.729  13.074  -12.381 1.00 8.93   ? 8   GLN A N   1 
ATOM   59   C  CA  . GLN A 1 8   ? -0.986  12.330  -13.591 1.00 11.96  ? 8   GLN A CA  1 
ATOM   60   C  C   . GLN A 1 8   ? -0.080  11.162  -13.737 1.00 14.43  ? 8   GLN A C   1 
ATOM   61   O  O   . GLN A 1 8   ? -0.510  10.143  -14.211 1.00 22.13  ? 8   GLN A O   1 
ATOM   62   C  CB  . GLN A 1 8   ? -1.016  13.158  -14.840 1.00 13.76  ? 8   GLN A CB  1 
ATOM   63   C  CG  . GLN A 1 8   ? -2.267  14.062  -14.902 1.00 16.49  ? 8   GLN A CG  1 
ATOM   64   C  CD  . GLN A 1 8   ? -2.272  14.967  -16.171 1.00 27.28  ? 8   GLN A CD  1 
ATOM   65   O  OE1 . GLN A 1 8   ? -1.576  14.677  -17.157 1.00 45.19  ? 8   GLN A OE1 1 
ATOM   66   N  NE2 . GLN A 1 8   ? -3.184  15.965  -16.224 1.00 16.27  ? 8   GLN A NE2 1 
ATOM   67   N  N   . LEU A 1 9   ? 1.151   11.337  -13.293 1.00 15.27  ? 9   LEU A N   1 
ATOM   68   C  CA  . LEU A 1 9   ? 2.079   10.246  -13.346 1.00 14.39  ? 9   LEU A CA  1 
ATOM   69   C  C   . LEU A 1 9   ? 1.683   9.174   -12.355 1.00 19.22  ? 9   LEU A C   1 
ATOM   70   O  O   . LEU A 1 9   ? 2.031   8.032   -12.530 1.00 11.56  ? 9   LEU A O   1 
ATOM   71   C  CB  . LEU A 1 9   ? 3.511   10.704  -13.026 1.00 16.83  ? 9   LEU A CB  1 
ATOM   72   C  CG  . LEU A 1 9   ? 4.029   11.818  -13.933 1.00 19.95  ? 9   LEU A CG  1 
ATOM   73   C  CD1 . LEU A 1 9   ? 5.228   12.484  -13.270 1.00 20.58  ? 9   LEU A CD1 1 
ATOM   74   C  CD2 . LEU A 1 9   ? 4.515   11.246  -15.231 1.00 20.74  ? 9   LEU A CD2 1 
ATOM   75   N  N   . VAL A 1 10  ? 1.012   9.513   -11.280 1.00 15.09  ? 10  VAL A N   1 
ATOM   76   C  CA  . VAL A 1 10  ? 0.720   8.460   -10.274 1.00 10.67  ? 10  VAL A CA  1 
ATOM   77   C  C   . VAL A 1 10  ? -0.331  7.563   -10.817 1.00 10.33  ? 10  VAL A C   1 
ATOM   78   O  O   . VAL A 1 10  ? -0.354  6.330   -10.749 1.00 12.71  ? 10  VAL A O   1 
ATOM   79   C  CB  . VAL A 1 10  ? 0.201   9.143   -8.971  1.00 14.53  ? 10  VAL A CB  1 
ATOM   80   C  CG1 . VAL A 1 10  ? -0.567  8.177   -8.065  1.00 13.29  ? 10  VAL A CG1 1 
ATOM   81   C  CG2 . VAL A 1 10  ? 1.376   9.631   -8.155  1.00 9.64   ? 10  VAL A CG2 1 
ATOM   82   N  N   . LEU A 1 11  ? -1.243  8.282   -11.423 1.00 10.38  ? 11  LEU A N   1 
ATOM   83   C  CA  . LEU A 1 11  ? -2.364  7.715   -12.023 1.00 18.68  ? 11  LEU A CA  1 
ATOM   84   C  C   . LEU A 1 11  ? -2.051  6.984   -13.310 1.00 24.37  ? 11  LEU A C   1 
ATOM   85   O  O   . LEU A 1 11  ? -2.729  6.041   -13.670 1.00 12.15  ? 11  LEU A O   1 
ATOM   86   C  CB  . LEU A 1 11  ? -3.331  8.845   -12.236 1.00 19.56  ? 11  LEU A CB  1 
ATOM   87   C  CG  . LEU A 1 11  ? -3.818  9.330   -10.869 1.00 31.23  ? 11  LEU A CG  1 
ATOM   88   C  CD1 . LEU A 1 11  ? -4.828  10.432  -11.034 1.00 30.93  ? 11  LEU A CD1 1 
ATOM   89   C  CD2 . LEU A 1 11  ? -4.390  8.219   -9.987  1.00 28.75  ? 11  LEU A CD2 1 
ATOM   90   N  N   . HIS A 1 12  ? -1.036  7.435   -14.002 1.00 23.49  ? 12  HIS A N   1 
ATOM   91   C  CA  . HIS A 1 12  ? -0.616  6.805   -15.236 1.00 12.42  ? 12  HIS A CA  1 
ATOM   92   C  C   . HIS A 1 12  ? 0.000   5.461   -14.847 1.00 17.84  ? 12  HIS A C   1 
ATOM   93   O  O   . HIS A 1 12  ? -0.261  4.377   -15.372 1.00 9.60   ? 12  HIS A O   1 
ATOM   94   C  CB  . HIS A 1 12  ? 0.363   7.761   -15.917 1.00 9.10   ? 12  HIS A CB  1 
ATOM   95   C  CG  . HIS A 1 12  ? 1.021   7.049   -17.014 1.00 25.64  ? 12  HIS A CG  1 
ATOM   96   N  ND1 . HIS A 1 12  ? 0.424   6.956   -18.260 1.00 33.95  ? 12  HIS A ND1 1 
ATOM   97   C  CD2 . HIS A 1 12  ? 2.173   6.308   -17.028 1.00 32.93  ? 12  HIS A CD2 1 
ATOM   98   C  CE1 . HIS A 1 12  ? 1.214   6.156   -18.981 1.00 32.73  ? 12  HIS A CE1 1 
ATOM   99   N  NE2 . HIS A 1 12  ? 2.281   5.765   -18.285 1.00 32.40  ? 12  HIS A NE2 1 
ATOM   100  N  N   . VAL A 1 13  ? 0.834   5.436   -13.842 1.00 9.75   ? 13  VAL A N   1 
ATOM   101  C  CA  . VAL A 1 13  ? 1.326   4.101   -13.458 1.00 17.89  ? 13  VAL A CA  1 
ATOM   102  C  C   . VAL A 1 13  ? 0.242   3.219   -12.755 1.00 19.10  ? 13  VAL A C   1 
ATOM   103  O  O   . VAL A 1 13  ? 0.236   1.977   -12.772 1.00 15.21  ? 13  VAL A O   1 
ATOM   104  C  CB  . VAL A 1 13  ? 2.728   4.148   -12.777 1.00 20.06  ? 13  VAL A CB  1 
ATOM   105  C  CG1 . VAL A 1 13  ? 2.540   4.719   -11.423 1.00 21.31  ? 13  VAL A CG1 1 
ATOM   106  C  CG2 . VAL A 1 13  ? 3.240   2.727   -12.548 1.00 26.49  ? 13  VAL A CG2 1 
ATOM   107  N  N   . TRP A 1 14  ? -0.740  3.835   -12.101 1.00 22.39  ? 14  TRP A N   1 
ATOM   108  C  CA  . TRP A 1 14  ? -1.763  3.024   -11.395 1.00 18.39  ? 14  TRP A CA  1 
ATOM   109  C  C   . TRP A 1 14  ? -2.580  2.140   -12.342 1.00 13.23  ? 14  TRP A C   1 
ATOM   110  O  O   . TRP A 1 14  ? -2.909  1.004   -12.047 1.00 10.37  ? 14  TRP A O   1 
ATOM   111  C  CB  . TRP A 1 14  ? -2.716  3.899   -10.569 1.00 15.70  ? 14  TRP A CB  1 
ATOM   112  C  CG  . TRP A 1 14  ? -3.316  2.977   -9.566  1.00 18.22  ? 14  TRP A CG  1 
ATOM   113  C  CD1 . TRP A 1 14  ? -4.565  2.453   -9.608  1.00 15.73  ? 14  TRP A CD1 1 
ATOM   114  C  CD2 . TRP A 1 14  ? -2.664  2.401   -8.398  1.00 14.87  ? 14  TRP A CD2 1 
ATOM   115  N  NE1 . TRP A 1 14  ? -4.726  1.630   -8.523  1.00 12.28  ? 14  TRP A NE1 1 
ATOM   116  C  CE2 . TRP A 1 14  ? -3.601  1.552   -7.784  1.00 18.82  ? 14  TRP A CE2 1 
ATOM   117  C  CE3 . TRP A 1 14  ? -1.405  2.534   -7.826  1.00 21.11  ? 14  TRP A CE3 1 
ATOM   118  C  CZ2 . TRP A 1 14  ? -3.283  0.777   -6.657  1.00 17.17  ? 14  TRP A CZ2 1 
ATOM   119  C  CZ3 . TRP A 1 14  ? -1.081  1.778   -6.705  1.00 25.39  ? 14  TRP A CZ3 1 
ATOM   120  C  CH2 . TRP A 1 14  ? -2.035  0.911   -6.143  1.00 26.41  ? 14  TRP A CH2 1 
ATOM   121  N  N   . ALA A 1 15  ? -2.835  2.675   -13.533 1.00 13.57  ? 15  ALA A N   1 
ATOM   122  C  CA  . ALA A 1 15  ? -3.567  2.029   -14.593 1.00 6.87   ? 15  ALA A CA  1 
ATOM   123  C  C   . ALA A 1 15  ? -2.901  0.727   -14.897 1.00 14.08  ? 15  ALA A C   1 
ATOM   124  O  O   . ALA A 1 15  ? -3.605  -0.210  -15.152 1.00 16.41  ? 15  ALA A O   1 
ATOM   125  C  CB  . ALA A 1 15  ? -3.658  2.952   -15.812 1.00 10.13  ? 15  ALA A CB  1 
ATOM   126  N  N   . LYS A 1 16  ? -1.546  0.654   -14.907 1.00 12.46  ? 16  LYS A N   1 
ATOM   127  C  CA  . LYS A 1 16  ? -0.851  -0.636  -15.133 1.00 12.78  ? 16  LYS A CA  1 
ATOM   128  C  C   . LYS A 1 16  ? -1.099  -1.639  -13.998 1.00 15.75  ? 16  LYS A C   1 
ATOM   129  O  O   . LYS A 1 16  ? -1.318  -2.862  -14.109 1.00 21.39  ? 16  LYS A O   1 
ATOM   130  C  CB  . LYS A 1 16  ? 0.637   -0.410  -15.260 1.00 11.25  ? 16  LYS A CB  1 
ATOM   131  C  CG  . LYS A 1 16  ? 0.798   0.839   -16.123 1.00 21.49  ? 16  LYS A CG  1 
ATOM   132  C  CD  . LYS A 1 16  ? 1.063   0.456   -17.572 1.00 23.91  ? 16  LYS A CD  1 
ATOM   133  C  CE  . LYS A 1 16  ? 0.490   1.457   -18.554 1.00 82.84  ? 16  LYS A CE  1 
ATOM   134  N  NZ  . LYS A 1 16  ? 1.216   1.432   -19.835 1.00 100.00 ? 16  LYS A NZ  1 
ATOM   135  N  N   . VAL A 1 17  ? -1.124  -1.117  -12.832 1.00 12.56  ? 17  VAL A N   1 
ATOM   136  C  CA  . VAL A 1 17  ? -1.391  -2.030  -11.788 1.00 14.21  ? 17  VAL A CA  1 
ATOM   137  C  C   . VAL A 1 17  ? -2.747  -2.618  -11.955 1.00 12.45  ? 17  VAL A C   1 
ATOM   138  O  O   . VAL A 1 17  ? -3.031  -3.727  -11.554 1.00 15.95  ? 17  VAL A O   1 
ATOM   139  C  CB  . VAL A 1 17  ? -1.406  -1.294  -10.464 1.00 14.15  ? 17  VAL A CB  1 
ATOM   140  C  CG1 . VAL A 1 17  ? -1.808  -2.331  -9.425  1.00 20.55  ? 17  VAL A CG1 1 
ATOM   141  C  CG2 . VAL A 1 17  ? -0.027  -0.764  -10.134 1.00 10.73  ? 17  VAL A CG2 1 
ATOM   142  N  N   . GLU A 1 18  ? -3.636  -1.775  -12.424 1.00 13.55  ? 18  GLU A N   1 
ATOM   143  C  CA  . GLU A 1 18  ? -4.996  -2.145  -12.583 1.00 18.04  ? 18  GLU A CA  1 
ATOM   144  C  C   . GLU A 1 18  ? -5.161  -3.302  -13.575 1.00 27.12  ? 18  GLU A C   1 
ATOM   145  O  O   . GLU A 1 18  ? -6.139  -4.031  -13.562 1.00 30.17  ? 18  GLU A O   1 
ATOM   146  C  CB  . GLU A 1 18  ? -5.830  -0.908  -12.999 1.00 20.26  ? 18  GLU A CB  1 
ATOM   147  C  CG  . GLU A 1 18  ? -6.352  -0.094  -11.811 1.00 16.24  ? 18  GLU A CG  1 
ATOM   148  C  CD  . GLU A 1 18  ? -7.273  1.086   -12.109 1.00 14.81  ? 18  GLU A CD  1 
ATOM   149  O  OE1 . GLU A 1 18  ? -7.869  1.654   -11.230 1.00 49.45  ? 18  GLU A OE1 1 
ATOM   150  O  OE2 . GLU A 1 18  ? -7.270  1.516   -13.369 1.00 40.32  ? 18  GLU A OE2 1 
ATOM   151  N  N   . ALA A 1 19  ? -4.199  -3.563  -14.447 1.00 14.72  ? 19  ALA A N   1 
ATOM   152  C  CA  . ALA A 1 19  ? -4.470  -4.699  -15.310 1.00 14.23  ? 19  ALA A CA  1 
ATOM   153  C  C   . ALA A 1 19  ? -4.233  -5.993  -14.662 1.00 22.78  ? 19  ALA A C   1 
ATOM   154  O  O   . ALA A 1 19  ? -4.334  -6.947  -15.393 1.00 26.49  ? 19  ALA A O   1 
ATOM   155  C  CB  . ALA A 1 19  ? -3.596  -4.686  -16.506 1.00 18.33  ? 19  ALA A CB  1 
ATOM   156  N  N   . ASP A 1 20  ? -3.724  -6.024  -13.407 1.00 15.33  ? 20  ASP A N   1 
ATOM   157  C  CA  . ASP A 1 20  ? -3.454  -7.278  -12.702 1.00 13.69  ? 20  ASP A CA  1 
ATOM   158  C  C   . ASP A 1 20  ? -3.339  -7.007  -11.200 1.00 13.21  ? 20  ASP A C   1 
ATOM   159  O  O   . ASP A 1 20  ? -2.242  -7.092  -10.637 1.00 7.44   ? 20  ASP A O   1 
ATOM   160  C  CB  . ASP A 1 20  ? -2.158  -7.924  -13.218 1.00 13.40  ? 20  ASP A CB  1 
ATOM   161  C  CG  . ASP A 1 20  ? -1.942  -9.256  -12.492 1.00 42.33  ? 20  ASP A CG  1 
ATOM   162  O  OD1 . ASP A 1 20  ? -0.855  -9.778  -12.245 1.00 60.11  ? 20  ASP A OD1 1 
ATOM   163  O  OD2 . ASP A 1 20  ? -3.038  -9.690  -11.985 1.00 22.50  ? 20  ASP A OD2 1 
ATOM   164  N  N   . VAL A 1 21  ? -4.445  -6.583  -10.553 1.00 13.99  ? 21  VAL A N   1 
ATOM   165  C  CA  . VAL A 1 21  ? -4.364  -6.201  -9.145  1.00 11.63  ? 21  VAL A CA  1 
ATOM   166  C  C   . VAL A 1 21  ? -3.918  -7.385  -8.361  1.00 13.13  ? 21  VAL A C   1 
ATOM   167  O  O   . VAL A 1 21  ? -3.006  -7.307  -7.549  1.00 18.79  ? 21  VAL A O   1 
ATOM   168  C  CB  . VAL A 1 21  ? -5.773  -5.754  -8.663  1.00 15.58  ? 21  VAL A CB  1 
ATOM   169  C  CG1 . VAL A 1 21  ? -5.792  -5.291  -7.204  1.00 11.82  ? 21  VAL A CG1 1 
ATOM   170  C  CG2 . VAL A 1 21  ? -6.280  -4.669  -9.578  1.00 10.56  ? 21  VAL A CG2 1 
ATOM   171  N  N   . ALA A 1 22  ? -4.562  -8.532  -8.640  1.00 12.15  ? 22  ALA A N   1 
ATOM   172  C  CA  . ALA A 1 22  ? -4.209  -9.738  -7.901  1.00 12.47  ? 22  ALA A CA  1 
ATOM   173  C  C   . ALA A 1 22  ? -2.729  -10.060 -7.941  1.00 15.34  ? 22  ALA A C   1 
ATOM   174  O  O   . ALA A 1 22  ? -2.141  -10.378 -6.892  1.00 15.24  ? 22  ALA A O   1 
ATOM   175  C  CB  . ALA A 1 22  ? -5.112  -10.919 -8.274  1.00 15.63  ? 22  ALA A CB  1 
ATOM   176  N  N   . GLY A 1 23  ? -2.124  -9.956  -9.163  1.00 10.13  ? 23  GLY A N   1 
ATOM   177  C  CA  . GLY A 1 23  ? -0.715  -10.273 -9.362  1.00 4.27   ? 23  GLY A CA  1 
ATOM   178  C  C   . GLY A 1 23  ? 0.166   -9.236  -8.652  1.00 22.11  ? 23  GLY A C   1 
ATOM   179  O  O   . GLY A 1 23  ? 1.170   -9.580  -7.970  1.00 19.98  ? 23  GLY A O   1 
ATOM   180  N  N   . HIS A 1 24  ? -0.195  -7.943  -8.810  1.00 19.06  ? 24  HIS A N   1 
ATOM   181  C  CA  . HIS A 1 24  ? 0.577   -6.937  -8.122  1.00 15.66  ? 24  HIS A CA  1 
ATOM   182  C  C   . HIS A 1 24  ? 0.444   -7.046  -6.596  1.00 24.72  ? 24  HIS A C   1 
ATOM   183  O  O   . HIS A 1 24  ? 1.418   -6.862  -5.861  1.00 17.71  ? 24  HIS A O   1 
ATOM   184  C  CB  . HIS A 1 24  ? 0.114   -5.570  -8.531  1.00 7.98   ? 24  HIS A CB  1 
ATOM   185  C  CG  . HIS A 1 24  ? 0.620   -5.212  -9.894  1.00 17.84  ? 24  HIS A CG  1 
ATOM   186  N  ND1 . HIS A 1 24  ? 0.059   -5.762  -11.075 1.00 14.66  ? 24  HIS A ND1 1 
ATOM   187  C  CD2 . HIS A 1 24  ? 1.610   -4.311  -10.261 1.00 17.58  ? 24  HIS A CD2 1 
ATOM   188  C  CE1 . HIS A 1 24  ? 0.725   -5.156  -12.098 1.00 9.58   ? 24  HIS A CE1 1 
ATOM   189  N  NE2 . HIS A 1 24  ? 1.677   -4.313  -11.636 1.00 14.33  ? 24  HIS A NE2 1 
ATOM   190  N  N   . GLY A 1 25  ? -0.779  -7.370  -6.107  1.00 14.59  ? 25  GLY A N   1 
ATOM   191  C  CA  . GLY A 1 25  ? -0.969  -7.421  -4.648  1.00 12.12  ? 25  GLY A CA  1 
ATOM   192  C  C   . GLY A 1 25  ? -0.145  -8.480  -3.980  1.00 17.30  ? 25  GLY A C   1 
ATOM   193  O  O   . GLY A 1 25  ? 0.370   -8.344  -2.876  1.00 17.08  ? 25  GLY A O   1 
ATOM   194  N  N   . GLN A 1 26  ? -0.048  -9.599  -4.649  1.00 12.10  ? 26  GLN A N   1 
ATOM   195  C  CA  . GLN A 1 26  ? 0.656   -10.678 -4.041  1.00 10.17  ? 26  GLN A CA  1 
ATOM   196  C  C   . GLN A 1 26  ? 2.146   -10.368 -3.975  1.00 19.21  ? 26  GLN A C   1 
ATOM   197  O  O   . GLN A 1 26  ? 2.812   -10.639 -2.955  1.00 16.17  ? 26  GLN A O   1 
ATOM   198  C  CB  . GLN A 1 26  ? 0.486   -11.840 -5.039  1.00 6.14   ? 26  GLN A CB  1 
ATOM   199  C  CG  . GLN A 1 26  ? -0.630  -12.845 -4.764  1.00 18.56  ? 26  GLN A CG  1 
ATOM   200  C  CD  . GLN A 1 26  ? -0.613  -13.946 -5.836  1.00 53.85  ? 26  GLN A CD  1 
ATOM   201  O  OE1 . GLN A 1 26  ? -0.504  -13.710 -7.050  1.00 36.10  ? 26  GLN A OE1 1 
ATOM   202  N  NE2 . GLN A 1 26  ? -0.619  -15.179 -5.393  1.00 22.90  ? 26  GLN A NE2 1 
ATOM   203  N  N   . ASP A 1 27  ? 2.685   -9.772  -5.078  1.00 9.18   ? 27  ASP A N   1 
ATOM   204  C  CA  . ASP A 1 27  ? 4.117   -9.464  -5.031  1.00 10.78  ? 27  ASP A CA  1 
ATOM   205  C  C   . ASP A 1 27  ? 4.444   -8.525  -3.884  1.00 21.44  ? 27  ASP A C   1 
ATOM   206  O  O   . ASP A 1 27  ? 5.408   -8.684  -3.136  1.00 23.87  ? 27  ASP A O   1 
ATOM   207  C  CB  . ASP A 1 27  ? 4.564   -8.820  -6.322  1.00 14.47  ? 27  ASP A CB  1 
ATOM   208  C  CG  . ASP A 1 27  ? 4.674   -9.940  -7.299  1.00 36.69  ? 27  ASP A CG  1 
ATOM   209  O  OD1 . ASP A 1 27  ? 4.436   -11.096 -6.969  1.00 31.67  ? 27  ASP A OD1 1 
ATOM   210  O  OD2 . ASP A 1 27  ? 4.896   -9.562  -8.526  1.00 29.39  ? 27  ASP A OD2 1 
ATOM   211  N  N   . ILE A 1 28  ? 3.537   -7.595  -3.732  1.00 14.98  ? 28  ILE A N   1 
ATOM   212  C  CA  . ILE A 1 28  ? 3.666   -6.545  -2.757  1.00 12.59  ? 28  ILE A CA  1 
ATOM   213  C  C   . ILE A 1 28  ? 3.657   -7.062  -1.383  1.00 9.28   ? 28  ILE A C   1 
ATOM   214  O  O   . ILE A 1 28  ? 4.478   -6.664  -0.568  1.00 19.64  ? 28  ILE A O   1 
ATOM   215  C  CB  . ILE A 1 28  ? 2.617   -5.456  -2.928  1.00 15.83  ? 28  ILE A CB  1 
ATOM   216  C  CG1 . ILE A 1 28  ? 2.954   -4.716  -4.220  1.00 11.40  ? 28  ILE A CG1 1 
ATOM   217  C  CG2 . ILE A 1 28  ? 2.768   -4.508  -1.727  1.00 18.66  ? 28  ILE A CG2 1 
ATOM   218  C  CD1 . ILE A 1 28  ? 1.971   -3.610  -4.596  1.00 13.30  ? 28  ILE A CD1 1 
ATOM   219  N  N   . LEU A 1 29  ? 2.693   -7.916  -1.128  1.00 9.14   ? 29  LEU A N   1 
ATOM   220  C  CA  . LEU A 1 29  ? 2.643   -8.439  0.190   1.00 9.36   ? 29  LEU A CA  1 
ATOM   221  C  C   . LEU A 1 29  ? 3.772   -9.330  0.489   1.00 12.03  ? 29  LEU A C   1 
ATOM   222  O  O   . LEU A 1 29  ? 4.172   -9.424  1.609   1.00 15.41  ? 29  LEU A O   1 
ATOM   223  C  CB  . LEU A 1 29  ? 1.354   -9.181  0.546   1.00 14.08  ? 29  LEU A CB  1 
ATOM   224  C  CG  . LEU A 1 29  ? 0.186   -8.186  0.714   1.00 20.91  ? 29  LEU A CG  1 
ATOM   225  C  CD1 . LEU A 1 29  ? -1.160  -8.838  0.693   1.00 19.11  ? 29  LEU A CD1 1 
ATOM   226  C  CD2 . LEU A 1 29  ? 0.346   -7.461  2.017   1.00 28.02  ? 29  LEU A CD2 1 
ATOM   227  N  N   . ILE A 1 30  ? 4.205   -10.107 -0.489  1.00 17.95  ? 30  ILE A N   1 
ATOM   228  C  CA  . ILE A 1 30  ? 5.295   -11.069 -0.228  1.00 11.17  ? 30  ILE A CA  1 
ATOM   229  C  C   . ILE A 1 30  ? 6.567   -10.371 0.045   1.00 11.44  ? 30  ILE A C   1 
ATOM   230  O  O   . ILE A 1 30  ? 7.447   -10.705 0.843   1.00 15.76  ? 30  ILE A O   1 
ATOM   231  C  CB  . ILE A 1 30  ? 5.445   -11.827 -1.496  1.00 16.22  ? 30  ILE A CB  1 
ATOM   232  C  CG1 . ILE A 1 30  ? 4.266   -12.804 -1.524  1.00 18.37  ? 30  ILE A CG1 1 
ATOM   233  C  CG2 . ILE A 1 30  ? 6.773   -12.560 -1.478  1.00 13.57  ? 30  ILE A CG2 1 
ATOM   234  C  CD1 . ILE A 1 30  ? 4.437   -13.920 -2.548  1.00 46.03  ? 30  ILE A CD1 1 
ATOM   235  N  N   . ARG A 1 31  ? 6.695   -9.337  -0.702  1.00 11.28  ? 31  ARG A N   1 
ATOM   236  C  CA  . ARG A 1 31  ? 7.861   -8.579  -0.552  1.00 16.73  ? 31  ARG A CA  1 
ATOM   237  C  C   . ARG A 1 31  ? 7.890   -8.066  0.871   1.00 20.80  ? 31  ARG A C   1 
ATOM   238  O  O   . ARG A 1 31  ? 8.842   -8.259  1.575   1.00 21.65  ? 31  ARG A O   1 
ATOM   239  C  CB  . ARG A 1 31  ? 7.733   -7.402  -1.517  1.00 22.77  ? 31  ARG A CB  1 
ATOM   240  C  CG  . ARG A 1 31  ? 8.792   -6.314  -1.320  1.00 27.13  ? 31  ARG A CG  1 
ATOM   241  C  CD  . ARG A 1 31  ? 10.233  -6.758  -1.457  1.00 20.82  ? 31  ARG A CD  1 
ATOM   242  N  NE  . ARG A 1 31  ? 11.098  -5.574  -1.626  1.00 100.00 ? 31  ARG A NE  1 
ATOM   243  C  CZ  . ARG A 1 31  ? 12.406  -5.562  -1.964  1.00 100.00 ? 31  ARG A CZ  1 
ATOM   244  N  NH1 . ARG A 1 31  ? 13.100  -6.687  -2.223  1.00 32.85  ? 31  ARG A NH1 1 
ATOM   245  N  NH2 . ARG A 1 31  ? 13.027  -4.371  -2.050  1.00 99.08  ? 31  ARG A NH2 1 
ATOM   246  N  N   . LEU A 1 32  ? 6.806   -7.402  1.286   1.00 22.07  ? 32  LEU A N   1 
ATOM   247  C  CA  . LEU A 1 32  ? 6.705   -6.855  2.631   1.00 14.70  ? 32  LEU A CA  1 
ATOM   248  C  C   . LEU A 1 32  ? 7.023   -7.897  3.646   1.00 14.77  ? 32  LEU A C   1 
ATOM   249  O  O   . LEU A 1 32  ? 7.770   -7.709  4.579   1.00 20.41  ? 32  LEU A O   1 
ATOM   250  C  CB  . LEU A 1 32  ? 5.297   -6.289  2.898   1.00 14.64  ? 32  LEU A CB  1 
ATOM   251  C  CG  . LEU A 1 32  ? 5.123   -5.729  4.326   1.00 19.49  ? 32  LEU A CG  1 
ATOM   252  C  CD1 . LEU A 1 32  ? 5.587   -4.282  4.444   1.00 16.17  ? 32  LEU A CD1 1 
ATOM   253  C  CD2 . LEU A 1 32  ? 3.646   -5.695  4.645   1.00 13.00  ? 32  LEU A CD2 1 
ATOM   254  N  N   . PHE A 1 33  ? 6.390   -9.024  3.587   1.00 16.08  ? 33  PHE A N   1 
ATOM   255  C  CA  . PHE A 1 33  ? 6.673   -9.932  4.718   1.00 14.55  ? 33  PHE A CA  1 
ATOM   256  C  C   . PHE A 1 33  ? 8.112   -10.455 4.772   1.00 36.60  ? 33  PHE A C   1 
ATOM   257  O  O   . PHE A 1 33  ? 8.677   -10.802 5.841   1.00 40.20  ? 33  PHE A O   1 
ATOM   258  C  CB  . PHE A 1 33  ? 5.778   -11.158 4.532   1.00 16.96  ? 33  PHE A CB  1 
ATOM   259  C  CG  . PHE A 1 33  ? 4.305   -10.869 4.624   1.00 25.23  ? 33  PHE A CG  1 
ATOM   260  C  CD1 . PHE A 1 33  ? 3.776   -10.009 5.597   1.00 36.06  ? 33  PHE A CD1 1 
ATOM   261  C  CD2 . PHE A 1 33  ? 3.408   -11.529 3.784   1.00 12.89  ? 33  PHE A CD2 1 
ATOM   262  C  CE1 . PHE A 1 33  ? 2.398   -9.792  5.730   1.00 29.63  ? 33  PHE A CE1 1 
ATOM   263  C  CE2 . PHE A 1 33  ? 2.022   -11.349 3.929   1.00 24.29  ? 33  PHE A CE2 1 
ATOM   264  C  CZ  . PHE A 1 33  ? 1.514   -10.462 4.879   1.00 25.48  ? 33  PHE A CZ  1 
ATOM   265  N  N   . LYS A 1 34  ? 8.609   -10.660 3.556   1.00 19.92  ? 34  LYS A N   1 
ATOM   266  C  CA  . LYS A 1 34  ? 9.948   -11.159 3.310   1.00 16.15  ? 34  LYS A CA  1 
ATOM   267  C  C   . LYS A 1 34  ? 11.025  -10.200 3.844   1.00 30.59  ? 34  LYS A C   1 
ATOM   268  O  O   . LYS A 1 34  ? 11.951  -10.620 4.532   1.00 29.21  ? 34  LYS A O   1 
ATOM   269  C  CB  . LYS A 1 34  ? 10.130  -11.389 1.815   1.00 32.21  ? 34  LYS A CB  1 
ATOM   270  C  CG  . LYS A 1 34  ? 10.332  -12.864 1.458   1.00 30.30  ? 34  LYS A CG  1 
ATOM   271  N  N   . SER A 1 35  ? 10.885  -8.900  3.532   1.00 21.92  ? 35  SER A N   1 
ATOM   272  C  CA  . SER A 1 35  ? 11.840  -7.893  3.931   1.00 17.91  ? 35  SER A CA  1 
ATOM   273  C  C   . SER A 1 35  ? 11.766  -7.491  5.380   1.00 31.82  ? 35  SER A C   1 
ATOM   274  O  O   . SER A 1 35  ? 12.805  -7.017  5.864   1.00 35.82  ? 35  SER A O   1 
ATOM   275  C  CB  . SER A 1 35  ? 11.819  -6.598  3.122   1.00 12.26  ? 35  SER A CB  1 
ATOM   276  O  OG  . SER A 1 35  ? 10.770  -6.562  2.226   1.00 26.48  ? 35  SER A OG  1 
ATOM   277  N  N   . HIS A 1 36  ? 10.540  -7.612  5.967   1.00 20.52  ? 36  HIS A N   1 
ATOM   278  C  CA  . HIS A 1 36  ? 10.134  -7.230  7.314   1.00 17.40  ? 36  HIS A CA  1 
ATOM   279  C  C   . HIS A 1 36  ? 9.182   -8.251  7.880   1.00 18.80  ? 36  HIS A C   1 
ATOM   280  O  O   . HIS A 1 36  ? 7.975   -8.063  8.012   1.00 25.97  ? 36  HIS A O   1 
ATOM   281  C  CB  . HIS A 1 36  ? 9.362   -5.930  7.125   1.00 14.96  ? 36  HIS A CB  1 
ATOM   282  C  CG  . HIS A 1 36  ? 10.261  -4.847  6.568   1.00 20.87  ? 36  HIS A CG  1 
ATOM   283  N  ND1 . HIS A 1 36  ? 11.230  -4.217  7.322   1.00 23.66  ? 36  HIS A ND1 1 
ATOM   284  C  CD2 . HIS A 1 36  ? 10.285  -4.236  5.313   1.00 24.87  ? 36  HIS A CD2 1 
ATOM   285  C  CE1 . HIS A 1 36  ? 11.798  -3.258  6.520   1.00 21.41  ? 36  HIS A CE1 1 
ATOM   286  N  NE2 . HIS A 1 36  ? 11.236  -3.229  5.302   1.00 20.65  ? 36  HIS A NE2 1 
ATOM   287  N  N   . PRO A 1 37  ? 9.699   -9.361  8.281   1.00 26.20  ? 37  PRO A N   1 
ATOM   288  C  CA  . PRO A 1 37  ? 8.870   -10.444 8.761   1.00 33.59  ? 37  PRO A CA  1 
ATOM   289  C  C   . PRO A 1 37  ? 8.028   -10.173 9.982   1.00 33.26  ? 37  PRO A C   1 
ATOM   290  O  O   . PRO A 1 37  ? 7.007   -10.876 10.233  1.00 22.06  ? 37  PRO A O   1 
ATOM   291  C  CB  . PRO A 1 37  ? 9.796   -11.608 9.015   1.00 33.61  ? 37  PRO A CB  1 
ATOM   292  C  CG  . PRO A 1 37  ? 11.175  -11.153 8.535   1.00 40.42  ? 37  PRO A CG  1 
ATOM   293  C  CD  . PRO A 1 37  ? 11.037  -9.789  7.904   1.00 37.02  ? 37  PRO A CD  1 
ATOM   294  N  N   . GLU A 1 38  ? 8.468   -9.172  10.731  1.00 37.03  ? 38  GLU A N   1 
ATOM   295  C  CA  . GLU A 1 38  ? 7.734   -8.797  11.946  1.00 33.67  ? 38  GLU A CA  1 
ATOM   296  C  C   . GLU A 1 38  ? 6.331   -8.327  11.647  1.00 41.27  ? 38  GLU A C   1 
ATOM   297  O  O   . GLU A 1 38  ? 5.452   -8.444  12.554  1.00 41.61  ? 38  GLU A O   1 
ATOM   298  C  CB  . GLU A 1 38  ? 8.452   -7.800  12.839  1.00 28.60  ? 38  GLU A CB  1 
ATOM   299  C  CG  . GLU A 1 38  ? 8.580   -6.458  12.135  1.00 20.55  ? 38  GLU A CG  1 
ATOM   300  C  CD  . GLU A 1 38  ? 9.780   -6.299  11.237  1.00 60.42  ? 38  GLU A CD  1 
ATOM   301  O  OE1 . GLU A 1 38  ? 10.237  -5.213  11.085  1.00 35.08  ? 38  GLU A OE1 1 
ATOM   302  O  OE2 . GLU A 1 38  ? 10.308  -7.378  10.667  1.00 53.49  ? 38  GLU A OE2 1 
ATOM   303  N  N   . THR A 1 39  ? 6.145   -7.807  10.382  1.00 21.24  ? 39  THR A N   1 
ATOM   304  C  CA  . THR A 1 39  ? 4.799   -7.387  9.967   1.00 20.01  ? 39  THR A CA  1 
ATOM   305  C  C   . THR A 1 39  ? 3.899   -8.630  9.755   1.00 28.34  ? 39  THR A C   1 
ATOM   306  O  O   . THR A 1 39  ? 2.652   -8.683  9.878   1.00 18.95  ? 39  THR A O   1 
ATOM   307  C  CB  . THR A 1 39  ? 4.890   -6.614  8.673   1.00 22.83  ? 39  THR A CB  1 
ATOM   308  O  OG1 . THR A 1 39  ? 5.340   -7.524  7.692   1.00 25.76  ? 39  THR A OG1 1 
ATOM   309  C  CG2 . THR A 1 39  ? 5.834   -5.426  8.834   1.00 23.31  ? 39  THR A CG2 1 
ATOM   310  N  N   . LEU A 1 40  ? 4.536   -9.726  9.474   1.00 33.49  ? 40  LEU A N   1 
ATOM   311  C  CA  . LEU A 1 40  ? 3.757   -10.912 9.271   1.00 27.49  ? 40  LEU A CA  1 
ATOM   312  C  C   . LEU A 1 40  ? 2.942   -11.249 10.526  1.00 33.65  ? 40  LEU A C   1 
ATOM   313  O  O   . LEU A 1 40  ? 1.787   -11.642 10.444  1.00 39.75  ? 40  LEU A O   1 
ATOM   314  C  CB  . LEU A 1 40  ? 4.590   -12.071 8.547   1.00 25.11  ? 40  LEU A CB  1 
ATOM   315  C  CG  . LEU A 1 40  ? 3.810   -13.287 7.959   1.00 24.04  ? 40  LEU A CG  1 
ATOM   316  C  CD1 . LEU A 1 40  ? 2.804   -12.979 6.857   1.00 24.33  ? 40  LEU A CD1 1 
ATOM   317  C  CD2 . LEU A 1 40  ? 4.736   -14.372 7.428   1.00 29.66  ? 40  LEU A CD2 1 
ATOM   318  N  N   . GLU A 1 41  ? 3.482   -11.032 11.728  1.00 34.16  ? 41  GLU A N   1 
ATOM   319  C  CA  . GLU A 1 41  ? 2.715   -11.346 12.967  1.00 35.58  ? 41  GLU A CA  1 
ATOM   320  C  C   . GLU A 1 41  ? 1.365   -10.621 13.082  1.00 34.66  ? 41  GLU A C   1 
ATOM   321  O  O   . GLU A 1 41  ? 0.522   -10.940 13.890  1.00 32.40  ? 41  GLU A O   1 
ATOM   322  C  CB  . GLU A 1 41  ? 3.521   -11.058 14.253  1.00 36.76  ? 41  GLU A CB  1 
ATOM   323  C  CG  . GLU A 1 41  ? 4.302   -12.266 14.779  1.00 83.15  ? 41  GLU A CG  1 
ATOM   324  C  CD  . GLU A 1 41  ? 5.414   -12.655 13.844  1.00 100.00 ? 41  GLU A CD  1 
ATOM   325  O  OE1 . GLU A 1 41  ? 6.246   -11.847 13.453  1.00 100.00 ? 41  GLU A OE1 1 
ATOM   326  O  OE2 . GLU A 1 41  ? 5.348   -13.912 13.448  1.00 100.00 ? 41  GLU A OE2 1 
ATOM   327  N  N   . LYS A 1 42  ? 1.154   -9.549  12.368  1.00 22.57  ? 42  LYS A N   1 
ATOM   328  C  CA  . LYS A 1 42  ? -0.149  -8.909  12.506  1.00 25.86  ? 42  LYS A CA  1 
ATOM   329  C  C   . LYS A 1 42  ? -1.205  -9.713  11.841  1.00 25.47  ? 42  LYS A C   1 
ATOM   330  O  O   . LYS A 1 42  ? -2.390  -9.529  12.015  1.00 28.80  ? 42  LYS A O   1 
ATOM   331  C  CB  . LYS A 1 42  ? -0.164  -7.551  11.849  1.00 31.62  ? 42  LYS A CB  1 
ATOM   332  C  CG  . LYS A 1 42  ? 0.749   -6.572  12.593  1.00 43.87  ? 42  LYS A CG  1 
ATOM   333  C  CD  . LYS A 1 42  ? -0.053  -5.709  13.560  1.00 63.47  ? 42  LYS A CD  1 
ATOM   334  C  CE  . LYS A 1 42  ? 0.776   -5.126  14.698  1.00 58.78  ? 42  LYS A CE  1 
ATOM   335  N  NZ  . LYS A 1 42  ? -0.062  -4.600  15.789  1.00 37.47  ? 42  LYS A NZ  1 
ATOM   336  N  N   . PHE A 1 43  ? -0.777  -10.658 11.064  1.00 29.67  ? 43  PHE A N   1 
ATOM   337  C  CA  . PHE A 1 43  ? -1.774  -11.442 10.406  1.00 28.46  ? 43  PHE A CA  1 
ATOM   338  C  C   . PHE A 1 43  ? -1.842  -12.849 10.941  1.00 35.85  ? 43  PHE A C   1 
ATOM   339  O  O   . PHE A 1 43  ? -1.086  -13.679 10.500  1.00 28.44  ? 43  PHE A O   1 
ATOM   340  C  CB  . PHE A 1 43  ? -1.418  -11.482 8.946   1.00 23.24  ? 43  PHE A CB  1 
ATOM   341  C  CG  . PHE A 1 43  ? -1.460  -10.146 8.287   1.00 18.25  ? 43  PHE A CG  1 
ATOM   342  C  CD1 . PHE A 1 43  ? -2.632  -9.708  7.656   1.00 21.45  ? 43  PHE A CD1 1 
ATOM   343  C  CD2 . PHE A 1 43  ? -0.299  -9.405  8.087   1.00 18.19  ? 43  PHE A CD2 1 
ATOM   344  C  CE1 . PHE A 1 43  ? -2.665  -8.497  6.962   1.00 18.35  ? 43  PHE A CE1 1 
ATOM   345  C  CE2 . PHE A 1 43  ? -0.317  -8.169  7.432   1.00 20.61  ? 43  PHE A CE2 1 
ATOM   346  C  CZ  . PHE A 1 43  ? -1.507  -7.718  6.865   1.00 24.12  ? 43  PHE A CZ  1 
ATOM   347  N  N   . ASP A 1 44  ? -2.728  -13.111 11.893  1.00 39.66  ? 44  ASP A N   1 
ATOM   348  C  CA  . ASP A 1 44  ? -2.853  -14.457 12.440  1.00 44.70  ? 44  ASP A CA  1 
ATOM   349  C  C   . ASP A 1 44  ? -3.179  -15.474 11.313  1.00 47.14  ? 44  ASP A C   1 
ATOM   350  O  O   . ASP A 1 44  ? -2.752  -16.673 11.293  1.00 43.53  ? 44  ASP A O   1 
ATOM   351  C  CB  . ASP A 1 44  ? -3.941  -14.573 13.568  1.00 51.37  ? 44  ASP A CB  1 
ATOM   352  C  CG  . ASP A 1 44  ? -4.345  -13.321 14.344  1.00 92.68  ? 44  ASP A CG  1 
ATOM   353  O  OD1 . ASP A 1 44  ? -4.231  -12.165 13.917  1.00 100.00 ? 44  ASP A OD1 1 
ATOM   354  O  OD2 . ASP A 1 44  ? -4.974  -13.631 15.468  1.00 78.79  ? 44  ASP A OD2 1 
ATOM   355  N  N   . ARG A 1 45  ? -3.973  -14.926 10.381  1.00 40.89  ? 45  ARG A N   1 
ATOM   356  C  CA  . ARG A 1 45  ? -4.457  -15.619 9.194   1.00 43.47  ? 45  ARG A CA  1 
ATOM   357  C  C   . ARG A 1 45  ? -3.350  -16.226 8.304   1.00 41.96  ? 45  ARG A C   1 
ATOM   358  O  O   . ARG A 1 45  ? -3.471  -17.394 7.887   1.00 31.52  ? 45  ARG A O   1 
ATOM   359  N  N   . PHE A 1 46  ? -2.270  -15.415 8.082   1.00 31.14  ? 46  PHE A N   1 
ATOM   360  C  CA  . PHE A 1 46  ? -1.104  -15.693 7.261   1.00 28.76  ? 46  PHE A CA  1 
ATOM   361  C  C   . PHE A 1 46  ? 0.190   -16.269 7.909   1.00 36.94  ? 46  PHE A C   1 
ATOM   362  O  O   . PHE A 1 46  ? 1.022   -16.867 7.191   1.00 32.15  ? 46  PHE A O   1 
ATOM   363  C  CB  . PHE A 1 46  ? -0.786  -14.501 6.323   1.00 22.86  ? 46  PHE A CB  1 
ATOM   364  C  CG  . PHE A 1 46  ? -1.982  -13.946 5.609   1.00 16.15  ? 46  PHE A CG  1 
ATOM   365  C  CD1 . PHE A 1 46  ? -3.018  -14.768 5.159   1.00 15.65  ? 46  PHE A CD1 1 
ATOM   366  C  CD2 . PHE A 1 46  ? -2.108  -12.568 5.431   1.00 25.70  ? 46  PHE A CD2 1 
ATOM   367  C  CE1 . PHE A 1 46  ? -4.135  -14.237 4.498   1.00 24.95  ? 46  PHE A CE1 1 
ATOM   368  C  CE2 . PHE A 1 46  ? -3.197  -12.002 4.756   1.00 30.79  ? 46  PHE A CE2 1 
ATOM   369  C  CZ  . PHE A 1 46  ? -4.210  -12.851 4.300   1.00 32.32  ? 46  PHE A CZ  1 
ATOM   370  N  N   . LYS A 1 47  ? 0.325   -16.034 9.240   1.00 41.38  ? 47  LYS A N   1 
ATOM   371  C  CA  . LYS A 1 47  ? 1.396   -16.490 10.144  1.00 45.16  ? 47  LYS A CA  1 
ATOM   372  C  C   . LYS A 1 47  ? 1.922   -17.898 9.807   1.00 52.88  ? 47  LYS A C   1 
ATOM   373  O  O   . LYS A 1 47  ? 3.123   -18.144 9.782   1.00 58.04  ? 47  LYS A O   1 
ATOM   374  N  N   . HIS A 1 48  ? 1.046   -18.844 9.505   1.00 47.95  ? 48  HIS A N   1 
ATOM   375  C  CA  . HIS A 1 48  ? 1.532   -20.161 9.174   1.00 48.13  ? 48  HIS A CA  1 
ATOM   376  C  C   . HIS A 1 48  ? 2.086   -20.309 7.751   1.00 38.84  ? 48  HIS A C   1 
ATOM   377  O  O   . HIS A 1 48  ? 2.366   -21.433 7.283   1.00 38.52  ? 48  HIS A O   1 
ATOM   378  C  CB  . HIS A 1 48  ? 0.455   -21.201 9.459   1.00 56.44  ? 48  HIS A CB  1 
ATOM   379  C  CG  . HIS A 1 48  ? -0.650  -21.298 8.441   1.00 71.02  ? 48  HIS A CG  1 
ATOM   380  N  ND1 . HIS A 1 48  ? -0.815  -20.362 7.436   1.00 78.95  ? 48  HIS A ND1 1 
ATOM   381  C  CD2 . HIS A 1 48  ? -1.637  -22.261 8.289   1.00 81.60  ? 48  HIS A CD2 1 
ATOM   382  C  CE1 . HIS A 1 48  ? -1.865  -20.779 6.702   1.00 82.03  ? 48  HIS A CE1 1 
ATOM   383  N  NE2 . HIS A 1 48  ? -2.392  -21.912 7.187   1.00 82.35  ? 48  HIS A NE2 1 
ATOM   384  N  N   . LEU A 1 49  ? 2.214   -19.203 7.017   1.00 24.11  ? 49  LEU A N   1 
ATOM   385  C  CA  . LEU A 1 49  ? 2.700   -19.391 5.647   1.00 33.41  ? 49  LEU A CA  1 
ATOM   386  C  C   . LEU A 1 49  ? 4.224   -19.513 5.638   1.00 32.34  ? 49  LEU A C   1 
ATOM   387  O  O   . LEU A 1 49  ? 4.914   -18.561 5.916   1.00 36.85  ? 49  LEU A O   1 
ATOM   388  C  CB  . LEU A 1 49  ? 2.156   -18.332 4.675   1.00 28.96  ? 49  LEU A CB  1 
ATOM   389  C  CG  . LEU A 1 49  ? 0.668   -18.459 4.553   1.00 26.94  ? 49  LEU A CG  1 
ATOM   390  C  CD1 . LEU A 1 49  ? 0.063   -17.514 3.534   1.00 20.72  ? 49  LEU A CD1 1 
ATOM   391  C  CD2 . LEU A 1 49  ? 0.335   -19.860 4.094   1.00 24.88  ? 49  LEU A CD2 1 
ATOM   392  N  N   . LYS A 1 50  ? 4.736   -20.684 5.365   1.00 29.08  ? 50  LYS A N   1 
ATOM   393  C  CA  . LYS A 1 50  ? 6.179   -20.916 5.523   1.00 31.21  ? 50  LYS A CA  1 
ATOM   394  C  C   . LYS A 1 50  ? 7.219   -20.513 4.496   1.00 37.36  ? 50  LYS A C   1 
ATOM   395  O  O   . LYS A 1 50  ? 8.393   -20.335 4.830   1.00 38.78  ? 50  LYS A O   1 
ATOM   396  C  CB  . LYS A 1 50  ? 6.524   -22.208 6.242   1.00 27.97  ? 50  LYS A CB  1 
ATOM   397  C  CG  . LYS A 1 50  ? 6.109   -22.104 7.706   1.00 58.54  ? 50  LYS A CG  1 
ATOM   398  C  CD  . LYS A 1 50  ? 5.666   -23.434 8.311   1.00 100.00 ? 50  LYS A CD  1 
ATOM   399  C  CE  . LYS A 1 50  ? 5.641   -23.424 9.841   1.00 100.00 ? 50  LYS A CE  1 
ATOM   400  N  NZ  . LYS A 1 50  ? 6.965   -23.610 10.464  1.00 99.41  ? 50  LYS A NZ  1 
ATOM   401  N  N   . THR A 1 51  ? 6.793   -20.448 3.263   1.00 24.49  ? 51  THR A N   1 
ATOM   402  C  CA  . THR A 1 51  ? 7.621   -20.137 2.141   1.00 15.86  ? 51  THR A CA  1 
ATOM   403  C  C   . THR A 1 51  ? 6.784   -19.328 1.171   1.00 25.89  ? 51  THR A C   1 
ATOM   404  O  O   . THR A 1 51  ? 5.548   -19.194 1.199   1.00 22.33  ? 51  THR A O   1 
ATOM   405  C  CB  . THR A 1 51  ? 7.971   -21.453 1.461   1.00 18.73  ? 51  THR A CB  1 
ATOM   406  O  OG1 . THR A 1 51  ? 6.754   -22.082 1.022   1.00 18.61  ? 51  THR A OG1 1 
ATOM   407  C  CG2 . THR A 1 51  ? 8.592   -22.352 2.531   1.00 30.56  ? 51  THR A CG2 1 
ATOM   408  N  N   . GLU A 1 52  ? 7.492   -18.929 0.221   1.00 17.47  ? 52  GLU A N   1 
ATOM   409  C  CA  . GLU A 1 52  ? 6.961   -18.040 -0.751  1.00 22.19  ? 52  GLU A CA  1 
ATOM   410  C  C   . GLU A 1 52  ? 5.970   -18.661 -1.584  1.00 21.92  ? 52  GLU A C   1 
ATOM   411  O  O   . GLU A 1 52  ? 5.023   -18.065 -2.047  1.00 21.11  ? 52  GLU A O   1 
ATOM   412  C  CB  . GLU A 1 52  ? 8.177   -17.796 -1.606  1.00 23.40  ? 52  GLU A CB  1 
ATOM   413  C  CG  . GLU A 1 52  ? 7.873   -16.939 -2.812  1.00 43.88  ? 52  GLU A CG  1 
ATOM   414  C  CD  . GLU A 1 52  ? 9.155   -16.486 -3.435  1.00 88.78  ? 52  GLU A CD  1 
ATOM   415  O  OE1 . GLU A 1 52  ? 9.212   -15.555 -4.204  1.00 56.77  ? 52  GLU A OE1 1 
ATOM   416  O  OE2 . GLU A 1 52  ? 10.198  -17.178 -3.033  1.00 100.00 ? 52  GLU A OE2 1 
ATOM   417  N  N   . ALA A 1 53  ? 6.361   -19.874 -1.898  1.00 22.02  ? 53  ALA A N   1 
ATOM   418  C  CA  . ALA A 1 53  ? 5.598   -20.702 -2.770  1.00 15.55  ? 53  ALA A CA  1 
ATOM   419  C  C   . ALA A 1 53  ? 4.293   -20.887 -2.102  1.00 29.48  ? 53  ALA A C   1 
ATOM   420  O  O   . ALA A 1 53  ? 3.228   -20.751 -2.671  1.00 40.54  ? 53  ALA A O   1 
ATOM   421  C  CB  . ALA A 1 53  ? 6.310   -22.044 -2.939  1.00 18.82  ? 53  ALA A CB  1 
ATOM   422  N  N   . GLU A 1 54  ? 4.345   -21.162 -0.850  1.00 26.17  ? 54  GLU A N   1 
ATOM   423  C  CA  . GLU A 1 54  ? 3.069   -21.300 -0.191  1.00 30.27  ? 54  GLU A CA  1 
ATOM   424  C  C   . GLU A 1 54  ? 2.329   -19.968 -0.063  1.00 16.51  ? 54  GLU A C   1 
ATOM   425  O  O   . GLU A 1 54  ? 1.100   -19.901 -0.041  1.00 18.89  ? 54  GLU A O   1 
ATOM   426  C  CB  . GLU A 1 54  ? 3.269   -21.932 1.177   1.00 36.54  ? 54  GLU A CB  1 
ATOM   427  C  CG  . GLU A 1 54  ? 2.664   -23.355 1.145   1.00 52.17  ? 54  GLU A CG  1 
ATOM   428  C  CD  . GLU A 1 54  ? 2.857   -24.096 2.434   1.00 85.57  ? 54  GLU A CD  1 
ATOM   429  O  OE1 . GLU A 1 54  ? 2.529   -25.269 2.565   1.00 90.16  ? 54  GLU A OE1 1 
ATOM   430  O  OE2 . GLU A 1 54  ? 3.453   -23.364 3.367   1.00 32.19  ? 54  GLU A OE2 1 
ATOM   431  N  N   . MET A 1 55  ? 3.056   -18.876 -0.019  1.00 17.57  ? 55  MET A N   1 
ATOM   432  C  CA  . MET A 1 55  ? 2.340   -17.599 0.101   1.00 15.05  ? 55  MET A CA  1 
ATOM   433  C  C   . MET A 1 55  ? 1.554   -17.347 -1.136  1.00 25.52  ? 55  MET A C   1 
ATOM   434  O  O   . MET A 1 55  ? 0.392   -16.929 -1.086  1.00 22.59  ? 55  MET A O   1 
ATOM   435  C  CB  . MET A 1 55  ? 3.350   -16.511 0.322   1.00 13.62  ? 55  MET A CB  1 
ATOM   436  C  CG  . MET A 1 55  ? 3.593   -16.447 1.814   1.00 16.82  ? 55  MET A CG  1 
ATOM   437  S  SD  . MET A 1 55  ? 4.960   -15.398 2.210   1.00 25.42  ? 55  MET A SD  1 
ATOM   438  C  CE  . MET A 1 55  ? 5.402   -16.101 3.804   1.00 28.17  ? 55  MET A CE  1 
ATOM   439  N  N   . LYS A 1 56  ? 2.248   -17.646 -2.233  1.00 25.43  ? 56  LYS A N   1 
ATOM   440  C  CA  . LYS A 1 56  ? 1.767   -17.538 -3.612  1.00 25.17  ? 56  LYS A CA  1 
ATOM   441  C  C   . LYS A 1 56  ? 0.509   -18.374 -3.883  1.00 21.30  ? 56  LYS A C   1 
ATOM   442  O  O   . LYS A 1 56  ? -0.417  -17.942 -4.563  1.00 23.03  ? 56  LYS A O   1 
ATOM   443  C  CB  . LYS A 1 56  ? 2.898   -17.874 -4.592  1.00 16.54  ? 56  LYS A CB  1 
ATOM   444  C  CG  . LYS A 1 56  ? 3.657   -16.642 -5.024  1.00 27.64  ? 56  LYS A CG  1 
ATOM   445  C  CD  . LYS A 1 56  ? 3.984   -16.592 -6.505  1.00 89.69  ? 56  LYS A CD  1 
ATOM   446  C  CE  . LYS A 1 56  ? 5.404   -17.045 -6.834  1.00 100.00 ? 56  LYS A CE  1 
ATOM   447  N  NZ  . LYS A 1 56  ? 5.502   -18.491 -7.123  1.00 100.00 ? 56  LYS A NZ  1 
ATOM   448  N  N   . ALA A 1 57  ? 0.452   -19.569 -3.294  1.00 28.12  ? 57  ALA A N   1 
ATOM   449  C  CA  . ALA A 1 57  ? -0.658  -20.523 -3.484  1.00 29.45  ? 57  ALA A CA  1 
ATOM   450  C  C   . ALA A 1 57  ? -1.861  -20.214 -2.676  1.00 38.03  ? 57  ALA A C   1 
ATOM   451  O  O   . ALA A 1 57  ? -2.879  -20.914 -2.862  1.00 40.23  ? 57  ALA A O   1 
ATOM   452  C  CB  . ALA A 1 57  ? -0.239  -21.956 -3.102  1.00 28.23  ? 57  ALA A CB  1 
ATOM   453  N  N   . SER A 1 58  ? -1.708  -19.226 -1.752  1.00 23.49  ? 58  SER A N   1 
ATOM   454  C  CA  . SER A 1 58  ? -2.825  -18.928 -0.851  1.00 20.06  ? 58  SER A CA  1 
ATOM   455  C  C   . SER A 1 58  ? -3.820  -17.989 -1.433  1.00 22.24  ? 58  SER A C   1 
ATOM   456  O  O   . SER A 1 58  ? -3.540  -16.787 -1.659  1.00 29.77  ? 58  SER A O   1 
ATOM   457  C  CB  . SER A 1 58  ? -2.365  -18.275 0.430   1.00 31.09  ? 58  SER A CB  1 
ATOM   458  O  OG  . SER A 1 58  ? -3.487  -17.597 0.954   1.00 28.42  ? 58  SER A OG  1 
ATOM   459  N  N   . GLU A 1 59  ? -5.027  -18.524 -1.546  1.00 30.32  ? 59  GLU A N   1 
ATOM   460  C  CA  . GLU A 1 59  ? -6.164  -17.746 -2.054  1.00 26.45  ? 59  GLU A CA  1 
ATOM   461  C  C   . GLU A 1 59  ? -6.454  -16.566 -1.145  1.00 26.27  ? 59  GLU A C   1 
ATOM   462  O  O   . GLU A 1 59  ? -6.722  -15.454 -1.608  1.00 16.96  ? 59  GLU A O   1 
ATOM   463  C  CB  . GLU A 1 59  ? -7.449  -18.582 -2.280  1.00 24.32  ? 59  GLU A CB  1 
ATOM   464  C  CG  . GLU A 1 59  ? -8.298  -18.114 -3.498  1.00 67.86  ? 59  GLU A CG  1 
ATOM   465  C  CD  . GLU A 1 59  ? -9.696  -18.734 -3.583  1.00 100.00 ? 59  GLU A CD  1 
ATOM   466  O  OE1 . GLU A 1 59  ? -10.735 -18.100 -3.729  1.00 79.22  ? 59  GLU A OE1 1 
ATOM   467  O  OE2 . GLU A 1 59  ? -9.715  -20.049 -3.493  1.00 100.00 ? 59  GLU A OE2 1 
ATOM   468  N  N   . ASP A 1 60  ? -6.399  -16.855 0.151   1.00 27.47  ? 60  ASP A N   1 
ATOM   469  C  CA  . ASP A 1 60  ? -6.652  -15.870 1.181   1.00 28.32  ? 60  ASP A CA  1 
ATOM   470  C  C   . ASP A 1 60  ? -5.700  -14.713 1.046   1.00 20.25  ? 60  ASP A C   1 
ATOM   471  O  O   . ASP A 1 60  ? -6.067  -13.570 1.035   1.00 21.16  ? 60  ASP A O   1 
ATOM   472  C  CB  . ASP A 1 60  ? -6.579  -16.475 2.582   1.00 31.90  ? 60  ASP A CB  1 
ATOM   473  C  CG  . ASP A 1 60  ? -7.878  -16.511 3.343   1.00 64.86  ? 60  ASP A CG  1 
ATOM   474  O  OD1 . ASP A 1 60  ? -7.936  -16.807 4.526   1.00 88.61  ? 60  ASP A OD1 1 
ATOM   475  O  OD2 . ASP A 1 60  ? -8.902  -16.103 2.647   1.00 66.56  ? 60  ASP A OD2 1 
ATOM   476  N  N   . LEU A 1 61  ? -4.456  -15.009 0.888   1.00 9.90   ? 61  LEU A N   1 
ATOM   477  C  CA  . LEU A 1 61  ? -3.531  -13.955 0.806   1.00 11.53  ? 61  LEU A CA  1 
ATOM   478  C  C   . LEU A 1 61  ? -3.771  -13.097 -0.441  1.00 21.95  ? 61  LEU A C   1 
ATOM   479  O  O   . LEU A 1 61  ? -3.624  -11.859 -0.434  1.00 22.14  ? 61  LEU A O   1 
ATOM   480  C  CB  . LEU A 1 61  ? -2.217  -14.756 0.667   1.00 11.41  ? 61  LEU A CB  1 
ATOM   481  C  CG  . LEU A 1 61  ? -0.948  -13.932 0.557   1.00 21.11  ? 61  LEU A CG  1 
ATOM   482  C  CD1 . LEU A 1 61  ? -1.148  -12.485 0.883   1.00 29.67  ? 61  LEU A CD1 1 
ATOM   483  C  CD2 . LEU A 1 61  ? -0.029  -14.476 1.620   1.00 33.66  ? 61  LEU A CD2 1 
ATOM   484  N  N   . LYS A 1 62  ? -4.088  -13.768 -1.532  1.00 18.18  ? 62  LYS A N   1 
ATOM   485  C  CA  . LYS A 1 62  ? -4.299  -13.086 -2.817  1.00 15.73  ? 62  LYS A CA  1 
ATOM   486  C  C   . LYS A 1 62  ? -5.571  -12.229 -2.755  1.00 20.34  ? 62  LYS A C   1 
ATOM   487  O  O   . LYS A 1 62  ? -5.613  -11.122 -3.302  1.00 13.40  ? 62  LYS A O   1 
ATOM   488  C  CB  . LYS A 1 62  ? -4.375  -14.171 -3.906  1.00 21.32  ? 62  LYS A CB  1 
ATOM   489  C  CG  . LYS A 1 62  ? -4.396  -13.714 -5.384  1.00 17.97  ? 62  LYS A CG  1 
ATOM   490  C  CD  . LYS A 1 62  ? -4.993  -14.767 -6.350  1.00 36.85  ? 62  LYS A CD  1 
ATOM   491  N  N   . LYS A 1 63  ? -6.677  -12.757 -2.146  1.00 13.34  ? 63  LYS A N   1 
ATOM   492  C  CA  . LYS A 1 63  ? -7.888  -11.983 -1.965  1.00 13.53  ? 63  LYS A CA  1 
ATOM   493  C  C   . LYS A 1 63  ? -7.584  -10.774 -1.054  1.00 20.07  ? 63  LYS A C   1 
ATOM   494  O  O   . LYS A 1 63  ? -8.016  -9.655  -1.309  1.00 16.67  ? 63  LYS A O   1 
ATOM   495  C  CB  . LYS A 1 63  ? -8.983  -12.885 -1.382  1.00 15.58  ? 63  LYS A CB  1 
ATOM   496  C  CG  . LYS A 1 63  ? -9.629  -13.729 -2.483  1.00 22.13  ? 63  LYS A CG  1 
ATOM   497  C  CD  . LYS A 1 63  ? -10.180 -15.109 -2.126  1.00 24.69  ? 63  LYS A CD  1 
ATOM   498  C  CE  . LYS A 1 63  ? -10.536 -15.354 -0.665  1.00 50.81  ? 63  LYS A CE  1 
ATOM   499  N  NZ  . LYS A 1 63  ? -11.387 -16.546 -0.426  1.00 53.75  ? 63  LYS A NZ  1 
ATOM   500  N  N   . HIS A 1 64  ? -6.756  -10.986 -0.028  1.00 10.52  ? 64  HIS A N   1 
ATOM   501  C  CA  . HIS A 1 64  ? -6.434  -9.846  0.800   1.00 9.79   ? 64  HIS A CA  1 
ATOM   502  C  C   . HIS A 1 64  ? -5.720  -8.778  -0.020  1.00 12.02  ? 64  HIS A C   1 
ATOM   503  O  O   . HIS A 1 64  ? -6.103  -7.624  0.070   1.00 9.41   ? 64  HIS A O   1 
ATOM   504  C  CB  . HIS A 1 64  ? -5.671  -10.225 2.069   1.00 16.44  ? 64  HIS A CB  1 
ATOM   505  C  CG  . HIS A 1 64  ? -5.363  -9.002  2.913   1.00 21.30  ? 64  HIS A CG  1 
ATOM   506  N  ND1 . HIS A 1 64  ? -6.382  -8.107  3.269   1.00 19.18  ? 64  HIS A ND1 1 
ATOM   507  C  CD2 . HIS A 1 64  ? -4.168  -8.521  3.391   1.00 20.80  ? 64  HIS A CD2 1 
ATOM   508  C  CE1 . HIS A 1 64  ? -5.778  -7.163  4.010   1.00 22.75  ? 64  HIS A CE1 1 
ATOM   509  N  NE2 . HIS A 1 64  ? -4.446  -7.333  4.046   1.00 21.66  ? 64  HIS A NE2 1 
ATOM   510  N  N   . GLY A 1 65  ? -4.670  -9.168  -0.799  1.00 5.40   ? 65  GLY A N   1 
ATOM   511  C  CA  . GLY A 1 65  ? -3.953  -8.258  -1.699  1.00 3.27   ? 65  GLY A CA  1 
ATOM   512  C  C   . GLY A 1 65  ? -4.875  -7.311  -2.530  1.00 14.17  ? 65  GLY A C   1 
ATOM   513  O  O   . GLY A 1 65  ? -4.628  -6.065  -2.681  1.00 21.88  ? 65  GLY A O   1 
ATOM   514  N  N   . VAL A 1 66  ? -5.918  -7.900  -3.172  1.00 6.76   ? 66  VAL A N   1 
ATOM   515  C  CA  . VAL A 1 66  ? -6.838  -7.104  -4.048  1.00 10.27  ? 66  VAL A CA  1 
ATOM   516  C  C   . VAL A 1 66  ? -7.563  -6.070  -3.177  1.00 14.15  ? 66  VAL A C   1 
ATOM   517  O  O   . VAL A 1 66  ? -7.716  -4.911  -3.523  1.00 13.23  ? 66  VAL A O   1 
ATOM   518  C  CB  . VAL A 1 66  ? -7.795  -8.047  -4.851  1.00 15.93  ? 66  VAL A CB  1 
ATOM   519  C  CG1 . VAL A 1 66  ? -8.722  -7.309  -5.773  1.00 11.50  ? 66  VAL A CG1 1 
ATOM   520  C  CG2 . VAL A 1 66  ? -6.969  -8.949  -5.762  1.00 13.14  ? 66  VAL A CG2 1 
ATOM   521  N  N   . THR A 1 67  ? -7.877  -6.484  -1.976  1.00 18.00  ? 67  THR A N   1 
ATOM   522  C  CA  . THR A 1 67  ? -8.536  -5.576  -1.087  1.00 11.80  ? 67  THR A CA  1 
ATOM   523  C  C   . THR A 1 67  ? -7.671  -4.386  -0.743  1.00 16.51  ? 67  THR A C   1 
ATOM   524  O  O   . THR A 1 67  ? -8.128  -3.253  -0.689  1.00 13.03  ? 67  THR A O   1 
ATOM   525  C  CB  . THR A 1 67  ? -8.802  -6.319  0.198   1.00 23.52  ? 67  THR A CB  1 
ATOM   526  O  OG1 . THR A 1 67  ? -9.842  -7.105  -0.106  1.00 19.30  ? 67  THR A OG1 1 
ATOM   527  C  CG2 . THR A 1 67  ? -9.415  -5.396  1.206   1.00 19.45  ? 67  THR A CG2 1 
ATOM   528  N  N   . VAL A 1 68  ? -6.459  -4.668  -0.357  1.00 12.00  ? 68  VAL A N   1 
ATOM   529  C  CA  . VAL A 1 68  ? -5.519  -3.646  -0.037  1.00 7.93   ? 68  VAL A CA  1 
ATOM   530  C  C   . VAL A 1 68  ? -5.327  -2.754  -1.268  1.00 17.53  ? 68  VAL A C   1 
ATOM   531  O  O   . VAL A 1 68  ? -5.437  -1.496  -1.244  1.00 15.92  ? 68  VAL A O   1 
ATOM   532  C  CB  . VAL A 1 68  ? -4.136  -4.260  0.382   1.00 6.57   ? 68  VAL A CB  1 
ATOM   533  C  CG1 . VAL A 1 68  ? -3.120  -3.127  0.446   1.00 13.59  ? 68  VAL A CG1 1 
ATOM   534  C  CG2 . VAL A 1 68  ? -4.112  -5.041  1.699   1.00 6.57   ? 68  VAL A CG2 1 
ATOM   535  N  N   . LEU A 1 69  ? -5.071  -3.368  -2.413  1.00 8.88   ? 69  LEU A N   1 
ATOM   536  C  CA  . LEU A 1 69  ? -4.834  -2.462  -3.553  1.00 9.18   ? 69  LEU A CA  1 
ATOM   537  C  C   . LEU A 1 69  ? -6.032  -1.616  -3.988  1.00 14.01  ? 69  LEU A C   1 
ATOM   538  O  O   . LEU A 1 69  ? -5.941  -0.601  -4.627  1.00 20.79  ? 69  LEU A O   1 
ATOM   539  C  CB  . LEU A 1 69  ? -4.153  -3.240  -4.781  1.00 11.59  ? 69  LEU A CB  1 
ATOM   540  C  CG  . LEU A 1 69  ? -2.680  -3.691  -4.536  1.00 15.87  ? 69  LEU A CG  1 
ATOM   541  C  CD1 . LEU A 1 69  ? -2.083  -4.561  -5.628  1.00 7.62   ? 69  LEU A CD1 1 
ATOM   542  C  CD2 . LEU A 1 69  ? -1.820  -2.439  -4.397  1.00 15.84  ? 69  LEU A CD2 1 
ATOM   543  N  N   . THR A 1 70  ? -7.200  -2.163  -3.832  1.00 13.82  ? 70  THR A N   1 
ATOM   544  C  CA  . THR A 1 70  ? -8.458  -1.564  -4.231  1.00 8.42   ? 70  THR A CA  1 
ATOM   545  C  C   . THR A 1 70  ? -8.735  -0.298  -3.415  1.00 8.38   ? 70  THR A C   1 
ATOM   546  O  O   . THR A 1 70  ? -9.058  0.775   -3.926  1.00 9.15   ? 70  THR A O   1 
ATOM   547  C  CB  . THR A 1 70  ? -9.431  -2.735  -3.882  1.00 19.06  ? 70  THR A CB  1 
ATOM   548  O  OG1 . THR A 1 70  ? -9.413  -3.524  -5.027  1.00 23.02  ? 70  THR A OG1 1 
ATOM   549  C  CG2 . THR A 1 70  ? -10.814 -2.257  -3.690  1.00 30.25  ? 70  THR A CG2 1 
ATOM   550  N  N   . ALA A 1 71  ? -8.491  -0.404  -2.113  1.00 8.70   ? 71  ALA A N   1 
ATOM   551  C  CA  . ALA A 1 71  ? -8.689  0.734   -1.245  1.00 7.02   ? 71  ALA A CA  1 
ATOM   552  C  C   . ALA A 1 71  ? -7.652  1.745   -1.540  1.00 18.33  ? 71  ALA A C   1 
ATOM   553  O  O   . ALA A 1 71  ? -7.965  2.886   -1.871  1.00 22.86  ? 71  ALA A O   1 
ATOM   554  C  CB  . ALA A 1 71  ? -8.681  0.314   0.198   1.00 11.55  ? 71  ALA A CB  1 
ATOM   555  N  N   . LEU A 1 72  ? -6.381  1.295   -1.583  1.00 10.76  ? 72  LEU A N   1 
ATOM   556  C  CA  . LEU A 1 72  ? -5.398  2.279   -2.005  1.00 9.53   ? 72  LEU A CA  1 
ATOM   557  C  C   . LEU A 1 72  ? -5.738  3.079   -3.300  1.00 6.62   ? 72  LEU A C   1 
ATOM   558  O  O   . LEU A 1 72  ? -5.558  4.322   -3.404  1.00 9.42   ? 72  LEU A O   1 
ATOM   559  C  CB  . LEU A 1 72  ? -3.972  1.666   -2.020  1.00 14.76  ? 72  LEU A CB  1 
ATOM   560  C  CG  . LEU A 1 72  ? -2.862  2.670   -2.359  1.00 13.30  ? 72  LEU A CG  1 
ATOM   561  C  CD1 . LEU A 1 72  ? -2.815  3.798   -1.320  1.00 10.82  ? 72  LEU A CD1 1 
ATOM   562  C  CD2 . LEU A 1 72  ? -1.490  1.947   -2.370  1.00 14.37  ? 72  LEU A CD2 1 
ATOM   563  N  N   . GLY A 1 73  ? -6.103  2.350   -4.338  1.00 7.62   ? 73  GLY A N   1 
ATOM   564  C  CA  . GLY A 1 73  ? -6.390  2.940   -5.601  1.00 10.50  ? 73  GLY A CA  1 
ATOM   565  C  C   . GLY A 1 73  ? -7.516  3.905   -5.460  1.00 15.54  ? 73  GLY A C   1 
ATOM   566  O  O   . GLY A 1 73  ? -7.520  4.996   -6.075  1.00 11.84  ? 73  GLY A O   1 
ATOM   567  N  N   . ALA A 1 74  ? -8.509  3.534   -4.676  1.00 11.91  ? 74  ALA A N   1 
ATOM   568  C  CA  . ALA A 1 74  ? -9.597  4.496   -4.537  1.00 17.73  ? 74  ALA A CA  1 
ATOM   569  C  C   . ALA A 1 74  ? -9.080  5.816   -3.945  1.00 8.20   ? 74  ALA A C   1 
ATOM   570  O  O   . ALA A 1 74  ? -9.430  6.941   -4.385  1.00 16.24  ? 74  ALA A O   1 
ATOM   571  C  CB  . ALA A 1 74  ? -10.695 3.956   -3.603  1.00 22.01  ? 74  ALA A CB  1 
ATOM   572  N  N   . ILE A 1 75  ? -8.209  5.667   -2.947  1.00 13.82  ? 75  ILE A N   1 
ATOM   573  C  CA  . ILE A 1 75  ? -7.600  6.883   -2.327  1.00 9.96   ? 75  ILE A CA  1 
ATOM   574  C  C   . ILE A 1 75  ? -6.804  7.732   -3.345  1.00 15.15  ? 75  ILE A C   1 
ATOM   575  O  O   . ILE A 1 75  ? -6.945  8.955   -3.527  1.00 12.39  ? 75  ILE A O   1 
ATOM   576  C  CB  . ILE A 1 75  ? -6.627  6.429   -1.252  1.00 16.67  ? 75  ILE A CB  1 
ATOM   577  C  CG1 . ILE A 1 75  ? -7.502  5.970   -0.080  1.00 15.31  ? 75  ILE A CG1 1 
ATOM   578  C  CG2 . ILE A 1 75  ? -5.847  7.690   -0.781  1.00 22.86  ? 75  ILE A CG2 1 
ATOM   579  C  CD1 . ILE A 1 75  ? -6.744  5.104   0.905   1.00 20.27  ? 75  ILE A CD1 1 
ATOM   580  N  N   . LEU A 1 76  ? -5.851  7.092   -4.026  1.00 20.40  ? 76  LEU A N   1 
ATOM   581  C  CA  . LEU A 1 76  ? -5.057  7.866   -4.998  1.00 16.85  ? 76  LEU A CA  1 
ATOM   582  C  C   . LEU A 1 76  ? -5.850  8.600   -6.029  1.00 15.96  ? 76  LEU A C   1 
ATOM   583  O  O   . LEU A 1 76  ? -5.488  9.655   -6.476  1.00 21.87  ? 76  LEU A O   1 
ATOM   584  C  CB  . LEU A 1 76  ? -4.049  6.975   -5.715  1.00 14.16  ? 76  LEU A CB  1 
ATOM   585  C  CG  . LEU A 1 76  ? -3.168  6.164   -4.775  1.00 12.16  ? 76  LEU A CG  1 
ATOM   586  C  CD1 . LEU A 1 76  ? -2.392  5.157   -5.602  1.00 18.93  ? 76  LEU A CD1 1 
ATOM   587  C  CD2 . LEU A 1 76  ? -2.132  7.081   -4.145  1.00 2.22   ? 76  LEU A CD2 1 
ATOM   588  N  N   . LYS A 1 77  ? -6.957  8.042   -6.466  1.00 11.13  ? 77  LYS A N   1 
ATOM   589  C  CA  . LYS A 1 77  ? -7.743  8.667   -7.512  1.00 12.22  ? 77  LYS A CA  1 
ATOM   590  C  C   . LYS A 1 77  ? -8.424  9.948   -7.113  1.00 18.48  ? 77  LYS A C   1 
ATOM   591  O  O   . LYS A 1 77  ? -8.991  10.678  -7.935  1.00 11.56  ? 77  LYS A O   1 
ATOM   592  C  CB  . LYS A 1 77  ? -8.783  7.645   -8.057  1.00 21.61  ? 77  LYS A CB  1 
ATOM   593  C  CG  . LYS A 1 77  ? -8.178  6.566   -9.025  1.00 20.23  ? 77  LYS A CG  1 
ATOM   594  C  CD  . LYS A 1 77  ? -9.201  5.502   -9.430  1.00 36.42  ? 77  LYS A CD  1 
ATOM   595  C  CE  . LYS A 1 77  ? -8.642  4.206   -10.008 1.00 33.86  ? 77  LYS A CE  1 
ATOM   596  N  NZ  . LYS A 1 77  ? -9.227  3.851   -11.319 1.00 87.18  ? 77  LYS A NZ  1 
ATOM   597  N  N   . LYS A 1 78  ? -8.369  10.200  -5.818  1.00 17.68  ? 78  LYS A N   1 
ATOM   598  C  CA  . LYS A 1 78  ? -8.978  11.384  -5.263  1.00 11.23  ? 78  LYS A CA  1 
ATOM   599  C  C   . LYS A 1 78  ? -8.077  12.608  -5.327  1.00 24.20  ? 78  LYS A C   1 
ATOM   600  O  O   . LYS A 1 78  ? -8.550  13.725  -4.943  1.00 17.26  ? 78  LYS A O   1 
ATOM   601  C  CB  . LYS A 1 78  ? -9.406  11.164  -3.822  1.00 7.82   ? 78  LYS A CB  1 
ATOM   602  C  CG  . LYS A 1 78  ? -10.583 10.262  -3.604  1.00 16.96  ? 78  LYS A CG  1 
ATOM   603  C  CD  . LYS A 1 78  ? -11.860 10.800  -4.264  1.00 47.69  ? 78  LYS A CD  1 
ATOM   604  C  CE  . LYS A 1 78  ? -12.077 12.346  -4.125  1.00 100.00 ? 78  LYS A CE  1 
ATOM   605  N  NZ  . LYS A 1 78  ? -13.110 12.849  -3.136  1.00 36.74  ? 78  LYS A NZ  1 
ATOM   606  N  N   . LYS A 1 79  ? -6.764  12.358  -5.734  1.00 15.72  ? 79  LYS A N   1 
ATOM   607  C  CA  . LYS A 1 79  ? -5.744  13.414  -5.811  1.00 3.86   ? 79  LYS A CA  1 
ATOM   608  C  C   . LYS A 1 79  ? -5.758  14.366  -4.585  1.00 22.52  ? 79  LYS A C   1 
ATOM   609  O  O   . LYS A 1 79  ? -5.944  15.586  -4.670  1.00 24.61  ? 79  LYS A O   1 
ATOM   610  C  CB  . LYS A 1 79  ? -5.937  14.170  -7.114  1.00 8.25   ? 79  LYS A CB  1 
ATOM   611  C  CG  . LYS A 1 79  ? -6.206  13.202  -8.248  1.00 20.94  ? 79  LYS A CG  1 
ATOM   612  C  CD  . LYS A 1 79  ? -6.767  13.915  -9.448  1.00 40.14  ? 79  LYS A CD  1 
ATOM   613  C  CE  . LYS A 1 79  ? -5.684  14.435  -10.367 1.00 32.02  ? 79  LYS A CE  1 
ATOM   614  N  NZ  . LYS A 1 79  ? -6.040  14.268  -11.797 1.00 55.21  ? 79  LYS A NZ  1 
ATOM   615  N  N   . GLY A 1 80  ? -5.599  13.806  -3.407  1.00 17.09  ? 80  GLY A N   1 
ATOM   616  C  CA  . GLY A 1 80  ? -5.572  14.698  -2.296  1.00 19.91  ? 80  GLY A CA  1 
ATOM   617  C  C   . GLY A 1 80  ? -6.881  14.747  -1.567  1.00 22.98  ? 80  GLY A C   1 
ATOM   618  O  O   . GLY A 1 80  ? -6.865  14.738  -0.398  1.00 21.04  ? 80  GLY A O   1 
ATOM   619  N  N   . HIS A 1 81  ? -8.008  14.651  -2.240  1.00 16.68  ? 81  HIS A N   1 
ATOM   620  C  CA  . HIS A 1 81  ? -9.294  14.750  -1.571  1.00 11.15  ? 81  HIS A CA  1 
ATOM   621  C  C   . HIS A 1 81  ? -9.847  13.472  -1.067  1.00 13.03  ? 81  HIS A C   1 
ATOM   622  O  O   . HIS A 1 81  ? -10.938 13.164  -1.438  1.00 12.50  ? 81  HIS A O   1 
ATOM   623  C  CB  . HIS A 1 81  ? -10.331 15.354  -2.505  1.00 8.06   ? 81  HIS A CB  1 
ATOM   624  C  CG  . HIS A 1 81  ? -9.766  16.601  -3.019  1.00 21.90  ? 81  HIS A CG  1 
ATOM   625  N  ND1 . HIS A 1 81  ? -10.295 17.810  -2.622  1.00 29.85  ? 81  HIS A ND1 1 
ATOM   626  C  CD2 . HIS A 1 81  ? -8.690  16.838  -3.827  1.00 31.76  ? 81  HIS A CD2 1 
ATOM   627  C  CE1 . HIS A 1 81  ? -9.538  18.732  -3.180  1.00 28.11  ? 81  HIS A CE1 1 
ATOM   628  N  NE2 . HIS A 1 81  ? -8.580  18.186  -3.926  1.00 28.61  ? 81  HIS A NE2 1 
ATOM   629  N  N   . HIS A 1 82  ? -9.163  12.775  -0.212  1.00 13.59  ? 82  HIS A N   1 
ATOM   630  C  CA  . HIS A 1 82  ? -9.598  11.451  0.187   1.00 13.35  ? 82  HIS A CA  1 
ATOM   631  C  C   . HIS A 1 82  ? -9.942  11.225  1.644   1.00 14.32  ? 82  HIS A C   1 
ATOM   632  O  O   . HIS A 1 82  ? -9.922  10.106  2.054   1.00 10.20  ? 82  HIS A O   1 
ATOM   633  C  CB  . HIS A 1 82  ? -8.366  10.615  -0.095  1.00 9.85   ? 82  HIS A CB  1 
ATOM   634  C  CG  . HIS A 1 82  ? -7.159  11.212  0.618   1.00 19.44  ? 82  HIS A CG  1 
ATOM   635  N  ND1 . HIS A 1 82  ? -5.963  11.413  -0.055  1.00 22.82  ? 82  HIS A ND1 1 
ATOM   636  C  CD2 . HIS A 1 82  ? -6.940  11.606  1.932   1.00 22.22  ? 82  HIS A CD2 1 
ATOM   637  C  CE1 . HIS A 1 82  ? -5.033  11.873  0.817   1.00 16.90  ? 82  HIS A CE1 1 
ATOM   638  N  NE2 . HIS A 1 82  ? -5.579  11.995  2.014   1.00 14.73  ? 82  HIS A NE2 1 
ATOM   639  N  N   . GLU A 1 83  ? -10.374 12.213  2.371   1.00 14.06  ? 83  GLU A N   1 
ATOM   640  C  CA  . GLU A 1 83  ? -10.725 12.110  3.832   1.00 22.11  ? 83  GLU A CA  1 
ATOM   641  C  C   . GLU A 1 83  ? -11.793 11.095  4.153   1.00 22.34  ? 83  GLU A C   1 
ATOM   642  O  O   . GLU A 1 83  ? -11.701 10.249  5.055   1.00 21.19  ? 83  GLU A O   1 
ATOM   643  C  CB  . GLU A 1 83  ? -11.012 13.443  4.556   1.00 27.60  ? 83  GLU A CB  1 
ATOM   644  C  CG  . GLU A 1 83  ? -11.533 14.647  3.695   1.00 89.82  ? 83  GLU A CG  1 
ATOM   645  C  CD  . GLU A 1 83  ? -10.926 14.946  2.307   1.00 100.00 ? 83  GLU A CD  1 
ATOM   646  O  OE1 . GLU A 1 83  ? -11.273 14.345  1.292   1.00 100.00 ? 83  GLU A OE1 1 
ATOM   647  O  OE2 . GLU A 1 83  ? -10.172 16.036  2.252   1.00 100.00 ? 83  GLU A OE2 1 
ATOM   648  N  N   . ALA A 1 84  ? -12.778 11.108  3.289   1.00 19.50  ? 84  ALA A N   1 
ATOM   649  C  CA  . ALA A 1 84  ? -13.852 10.153  3.400   1.00 15.79  ? 84  ALA A CA  1 
ATOM   650  C  C   . ALA A 1 84  ? -13.306 8.783   3.265   1.00 18.66  ? 84  ALA A C   1 
ATOM   651  O  O   . ALA A 1 84  ? -13.519 7.989   4.094   1.00 17.49  ? 84  ALA A O   1 
ATOM   652  C  CB  . ALA A 1 84  ? -14.875 10.400  2.304   1.00 12.70  ? 84  ALA A CB  1 
ATOM   653  N  N   . GLU A 1 85  ? -12.553 8.537   2.225   1.00 19.91  ? 85  GLU A N   1 
ATOM   654  C  CA  . GLU A 1 85  ? -11.939 7.255   2.016   1.00 14.24  ? 85  GLU A CA  1 
ATOM   655  C  C   . GLU A 1 85  ? -10.972 6.821   3.085   1.00 20.12  ? 85  GLU A C   1 
ATOM   656  O  O   . GLU A 1 85  ? -10.957 5.682   3.571   1.00 17.24  ? 85  GLU A O   1 
ATOM   657  C  CB  . GLU A 1 85  ? -11.257 7.343   0.646   1.00 21.51  ? 85  GLU A CB  1 
ATOM   658  C  CG  . GLU A 1 85  ? -12.329 7.379   -0.468  1.00 9.77   ? 85  GLU A CG  1 
ATOM   659  C  CD  . GLU A 1 85  ? -12.837 8.763   -0.660  1.00 21.32  ? 85  GLU A CD  1 
ATOM   660  O  OE1 . GLU A 1 85  ? -12.375 9.775   -0.093  1.00 23.66  ? 85  GLU A OE1 1 
ATOM   661  O  OE2 . GLU A 1 85  ? -13.956 8.730   -1.335  1.00 23.09  ? 85  GLU A OE2 1 
ATOM   662  N  N   . LEU A 1 86  ? -10.107 7.747   3.445   1.00 19.14  ? 86  LEU A N   1 
ATOM   663  C  CA  . LEU A 1 86  ? -9.071  7.478   4.376   1.00 16.91  ? 86  LEU A CA  1 
ATOM   664  C  C   . LEU A 1 86  ? -9.545  7.165   5.834   1.00 19.05  ? 86  LEU A C   1 
ATOM   665  O  O   . LEU A 1 86  ? -8.948  6.369   6.586   1.00 20.15  ? 86  LEU A O   1 
ATOM   666  C  CB  . LEU A 1 86  ? -8.107  8.701   4.262   1.00 19.48  ? 86  LEU A CB  1 
ATOM   667  C  CG  . LEU A 1 86  ? -6.783  8.624   5.024   1.00 25.49  ? 86  LEU A CG  1 
ATOM   668  C  CD1 . LEU A 1 86  ? -5.647  8.880   4.069   1.00 25.78  ? 86  LEU A CD1 1 
ATOM   669  C  CD2 . LEU A 1 86  ? -6.688  9.819   5.969   1.00 31.95  ? 86  LEU A CD2 1 
ATOM   670  N  N   . LYS A 1 87  ? -10.607 7.849   6.264   1.00 17.92  ? 87  LYS A N   1 
ATOM   671  C  CA  . LYS A 1 87  ? -11.064 7.755   7.652   1.00 18.31  ? 87  LYS A CA  1 
ATOM   672  C  C   . LYS A 1 87  ? -11.269 6.353   8.192   1.00 23.30  ? 87  LYS A C   1 
ATOM   673  O  O   . LYS A 1 87  ? -10.760 6.058   9.277   1.00 15.41  ? 87  LYS A O   1 
ATOM   674  C  CB  . LYS A 1 87  ? -12.311 8.571   7.845   1.00 18.63  ? 87  LYS A CB  1 
ATOM   675  C  CG  . LYS A 1 87  ? -12.161 9.885   8.588   1.00 43.97  ? 87  LYS A CG  1 
ATOM   676  C  CD  . LYS A 1 87  ? -13.250 10.110  9.649   1.00 85.70  ? 87  LYS A CD  1 
ATOM   677  C  CE  . LYS A 1 87  ? -14.303 11.166  9.287   1.00 82.47  ? 87  LYS A CE  1 
ATOM   678  N  NZ  . LYS A 1 87  ? -15.697 10.688  9.430   1.00 65.18  ? 87  LYS A NZ  1 
ATOM   679  N  N   . PRO A 1 88  ? -12.020 5.492   7.419   1.00 21.22  ? 88  PRO A N   1 
ATOM   680  C  CA  . PRO A 1 88  ? -12.271 4.128   7.880   1.00 15.92  ? 88  PRO A CA  1 
ATOM   681  C  C   . PRO A 1 88  ? -11.000 3.316   8.220   1.00 20.99  ? 88  PRO A C   1 
ATOM   682  O  O   . PRO A 1 88  ? -10.914 2.544   9.244   1.00 16.91  ? 88  PRO A O   1 
ATOM   683  C  CB  . PRO A 1 88  ? -13.322 3.491   6.927   1.00 8.43   ? 88  PRO A CB  1 
ATOM   684  C  CG  . PRO A 1 88  ? -13.638 4.521   5.876   1.00 17.25  ? 88  PRO A CG  1 
ATOM   685  C  CD  . PRO A 1 88  ? -12.763 5.753   6.128   1.00 10.16  ? 88  PRO A CD  1 
ATOM   686  N  N   . LEU A 1 89  ? -9.957  3.582   7.414   1.00 14.10  ? 89  LEU A N   1 
ATOM   687  C  CA  . LEU A 1 89  ? -8.650  2.941   7.529   1.00 8.94   ? 89  LEU A CA  1 
ATOM   688  C  C   . LEU A 1 89  ? -7.876  3.423   8.772   1.00 6.42   ? 89  LEU A C   1 
ATOM   689  O  O   . LEU A 1 89  ? -7.293  2.685   9.544   1.00 13.50  ? 89  LEU A O   1 
ATOM   690  C  CB  . LEU A 1 89  ? -7.963  3.428   6.239   1.00 16.36  ? 89  LEU A CB  1 
ATOM   691  C  CG  . LEU A 1 89  ? -8.052  2.465   5.089   1.00 27.44  ? 89  LEU A CG  1 
ATOM   692  C  CD1 . LEU A 1 89  ? -6.960  2.900   4.105   1.00 30.03  ? 89  LEU A CD1 1 
ATOM   693  C  CD2 . LEU A 1 89  ? -7.879  1.026   5.657   1.00 19.25  ? 89  LEU A CD2 1 
ATOM   694  N  N   . ALA A 1 90  ? -7.878  4.697   8.990   1.00 7.52   ? 90  ALA A N   1 
ATOM   695  C  CA  . ALA A 1 90  ? -7.248  5.200   10.235  1.00 12.45  ? 90  ALA A CA  1 
ATOM   696  C  C   . ALA A 1 90  ? -7.988  4.631   11.466  1.00 12.08  ? 90  ALA A C   1 
ATOM   697  O  O   . ALA A 1 90  ? -7.436  4.106   12.491  1.00 17.71  ? 90  ALA A O   1 
ATOM   698  C  CB  . ALA A 1 90  ? -7.372  6.718   10.200  1.00 8.84   ? 90  ALA A CB  1 
ATOM   699  N  N   . GLN A 1 91  ? -9.299  4.650   11.347  1.00 7.60   ? 91  GLN A N   1 
ATOM   700  C  CA  . GLN A 1 91  ? -10.107 4.173   12.478  1.00 17.81  ? 91  GLN A CA  1 
ATOM   701  C  C   . GLN A 1 91  ? -9.793  2.742   12.829  1.00 26.52  ? 91  GLN A C   1 
ATOM   702  O  O   . GLN A 1 91  ? -9.558  2.379   14.004  1.00 20.13  ? 91  GLN A O   1 
ATOM   703  C  CB  . GLN A 1 91  ? -11.634 4.343   12.283  1.00 24.79  ? 91  GLN A CB  1 
ATOM   704  N  N   . SER A 1 92  ? -9.749  1.910   11.785  1.00 15.51  ? 92  SER A N   1 
ATOM   705  C  CA  . SER A 1 92  ? -9.442  0.560   12.060  1.00 14.96  ? 92  SER A CA  1 
ATOM   706  C  C   . SER A 1 92  ? -7.947  0.370   12.405  1.00 21.35  ? 92  SER A C   1 
ATOM   707  O  O   . SER A 1 92  ? -7.487  -0.597  13.075  1.00 18.43  ? 92  SER A O   1 
ATOM   708  C  CB  . SER A 1 92  ? -9.830  -0.273  10.810  1.00 20.76  ? 92  SER A CB  1 
ATOM   709  O  OG  . SER A 1 92  ? -8.742  -0.546  9.922   1.00 24.80  ? 92  SER A OG  1 
ATOM   710  N  N   . GLY A 1 93  ? -7.068  1.164   11.867  1.00 16.97  ? 93  GLY A N   1 
ATOM   711  C  CA  . GLY A 1 93  ? -5.707  0.731   12.229  1.00 13.72  ? 93  GLY A CA  1 
ATOM   712  C  C   . GLY A 1 93  ? -5.351  1.263   13.634  1.00 23.81  ? 93  GLY A C   1 
ATOM   713  O  O   . GLY A 1 93  ? -4.429  0.806   14.328  1.00 15.89  ? 93  GLY A O   1 
ATOM   714  N  N   . ALA A 1 94  ? -6.079  2.304   14.025  1.00 21.27  ? 94  ALA A N   1 
ATOM   715  C  CA  . ALA A 1 94  ? -5.828  2.838   15.356  1.00 18.94  ? 94  ALA A CA  1 
ATOM   716  C  C   . ALA A 1 94  ? -6.567  2.013   16.339  1.00 22.26  ? 94  ALA A C   1 
ATOM   717  O  O   . ALA A 1 94  ? -6.120  1.568   17.408  1.00 35.63  ? 94  ALA A O   1 
ATOM   718  C  CB  . ALA A 1 94  ? -6.353  4.247   15.518  1.00 20.47  ? 94  ALA A CB  1 
ATOM   719  N  N   . THR A 1 95  ? -7.751  1.775   15.989  1.00 22.14  ? 95  THR A N   1 
ATOM   720  C  CA  . THR A 1 95  ? -8.492  1.046   16.976  1.00 27.67  ? 95  THR A CA  1 
ATOM   721  C  C   . THR A 1 95  ? -8.476  -0.438  16.966  1.00 36.72  ? 95  THR A C   1 
ATOM   722  O  O   . THR A 1 95  ? -8.585  -1.051  18.011  1.00 51.03  ? 95  THR A O   1 
ATOM   723  C  CB  . THR A 1 95  ? -9.892  1.667   17.194  1.00 44.04  ? 95  THR A CB  1 
ATOM   724  O  OG1 . THR A 1 95  ? -10.856 0.956   16.486  1.00 44.84  ? 95  THR A OG1 1 
ATOM   725  C  CG2 . THR A 1 95  ? -9.897  3.100   16.684  1.00 45.74  ? 95  THR A CG2 1 
ATOM   726  N  N   . LYS A 1 96  ? -8.400  -1.052  15.813  1.00 32.26  ? 96  LYS A N   1 
ATOM   727  C  CA  . LYS A 1 96  ? -8.489  -2.495  15.833  1.00 27.03  ? 96  LYS A CA  1 
ATOM   728  C  C   . LYS A 1 96  ? -7.165  -3.204  15.719  1.00 40.79  ? 96  LYS A C   1 
ATOM   729  O  O   . LYS A 1 96  ? -6.785  -3.949  16.605  1.00 47.62  ? 96  LYS A O   1 
ATOM   730  C  CB  . LYS A 1 96  ? -9.479  -2.966  14.761  1.00 33.96  ? 96  LYS A CB  1 
ATOM   731  C  CG  . LYS A 1 96  ? -10.002 -4.404  14.891  1.00 62.79  ? 96  LYS A CG  1 
ATOM   732  C  CD  . LYS A 1 96  ? -11.004 -4.812  13.803  1.00 65.63  ? 96  LYS A CD  1 
ATOM   733  C  CE  . LYS A 1 96  ? -11.580 -6.224  13.992  1.00 100.00 ? 96  LYS A CE  1 
ATOM   734  N  NZ  . LYS A 1 96  ? -11.048 -6.987  15.150  1.00 100.00 ? 96  LYS A NZ  1 
ATOM   735  N  N   . HIS A 1 97  ? -6.480  -2.969  14.591  1.00 29.87  ? 97  HIS A N   1 
ATOM   736  C  CA  . HIS A 1 97  ? -5.264  -3.655  14.218  1.00 23.69  ? 97  HIS A CA  1 
ATOM   737  C  C   . HIS A 1 97  ? -4.010  -3.080  14.760  1.00 25.38  ? 97  HIS A C   1 
ATOM   738  O  O   . HIS A 1 97  ? -3.001  -3.777  14.799  1.00 29.84  ? 97  HIS A O   1 
ATOM   739  C  CB  . HIS A 1 97  ? -5.111  -3.643  12.712  1.00 23.26  ? 97  HIS A CB  1 
ATOM   740  C  CG  . HIS A 1 97  ? -6.323  -4.083  11.951  1.00 27.77  ? 97  HIS A CG  1 
ATOM   741  N  ND1 . HIS A 1 97  ? -6.902  -5.337  12.188  1.00 30.88  ? 97  HIS A ND1 1 
ATOM   742  C  CD2 . HIS A 1 97  ? -6.965  -3.461  10.892  1.00 29.48  ? 97  HIS A CD2 1 
ATOM   743  C  CE1 . HIS A 1 97  ? -7.894  -5.407  11.308  1.00 33.09  ? 97  HIS A CE1 1 
ATOM   744  N  NE2 . HIS A 1 97  ? -7.954  -4.311  10.510  1.00 30.96  ? 97  HIS A NE2 1 
ATOM   745  N  N   . LYS A 1 98  ? -4.044  -1.776  15.044  1.00 21.79  ? 98  LYS A N   1 
ATOM   746  C  CA  . LYS A 1 98  ? -2.874  -1.129  15.613  1.00 19.56  ? 98  LYS A CA  1 
ATOM   747  C  C   . LYS A 1 98  ? -1.675  -1.258  14.741  1.00 28.85  ? 98  LYS A C   1 
ATOM   748  O  O   . LYS A 1 98  ? -0.682  -1.909  15.082  1.00 25.46  ? 98  LYS A O   1 
ATOM   749  C  CB  . LYS A 1 98  ? -2.510  -1.602  17.005  1.00 25.31  ? 98  LYS A CB  1 
ATOM   750  C  CG  . LYS A 1 98  ? -3.723  -1.691  17.922  1.00 35.77  ? 98  LYS A CG  1 
ATOM   751  C  CD  . LYS A 1 98  ? -3.425  -1.152  19.304  1.00 41.31  ? 98  LYS A CD  1 
ATOM   752  C  CE  . LYS A 1 98  ? -4.643  -0.472  19.924  1.00 81.86  ? 98  LYS A CE  1 
ATOM   753  N  NZ  . LYS A 1 98  ? -4.757  0.955   19.576  1.00 35.19  ? 98  LYS A NZ  1 
ATOM   754  N  N   . ILE A 1 99  ? -1.761  -0.610  13.617  1.00 16.96  ? 99  ILE A N   1 
ATOM   755  C  CA  . ILE A 1 99  ? -0.632  -0.695  12.737  1.00 9.44   ? 99  ILE A CA  1 
ATOM   756  C  C   . ILE A 1 99  ? 0.177   0.548   12.813  1.00 12.73  ? 99  ILE A C   1 
ATOM   757  O  O   . ILE A 1 99  ? -0.288  1.557   12.367  1.00 15.41  ? 99  ILE A O   1 
ATOM   758  C  CB  . ILE A 1 99  ? -1.178  -0.767  11.297  1.00 14.53  ? 99  ILE A CB  1 
ATOM   759  C  CG1 . ILE A 1 99  ? -2.139  -1.917  11.090  1.00 18.67  ? 99  ILE A CG1 1 
ATOM   760  C  CG2 . ILE A 1 99  ? -0.052  -0.817  10.227  1.00 14.54  ? 99  ILE A CG2 1 
ATOM   761  C  CD1 . ILE A 1 99  ? -1.268  -3.142  11.082  1.00 15.53  ? 99  ILE A CD1 1 
ATOM   762  N  N   . PRO A 1 100 ? 1.411   0.444   13.211  1.00 15.35  ? 100 PRO A N   1 
ATOM   763  C  CA  . PRO A 1 100 ? 2.270   1.589   13.273  1.00 13.89  ? 100 PRO A CA  1 
ATOM   764  C  C   . PRO A 1 100 ? 2.617   2.243   11.939  1.00 16.97  ? 100 PRO A C   1 
ATOM   765  O  O   . PRO A 1 100 ? 2.794   1.595   10.916  1.00 13.50  ? 100 PRO A O   1 
ATOM   766  C  CB  . PRO A 1 100 ? 3.545   1.129   14.031  1.00 17.11  ? 100 PRO A CB  1 
ATOM   767  C  CG  . PRO A 1 100 ? 3.341   -0.343  14.343  1.00 23.10  ? 100 PRO A CG  1 
ATOM   768  C  CD  . PRO A 1 100 ? 2.078   -0.799  13.611  1.00 18.40  ? 100 PRO A CD  1 
ATOM   769  N  N   . ILE A 1 101 ? 2.832   3.530   11.977  1.00 9.02   ? 101 ILE A N   1 
ATOM   770  C  CA  . ILE A 1 101 ? 3.246   4.283   10.773  1.00 10.32  ? 101 ILE A CA  1 
ATOM   771  C  C   . ILE A 1 101 ? 4.465   3.689   10.031  1.00 19.40  ? 101 ILE A C   1 
ATOM   772  O  O   . ILE A 1 101 ? 4.578   3.721   8.808   1.00 18.49  ? 101 ILE A O   1 
ATOM   773  C  CB  . ILE A 1 101 ? 3.521   5.742   11.067  1.00 14.19  ? 101 ILE A CB  1 
ATOM   774  C  CG1 . ILE A 1 101 ? 2.204   6.366   11.517  1.00 13.36  ? 101 ILE A CG1 1 
ATOM   775  C  CG2 . ILE A 1 101 ? 3.995   6.396   9.728   1.00 11.93  ? 101 ILE A CG2 1 
ATOM   776  C  CD1 . ILE A 1 101 ? 1.087   6.314   10.412  1.00 16.26  ? 101 ILE A CD1 1 
ATOM   777  N  N   . LYS A 1 102 ? 5.372   3.142   10.844  1.00 17.95  ? 102 LYS A N   1 
ATOM   778  C  CA  . LYS A 1 102 ? 6.601   2.491   10.431  1.00 15.76  ? 102 LYS A CA  1 
ATOM   779  C  C   . LYS A 1 102 ? 6.255   1.358   9.506   1.00 14.02  ? 102 LYS A C   1 
ATOM   780  O  O   . LYS A 1 102 ? 6.861   1.241   8.452   1.00 17.15  ? 102 LYS A O   1 
ATOM   781  C  CB  . LYS A 1 102 ? 7.406   1.931   11.601  1.00 14.43  ? 102 LYS A CB  1 
ATOM   782  C  CG  . LYS A 1 102 ? 8.872   1.729   11.221  1.00 56.98  ? 102 LYS A CG  1 
ATOM   783  C  CD  . LYS A 1 102 ? 9.417   2.770   10.219  1.00 95.68  ? 102 LYS A CD  1 
ATOM   784  C  CE  . LYS A 1 102 ? 9.427   2.304   8.753   1.00 94.43  ? 102 LYS A CE  1 
ATOM   785  N  NZ  . LYS A 1 102 ? 10.583  2.722   7.942   1.00 80.44  ? 102 LYS A NZ  1 
ATOM   786  N  N   . TYR A 1 103 ? 5.295   0.560   9.911   1.00 9.05   ? 103 TYR A N   1 
ATOM   787  C  CA  . TYR A 1 103 ? 4.770   -0.498  9.063   1.00 10.10  ? 103 TYR A CA  1 
ATOM   788  C  C   . TYR A 1 103 ? 4.227   0.084   7.753   1.00 20.94  ? 103 TYR A C   1 
ATOM   789  O  O   . TYR A 1 103 ? 4.283   -0.504  6.683   1.00 19.21  ? 103 TYR A O   1 
ATOM   790  C  CB  . TYR A 1 103 ? 3.599   -1.169  9.764   1.00 12.89  ? 103 TYR A CB  1 
ATOM   791  C  CG  . TYR A 1 103 ? 4.139   -2.161  10.799  1.00 19.57  ? 103 TYR A CG  1 
ATOM   792  C  CD1 . TYR A 1 103 ? 3.350   -3.086  11.487  1.00 19.09  ? 103 TYR A CD1 1 
ATOM   793  C  CD2 . TYR A 1 103 ? 5.505   -2.116  11.092  1.00 21.85  ? 103 TYR A CD2 1 
ATOM   794  C  CE1 . TYR A 1 103 ? 3.949   -3.915  12.447  1.00 21.67  ? 103 TYR A CE1 1 
ATOM   795  C  CE2 . TYR A 1 103 ? 6.115   -2.949  12.032  1.00 22.65  ? 103 TYR A CE2 1 
ATOM   796  C  CZ  . TYR A 1 103 ? 5.323   -3.869  12.718  1.00 25.30  ? 103 TYR A CZ  1 
ATOM   797  O  OH  . TYR A 1 103 ? 5.922   -4.705  13.672  1.00 31.21  ? 103 TYR A OH  1 
ATOM   798  N  N   . LEU A 1 104 ? 3.654   1.259   7.823   1.00 15.06  ? 104 LEU A N   1 
ATOM   799  C  CA  . LEU A 1 104 ? 3.108   1.836   6.625   1.00 11.51  ? 104 LEU A CA  1 
ATOM   800  C  C   . LEU A 1 104 ? 4.226   2.308   5.796   1.00 22.26  ? 104 LEU A C   1 
ATOM   801  O  O   . LEU A 1 104 ? 4.120   2.272   4.549   1.00 18.82  ? 104 LEU A O   1 
ATOM   802  C  CB  . LEU A 1 104 ? 2.154   2.968   6.861   1.00 14.13  ? 104 LEU A CB  1 
ATOM   803  C  CG  . LEU A 1 104 ? 0.883   2.547   7.701   1.00 19.71  ? 104 LEU A CG  1 
ATOM   804  C  CD1 . LEU A 1 104 ? 0.060   3.813   8.042   1.00 14.46  ? 104 LEU A CD1 1 
ATOM   805  C  CD2 . LEU A 1 104 ? -0.055  1.633   6.930   1.00 18.81  ? 104 LEU A CD2 1 
ATOM   806  N  N   . GLU A 1 105 ? 5.354   2.608   6.476   1.00 10.68  ? 105 GLU A N   1 
ATOM   807  C  CA  . GLU A 1 105 ? 6.477   3.012   5.599   1.00 13.38  ? 105 GLU A CA  1 
ATOM   808  C  C   . GLU A 1 105 ? 7.072   1.797   4.882   1.00 13.90  ? 105 GLU A C   1 
ATOM   809  O  O   . GLU A 1 105 ? 7.417   1.844   3.707   1.00 13.87  ? 105 GLU A O   1 
ATOM   810  C  CB  . GLU A 1 105 ? 7.610   3.707   6.280   1.00 17.73  ? 105 GLU A CB  1 
ATOM   811  C  CG  . GLU A 1 105 ? 7.296   5.137   6.712   1.00 10.94  ? 105 GLU A CG  1 
ATOM   812  C  CD  . GLU A 1 105 ? 8.197   5.677   7.830   1.00 61.32  ? 105 GLU A CD  1 
ATOM   813  O  OE1 . GLU A 1 105 ? 8.789   5.023   8.658   1.00 20.60  ? 105 GLU A OE1 1 
ATOM   814  O  OE2 . GLU A 1 105 ? 8.294   6.960   7.818   1.00 20.16  ? 105 GLU A OE2 1 
ATOM   815  N  N   . PHE A 1 106 ? 7.170   0.688   5.561   1.00 10.96  ? 106 PHE A N   1 
ATOM   816  C  CA  . PHE A 1 106 ? 7.704   -0.536  4.902   1.00 14.33  ? 106 PHE A CA  1 
ATOM   817  C  C   . PHE A 1 106 ? 6.800   -0.968  3.747   1.00 18.09  ? 106 PHE A C   1 
ATOM   818  O  O   . PHE A 1 106 ? 7.263   -1.311  2.693   1.00 14.70  ? 106 PHE A O   1 
ATOM   819  C  CB  . PHE A 1 106 ? 7.531   -1.664  5.874   1.00 18.79  ? 106 PHE A CB  1 
ATOM   820  C  CG  . PHE A 1 106 ? 8.434   -1.518  7.060   1.00 18.07  ? 106 PHE A CG  1 
ATOM   821  C  CD1 . PHE A 1 106 ? 8.273   -2.412  8.127   1.00 20.21  ? 106 PHE A CD1 1 
ATOM   822  C  CD2 . PHE A 1 106 ? 9.447   -0.557  7.085   1.00 23.98  ? 106 PHE A CD2 1 
ATOM   823  C  CE1 . PHE A 1 106 ? 9.088   -2.372  9.248   1.00 14.48  ? 106 PHE A CE1 1 
ATOM   824  C  CE2 . PHE A 1 106 ? 10.304  -0.530  8.187   1.00 29.70  ? 106 PHE A CE2 1 
ATOM   825  C  CZ  . PHE A 1 106 ? 10.118  -1.423  9.256   1.00 23.40  ? 106 PHE A CZ  1 
ATOM   826  N  N   . ILE A 1 107 ? 5.490   -0.918  3.930   1.00 10.87  ? 107 ILE A N   1 
ATOM   827  C  CA  . ILE A 1 107 ? 4.628   -1.286  2.823   1.00 15.50  ? 107 ILE A CA  1 
ATOM   828  C  C   . ILE A 1 107 ? 4.781   -0.303  1.636   1.00 13.68  ? 107 ILE A C   1 
ATOM   829  O  O   . ILE A 1 107 ? 4.826   -0.656  0.431   1.00 11.96  ? 107 ILE A O   1 
ATOM   830  C  CB  . ILE A 1 107 ? 3.174   -1.593  3.221   1.00 16.98  ? 107 ILE A CB  1 
ATOM   831  C  CG1 . ILE A 1 107 ? 2.692   -2.623  2.201   1.00 13.66  ? 107 ILE A CG1 1 
ATOM   832  C  CG2 . ILE A 1 107 ? 2.345   -0.326  2.998   1.00 6.18   ? 107 ILE A CG2 1 
ATOM   833  C  CD1 . ILE A 1 107 ? 1.191   -2.951  2.218   1.00 13.58  ? 107 ILE A CD1 1 
ATOM   834  N  N   . SER A 1 108 ? 4.946   0.940   1.932   1.00 5.31   ? 108 SER A N   1 
ATOM   835  C  CA  . SER A 1 108 ? 5.155   1.841   0.806   1.00 13.65  ? 108 SER A CA  1 
ATOM   836  C  C   . SER A 1 108 ? 6.431   1.469   0.086   1.00 23.98  ? 108 SER A C   1 
ATOM   837  O  O   . SER A 1 108 ? 6.546   1.587   -1.116  1.00 13.83  ? 108 SER A O   1 
ATOM   838  C  CB  . SER A 1 108 ? 5.306   3.269   1.279   1.00 14.94  ? 108 SER A CB  1 
ATOM   839  O  OG  . SER A 1 108 ? 4.287   3.463   2.229   1.00 19.35  ? 108 SER A OG  1 
ATOM   840  N  N   . GLU A 1 109 ? 7.425   1.042   0.845   1.00 14.24  ? 109 GLU A N   1 
ATOM   841  C  CA  . GLU A 1 109 ? 8.659   0.632   0.177   1.00 23.07  ? 109 GLU A CA  1 
ATOM   842  C  C   . GLU A 1 109 ? 8.413   -0.563  -0.763  1.00 20.83  ? 109 GLU A C   1 
ATOM   843  O  O   . GLU A 1 109 ? 8.861   -0.573  -1.878  1.00 16.20  ? 109 GLU A O   1 
ATOM   844  C  CB  . GLU A 1 109 ? 9.866   0.359   1.164   1.00 29.71  ? 109 GLU A CB  1 
ATOM   845  C  CG  . GLU A 1 109 ? 9.841   1.280   2.417   1.00 75.77  ? 109 GLU A CG  1 
ATOM   846  C  CD  . GLU A 1 109 ? 11.126  1.984   2.800   1.00 100.00 ? 109 GLU A CD  1 
ATOM   847  O  OE1 . GLU A 1 109 ? 11.980  2.321   1.987   1.00 100.00 ? 109 GLU A OE1 1 
ATOM   848  O  OE2 . GLU A 1 109 ? 11.153  2.304   4.095   1.00 48.76  ? 109 GLU A OE2 1 
ATOM   849  N  N   . ALA A 1 110 ? 7.643   -1.544  -0.282  1.00 12.35  ? 110 ALA A N   1 
ATOM   850  C  CA  . ALA A 1 110 ? 7.384   -2.681  -1.051  1.00 12.37  ? 110 ALA A CA  1 
ATOM   851  C  C   . ALA A 1 110 ? 6.628   -2.219  -2.250  1.00 19.67  ? 110 ALA A C   1 
ATOM   852  O  O   . ALA A 1 110 ? 6.954   -2.617  -3.388  1.00 13.00  ? 110 ALA A O   1 
ATOM   853  C  CB  . ALA A 1 110 ? 6.776   -3.757  -0.181  1.00 10.06  ? 110 ALA A CB  1 
ATOM   854  N  N   . ILE A 1 111 ? 5.669   -1.289  -2.077  1.00 13.77  ? 111 ILE A N   1 
ATOM   855  C  CA  . ILE A 1 111 ? 4.969   -0.905  -3.324  1.00 12.94  ? 111 ILE A CA  1 
ATOM   856  C  C   . ILE A 1 111 ? 5.931   -0.386  -4.397  1.00 20.86  ? 111 ILE A C   1 
ATOM   857  O  O   . ILE A 1 111 ? 5.850   -0.715  -5.593  1.00 11.61  ? 111 ILE A O   1 
ATOM   858  C  CB  . ILE A 1 111 ? 3.875   0.119   -3.044  1.00 13.32  ? 111 ILE A CB  1 
ATOM   859  C  CG1 . ILE A 1 111 ? 2.749   -0.508  -2.251  1.00 11.79  ? 111 ILE A CG1 1 
ATOM   860  C  CG2 . ILE A 1 111 ? 3.402   0.975   -4.205  1.00 13.27  ? 111 ILE A CG2 1 
ATOM   861  C  CD1 . ILE A 1 111 ? 1.910   0.551   -1.518  1.00 18.56  ? 111 ILE A CD1 1 
ATOM   862  N  N   . ILE A 1 112 ? 6.804   0.507   -3.969  1.00 11.48  ? 112 ILE A N   1 
ATOM   863  C  CA  . ILE A 1 112 ? 7.682   1.162   -4.907  1.00 20.61  ? 112 ILE A CA  1 
ATOM   864  C  C   . ILE A 1 112 ? 8.546   0.146   -5.727  1.00 10.88  ? 112 ILE A C   1 
ATOM   865  O  O   . ILE A 1 112 ? 8.557   0.096   -6.970  1.00 17.97  ? 112 ILE A O   1 
ATOM   866  C  CB  . ILE A 1 112 ? 8.364   2.438   -4.316  1.00 24.03  ? 112 ILE A CB  1 
ATOM   867  C  CG1 . ILE A 1 112 ? 7.459   3.690   -4.488  1.00 21.11  ? 112 ILE A CG1 1 
ATOM   868  C  CG2 . ILE A 1 112 ? 9.665   2.750   -5.039  1.00 19.86  ? 112 ILE A CG2 1 
ATOM   869  C  CD1 . ILE A 1 112 ? 7.372   4.544   -3.234  1.00 41.03  ? 112 ILE A CD1 1 
ATOM   870  N  N   . HIS A 1 113 ? 9.092   -0.731  -4.952  1.00 10.60  ? 113 HIS A N   1 
ATOM   871  C  CA  . HIS A 1 113 ? 9.935   -1.815  -5.399  1.00 14.07  ? 113 HIS A CA  1 
ATOM   872  C  C   . HIS A 1 113 ? 9.212   -2.662  -6.482  1.00 15.19  ? 113 HIS A C   1 
ATOM   873  O  O   . HIS A 1 113 ? 9.792   -3.043  -7.484  1.00 12.79  ? 113 HIS A O   1 
ATOM   874  C  CB  . HIS A 1 113 ? 10.272  -2.659  -4.168  1.00 10.67  ? 113 HIS A CB  1 
ATOM   875  C  CG  . HIS A 1 113 ? 10.897  -3.869  -4.636  1.00 24.00  ? 113 HIS A CG  1 
ATOM   876  N  ND1 . HIS A 1 113 ? 12.241  -3.895  -4.951  1.00 33.03  ? 113 HIS A ND1 1 
ATOM   877  C  CD2 . HIS A 1 113 ? 10.348  -5.074  -4.993  1.00 37.51  ? 113 HIS A CD2 1 
ATOM   878  C  CE1 . HIS A 1 113 ? 12.473  -5.104  -5.496  1.00 35.71  ? 113 HIS A CE1 1 
ATOM   879  N  NE2 . HIS A 1 113 ? 11.370  -5.853  -5.508  1.00 36.74  ? 113 HIS A NE2 1 
ATOM   880  N  N   . VAL A 1 114 ? 7.944   -3.010  -6.247  1.00 16.58  ? 114 VAL A N   1 
ATOM   881  C  CA  . VAL A 1 114 ? 7.188   -3.838  -7.181  1.00 6.26   ? 114 VAL A CA  1 
ATOM   882  C  C   . VAL A 1 114 ? 6.884   -3.082  -8.480  1.00 16.37  ? 114 VAL A C   1 
ATOM   883  O  O   . VAL A 1 114 ? 7.009   -3.600  -9.627  1.00 16.20  ? 114 VAL A O   1 
ATOM   884  C  CB  . VAL A 1 114 ? 5.970   -4.372  -6.493  1.00 13.09  ? 114 VAL A CB  1 
ATOM   885  C  CG1 . VAL A 1 114 ? 4.951   -4.914  -7.477  1.00 12.45  ? 114 VAL A CG1 1 
ATOM   886  C  CG2 . VAL A 1 114 ? 6.399   -5.555  -5.640  1.00 15.46  ? 114 VAL A CG2 1 
ATOM   887  N  N   . LEU A 1 115 ? 6.562   -1.815  -8.317  1.00 8.10   ? 115 LEU A N   1 
ATOM   888  C  CA  . LEU A 1 115 ? 6.171   -1.071  -9.428  1.00 15.43  ? 115 LEU A CA  1 
ATOM   889  C  C   . LEU A 1 115 ? 7.381   -0.929  -10.279 1.00 27.17  ? 115 LEU A C   1 
ATOM   890  O  O   . LEU A 1 115 ? 7.364   -0.675  -11.492 1.00 15.50  ? 115 LEU A O   1 
ATOM   891  C  CB  . LEU A 1 115 ? 5.774   0.363   -9.012  1.00 17.97  ? 115 LEU A CB  1 
ATOM   892  C  CG  . LEU A 1 115 ? 4.320   0.437   -8.475  1.00 24.92  ? 115 LEU A CG  1 
ATOM   893  C  CD1 . LEU A 1 115 ? 3.756   1.843   -8.471  1.00 20.81  ? 115 LEU A CD1 1 
ATOM   894  C  CD2 . LEU A 1 115 ? 3.367   -0.565  -9.154  1.00 17.92  ? 115 LEU A CD2 1 
ATOM   895  N  N   . HIS A 1 116 ? 8.461   -0.830  -9.581  1.00 21.55  ? 116 HIS A N   1 
ATOM   896  C  CA  . HIS A 1 116 ? 9.648   -0.596  -10.396 1.00 20.04  ? 116 HIS A CA  1 
ATOM   897  C  C   . HIS A 1 116 ? 10.079  -1.884  -11.068 1.00 14.85  ? 116 HIS A C   1 
ATOM   898  O  O   . HIS A 1 116 ? 10.390  -1.827  -12.233 1.00 18.81  ? 116 HIS A O   1 
ATOM   899  C  CB  . HIS A 1 116 ? 10.714  0.189   -9.694  1.00 26.31  ? 116 HIS A CB  1 
ATOM   900  C  CG  . HIS A 1 116 ? 11.889  0.496   -10.559 1.00 43.73  ? 116 HIS A CG  1 
ATOM   901  N  ND1 . HIS A 1 116 ? 11.787  1.415   -11.628 1.00 53.93  ? 116 HIS A ND1 1 
ATOM   902  C  CD2 . HIS A 1 116 ? 13.194  0.052   -10.445 1.00 41.12  ? 116 HIS A CD2 1 
ATOM   903  C  CE1 . HIS A 1 116 ? 13.027  1.505   -12.136 1.00 49.09  ? 116 HIS A CE1 1 
ATOM   904  N  NE2 . HIS A 1 116 ? 13.874  0.706   -11.436 1.00 44.15  ? 116 HIS A NE2 1 
ATOM   905  N  N   . SER A 1 117 ? 9.981   -3.056  -10.366 1.00 15.10  ? 117 SER A N   1 
ATOM   906  C  CA  . SER A 1 117 ? 10.279  -4.363  -10.949 1.00 18.56  ? 117 SER A CA  1 
ATOM   907  C  C   . SER A 1 117 ? 9.376   -4.639  -12.140 1.00 23.05  ? 117 SER A C   1 
ATOM   908  O  O   . SER A 1 117 ? 9.805   -5.116  -13.146 1.00 20.53  ? 117 SER A O   1 
ATOM   909  C  CB  . SER A 1 117 ? 10.101  -5.511  -9.988  1.00 20.43  ? 117 SER A CB  1 
ATOM   910  O  OG  . SER A 1 117 ? 11.076  -5.319  -9.000  1.00 32.56  ? 117 SER A OG  1 
ATOM   911  N  N   . ARG A 1 118 ? 8.127   -4.285  -12.081 1.00 19.31  ? 118 ARG A N   1 
ATOM   912  C  CA  . ARG A 1 118 ? 7.207   -4.533  -13.210 1.00 13.12  ? 118 ARG A CA  1 
ATOM   913  C  C   . ARG A 1 118 ? 7.094   -3.512  -14.324 1.00 16.38  ? 118 ARG A C   1 
ATOM   914  O  O   . ARG A 1 118 ? 6.717   -3.838  -15.430 1.00 8.77   ? 118 ARG A O   1 
ATOM   915  C  CB  . ARG A 1 118 ? 5.821   -4.799  -12.587 1.00 19.63  ? 118 ARG A CB  1 
ATOM   916  C  CG  . ARG A 1 118 ? 5.900   -6.231  -12.121 1.00 11.73  ? 118 ARG A CG  1 
ATOM   917  C  CD  . ARG A 1 118 ? 5.097   -6.777  -10.937 1.00 32.75  ? 118 ARG A CD  1 
ATOM   918  N  NE  . ARG A 1 118 ? 4.006   -7.468  -11.527 1.00 14.19  ? 118 ARG A NE  1 
ATOM   919  C  CZ  . ARG A 1 118 ? 3.264   -8.553  -11.368 1.00 33.77  ? 118 ARG A CZ  1 
ATOM   920  N  NH1 . ARG A 1 118 ? 3.286   -9.497  -10.440 1.00 13.28  ? 118 ARG A NH1 1 
ATOM   921  N  NH2 . ARG A 1 118 ? 2.375   -8.618  -12.334 1.00 7.07   ? 118 ARG A NH2 1 
ATOM   922  N  N   . HIS A 1 119 ? 7.281   -2.224  -14.050 1.00 16.09  ? 119 HIS A N   1 
ATOM   923  C  CA  . HIS A 1 119 ? 7.027   -1.170  -15.041 1.00 14.65  ? 119 HIS A CA  1 
ATOM   924  C  C   . HIS A 1 119 ? 8.147   -0.140  -15.106 1.00 13.34  ? 119 HIS A C   1 
ATOM   925  O  O   . HIS A 1 119 ? 7.924   1.076   -15.167 1.00 15.92  ? 119 HIS A O   1 
ATOM   926  C  CB  . HIS A 1 119 ? 5.672   -0.498  -14.771 1.00 20.09  ? 119 HIS A CB  1 
ATOM   927  C  CG  . HIS A 1 119 ? 4.606   -1.452  -14.312 1.00 22.43  ? 119 HIS A CG  1 
ATOM   928  N  ND1 . HIS A 1 119 ? 3.833   -2.156  -15.202 1.00 22.03  ? 119 HIS A ND1 1 
ATOM   929  C  CD2 . HIS A 1 119 ? 4.175   -1.815  -13.053 1.00 22.39  ? 119 HIS A CD2 1 
ATOM   930  C  CE1 . HIS A 1 119 ? 2.983   -2.919  -14.508 1.00 18.58  ? 119 HIS A CE1 1 
ATOM   931  N  NE2 . HIS A 1 119 ? 3.124   -2.717  -13.211 1.00 19.00  ? 119 HIS A NE2 1 
ATOM   932  N  N   . PRO A 1 120 ? 9.363   -0.670  -15.119 1.00 23.00  ? 120 PRO A N   1 
ATOM   933  C  CA  . PRO A 1 120 ? 10.522  0.171   -15.192 1.00 23.11  ? 120 PRO A CA  1 
ATOM   934  C  C   . PRO A 1 120 ? 10.252  1.236   -16.251 1.00 35.68  ? 120 PRO A C   1 
ATOM   935  O  O   . PRO A 1 120 ? 10.315  2.425   -16.016 1.00 33.40  ? 120 PRO A O   1 
ATOM   936  C  CB  . PRO A 1 120 ? 11.643  -0.761  -15.669 1.00 26.39  ? 120 PRO A CB  1 
ATOM   937  C  CG  . PRO A 1 120 ? 11.074  -2.149  -15.982 1.00 22.28  ? 120 PRO A CG  1 
ATOM   938  C  CD  . PRO A 1 120 ? 9.592   -2.043  -15.740 1.00 20.02  ? 120 PRO A CD  1 
ATOM   939  N  N   . GLY A 1 121 ? 9.848   0.842   -17.432 1.00 25.28  ? 121 GLY A N   1 
ATOM   940  C  CA  . GLY A 1 121 ? 9.605   1.864   -18.473 1.00 26.42  ? 121 GLY A CA  1 
ATOM   941  C  C   . GLY A 1 121 ? 8.576   2.966   -18.192 1.00 29.36  ? 121 GLY A C   1 
ATOM   942  O  O   . GLY A 1 121 ? 8.516   3.966   -18.885 1.00 28.39  ? 121 GLY A O   1 
ATOM   943  N  N   . ASP A 1 122 ? 7.714   2.769   -17.220 1.00 23.96  ? 122 ASP A N   1 
ATOM   944  C  CA  . ASP A 1 122 ? 6.703   3.760   -16.951 1.00 22.33  ? 122 ASP A CA  1 
ATOM   945  C  C   . ASP A 1 122 ? 6.939   4.255   -15.561 1.00 26.68  ? 122 ASP A C   1 
ATOM   946  O  O   . ASP A 1 122 ? 6.055   4.854   -14.994 1.00 40.44  ? 122 ASP A O   1 
ATOM   947  C  CB  . ASP A 1 122 ? 5.335   3.122   -16.890 1.00 29.96  ? 122 ASP A CB  1 
ATOM   948  C  CG  . ASP A 1 122 ? 4.920   2.670   -18.243 1.00 36.66  ? 122 ASP A CG  1 
ATOM   949  O  OD1 . ASP A 1 122 ? 5.035   1.508   -18.591 1.00 47.34  ? 122 ASP A OD1 1 
ATOM   950  O  OD2 . ASP A 1 122 ? 4.488   3.670   -18.979 1.00 27.26  ? 122 ASP A OD2 1 
ATOM   951  N  N   . PHE A 1 123 ? 8.104   3.920   -15.037 1.00 14.04  ? 123 PHE A N   1 
ATOM   952  C  CA  . PHE A 1 123 ? 8.484   4.188   -13.665 1.00 20.42  ? 123 PHE A CA  1 
ATOM   953  C  C   . PHE A 1 123 ? 9.879   4.763   -13.435 1.00 24.02  ? 123 PHE A C   1 
ATOM   954  O  O   . PHE A 1 123 ? 10.700  4.156   -12.667 1.00 20.06  ? 123 PHE A O   1 
ATOM   955  C  CB  . PHE A 1 123 ? 8.282   2.972   -12.743 1.00 23.27  ? 123 PHE A CB  1 
ATOM   956  C  CG  . PHE A 1 123 ? 7.911   3.344   -11.274 1.00 24.11  ? 123 PHE A CG  1 
ATOM   957  C  CD1 . PHE A 1 123 ? 6.753   4.076   -10.979 1.00 20.39  ? 123 PHE A CD1 1 
ATOM   958  C  CD2 . PHE A 1 123 ? 8.679   2.848   -10.214 1.00 29.40  ? 123 PHE A CD2 1 
ATOM   959  C  CE1 . PHE A 1 123 ? 6.356   4.373   -9.668  1.00 20.59  ? 123 PHE A CE1 1 
ATOM   960  C  CE2 . PHE A 1 123 ? 8.279   3.091   -8.896  1.00 30.58  ? 123 PHE A CE2 1 
ATOM   961  C  CZ  . PHE A 1 123 ? 7.141   3.863   -8.626  1.00 19.58  ? 123 PHE A CZ  1 
ATOM   962  N  N   . GLY A 1 124 ? 10.082  5.938   -14.066 1.00 20.57  ? 124 GLY A N   1 
ATOM   963  C  CA  . GLY A 1 124 ? 11.328  6.646   -13.982 1.00 18.66  ? 124 GLY A CA  1 
ATOM   964  C  C   . GLY A 1 124 ? 11.410  7.496   -12.741 1.00 21.11  ? 124 GLY A C   1 
ATOM   965  O  O   . GLY A 1 124 ? 10.615  7.374   -11.813 1.00 12.84  ? 124 GLY A O   1 
ATOM   966  N  N   . ALA A 1 125 ? 12.486  8.250   -12.725 1.00 19.22  ? 125 ALA A N   1 
ATOM   967  C  CA  . ALA A 1 125 ? 12.809  9.115   -11.604 1.00 16.65  ? 125 ALA A CA  1 
ATOM   968  C  C   . ALA A 1 125 ? 11.601  9.985   -11.357 1.00 12.29  ? 125 ALA A C   1 
ATOM   969  O  O   . ALA A 1 125 ? 11.111  10.050  -10.275 1.00 23.88  ? 125 ALA A O   1 
ATOM   970  C  CB  . ALA A 1 125 ? 13.995  10.013  -12.016 1.00 14.73  ? 125 ALA A CB  1 
ATOM   971  N  N   . ASP A 1 126 ? 11.091  10.618  -12.399 1.00 11.40  ? 126 ASP A N   1 
ATOM   972  C  CA  . ASP A 1 126 ? 9.923   11.494  -12.208 1.00 14.69  ? 126 ASP A CA  1 
ATOM   973  C  C   . ASP A 1 126 ? 8.686   10.732  -11.651 1.00 19.90  ? 126 ASP A C   1 
ATOM   974  O  O   . ASP A 1 126 ? 8.019   11.191  -10.773 1.00 13.21  ? 126 ASP A O   1 
ATOM   975  C  CB  . ASP A 1 126 ? 9.548   12.142  -13.539 1.00 18.28  ? 126 ASP A CB  1 
ATOM   976  C  CG  . ASP A 1 126 ? 9.376   11.087  -14.659 1.00 69.43  ? 126 ASP A CG  1 
ATOM   977  O  OD1 . ASP A 1 126 ? 9.055   11.438  -15.789 1.00 83.95  ? 126 ASP A OD1 1 
ATOM   978  O  OD2 . ASP A 1 126 ? 9.636   9.782   -14.369 1.00 26.78  ? 126 ASP A OD2 1 
ATOM   979  N  N   . ALA A 1 127 ? 8.311   9.582   -12.183 1.00 15.16  ? 127 ALA A N   1 
ATOM   980  C  CA  . ALA A 1 127 ? 7.154   8.934   -11.638 1.00 11.51  ? 127 ALA A CA  1 
ATOM   981  C  C   . ALA A 1 127 ? 7.405   8.407   -10.244 1.00 17.24  ? 127 ALA A C   1 
ATOM   982  O  O   . ALA A 1 127 ? 6.556   8.350   -9.385  1.00 10.26  ? 127 ALA A O   1 
ATOM   983  C  CB  . ALA A 1 127 ? 6.826   7.724   -12.506 1.00 7.04   ? 127 ALA A CB  1 
ATOM   984  N  N   . GLN A 1 128 ? 8.559   7.870   -10.041 1.00 11.33  ? 128 GLN A N   1 
ATOM   985  C  CA  . GLN A 1 128 ? 8.877   7.272   -8.814  1.00 8.29   ? 128 GLN A CA  1 
ATOM   986  C  C   . GLN A 1 128 ? 8.761   8.349   -7.710  1.00 25.78  ? 128 GLN A C   1 
ATOM   987  O  O   . GLN A 1 128 ? 8.192   8.191   -6.611  1.00 18.23  ? 128 GLN A O   1 
ATOM   988  C  CB  . GLN A 1 128 ? 10.306  6.768   -9.049  1.00 11.57  ? 128 GLN A CB  1 
ATOM   989  C  CG  . GLN A 1 128 ? 10.924  5.879   -7.999  1.00 24.29  ? 128 GLN A CG  1 
ATOM   990  C  CD  . GLN A 1 128 ? 12.142  5.142   -8.612  1.00 55.29  ? 128 GLN A CD  1 
ATOM   991  O  OE1 . GLN A 1 128 ? 12.452  5.150   -9.844  1.00 28.37  ? 128 GLN A OE1 1 
ATOM   992  N  NE2 . GLN A 1 128 ? 12.872  4.475   -7.731  1.00 83.72  ? 128 GLN A NE2 1 
ATOM   993  N  N   . GLY A 1 129 ? 9.256   9.486   -8.067  1.00 11.57  ? 129 GLY A N   1 
ATOM   994  C  CA  . GLY A 1 129 ? 9.226   10.658  -7.219  1.00 17.41  ? 129 GLY A CA  1 
ATOM   995  C  C   . GLY A 1 129 ? 7.815   10.995  -6.830  1.00 20.30  ? 129 GLY A C   1 
ATOM   996  O  O   . GLY A 1 129 ? 7.542   11.030  -5.617  1.00 16.04  ? 129 GLY A O   1 
ATOM   997  N  N   . ALA A 1 130 ? 6.950   11.175  -7.865  1.00 11.41  ? 130 ALA A N   1 
ATOM   998  C  CA  . ALA A 1 130 ? 5.578   11.406  -7.701  1.00 6.34   ? 130 ALA A CA  1 
ATOM   999  C  C   . ALA A 1 130 ? 4.960   10.310  -6.856  1.00 10.79  ? 130 ALA A C   1 
ATOM   1000 O  O   . ALA A 1 130 ? 4.235   10.618  -5.954  1.00 19.71  ? 130 ALA A O   1 
ATOM   1001 C  CB  . ALA A 1 130 ? 4.827   11.443  -9.000  1.00 7.56   ? 130 ALA A CB  1 
ATOM   1002 N  N   . MET A 1 131 ? 5.217   9.043   -7.092  1.00 16.14  ? 131 MET A N   1 
ATOM   1003 C  CA  . MET A 1 131 ? 4.562   8.021   -6.257  1.00 17.40  ? 131 MET A CA  1 
ATOM   1004 C  C   . MET A 1 131 ? 4.885   8.136   -4.808  1.00 13.71  ? 131 MET A C   1 
ATOM   1005 O  O   . MET A 1 131 ? 4.006   8.008   -3.947  1.00 11.90  ? 131 MET A O   1 
ATOM   1006 C  CB  . MET A 1 131 ? 4.798   6.571   -6.704  1.00 21.17  ? 131 MET A CB  1 
ATOM   1007 C  CG  . MET A 1 131 ? 4.015   5.487   -5.959  1.00 18.25  ? 131 MET A CG  1 
ATOM   1008 S  SD  . MET A 1 131 ? 2.238   5.426   -6.274  1.00 26.47  ? 131 MET A SD  1 
ATOM   1009 C  CE  . MET A 1 131 ? 2.316   5.527   -8.050  1.00 21.94  ? 131 MET A CE  1 
ATOM   1010 N  N   . ASN A 1 132 ? 6.164   8.395   -4.574  1.00 9.49   ? 132 ASN A N   1 
ATOM   1011 C  CA  . ASN A 1 132 ? 6.668   8.572   -3.179  1.00 16.01  ? 132 ASN A CA  1 
ATOM   1012 C  C   . ASN A 1 132 ? 5.933   9.627   -2.367  1.00 16.36  ? 132 ASN A C   1 
ATOM   1013 O  O   . ASN A 1 132 ? 5.673   9.425   -1.195  1.00 16.37  ? 132 ASN A O   1 
ATOM   1014 C  CB  . ASN A 1 132 ? 8.142   8.986   -3.127  1.00 24.23  ? 132 ASN A CB  1 
ATOM   1015 C  CG  . ASN A 1 132 ? 8.949   8.023   -2.299  1.00 77.28  ? 132 ASN A CG  1 
ATOM   1016 O  OD1 . ASN A 1 132 ? 9.415   6.994   -2.832  1.00 73.88  ? 132 ASN A OD1 1 
ATOM   1017 N  ND2 . ASN A 1 132 ? 9.093   8.354   -1.007  1.00 69.55  ? 132 ASN A ND2 1 
ATOM   1018 N  N   . LYS A 1 133 ? 5.700   10.752  -3.030  1.00 9.89   ? 133 LYS A N   1 
ATOM   1019 C  CA  . LYS A 1 133 ? 4.989   11.852  -2.469  1.00 11.78  ? 133 LYS A CA  1 
ATOM   1020 C  C   . LYS A 1 133 ? 3.553   11.463  -2.160  1.00 16.55  ? 133 LYS A C   1 
ATOM   1021 O  O   . LYS A 1 133 ? 2.959   11.850  -1.095  1.00 11.40  ? 133 LYS A O   1 
ATOM   1022 C  CB  . LYS A 1 133 ? 4.967   12.983  -3.489  1.00 5.82   ? 133 LYS A CB  1 
ATOM   1023 C  CG  . LYS A 1 133 ? 6.272   13.687  -3.673  1.00 39.98  ? 133 LYS A CG  1 
ATOM   1024 C  CD  . LYS A 1 133 ? 6.186   14.725  -4.794  1.00 48.10  ? 133 LYS A CD  1 
ATOM   1025 C  CE  . LYS A 1 133 ? 6.352   16.180  -4.336  1.00 50.45  ? 133 LYS A CE  1 
ATOM   1026 N  NZ  . LYS A 1 133 ? 5.224   16.681  -3.534  1.00 84.07  ? 133 LYS A NZ  1 
ATOM   1027 N  N   . ALA A 1 134 ? 2.967   10.801  -3.169  1.00 10.83  ? 134 ALA A N   1 
ATOM   1028 C  CA  . ALA A 1 134 ? 1.595   10.373  -3.012  1.00 9.40   ? 134 ALA A CA  1 
ATOM   1029 C  C   . ALA A 1 134 ? 1.487   9.449   -1.814  1.00 12.18  ? 134 ALA A C   1 
ATOM   1030 O  O   . ALA A 1 134 ? 0.632   9.601   -0.909  1.00 14.11  ? 134 ALA A O   1 
ATOM   1031 C  CB  . ALA A 1 134 ? 1.026   9.725   -4.272  1.00 10.62  ? 134 ALA A CB  1 
ATOM   1032 N  N   . LEU A 1 135 ? 2.396   8.529   -1.692  1.00 8.33   ? 135 LEU A N   1 
ATOM   1033 C  CA  . LEU A 1 135 ? 2.324   7.636   -0.525  1.00 16.29  ? 135 LEU A CA  1 
ATOM   1034 C  C   . LEU A 1 135 ? 2.646   8.321   0.830   1.00 24.12  ? 135 LEU A C   1 
ATOM   1035 O  O   . LEU A 1 135 ? 2.223   7.921   1.947   1.00 16.84  ? 135 LEU A O   1 
ATOM   1036 C  CB  . LEU A 1 135 ? 3.159   6.360   -0.731  1.00 18.75  ? 135 LEU A CB  1 
ATOM   1037 C  CG  . LEU A 1 135 ? 2.673   5.505   -1.921  1.00 16.50  ? 135 LEU A CG  1 
ATOM   1038 C  CD1 . LEU A 1 135 ? 3.774   4.514   -2.303  1.00 12.80  ? 135 LEU A CD1 1 
ATOM   1039 C  CD2 . LEU A 1 135 ? 1.488   4.676   -1.454  1.00 5.05   ? 135 LEU A CD2 1 
ATOM   1040 N  N   . GLU A 1 136 ? 3.469   9.350   0.747   1.00 16.69  ? 136 GLU A N   1 
ATOM   1041 C  CA  . GLU A 1 136 ? 3.826   10.081  1.926   1.00 15.99  ? 136 GLU A CA  1 
ATOM   1042 C  C   . GLU A 1 136 ? 2.669   10.924  2.425   1.00 15.20  ? 136 GLU A C   1 
ATOM   1043 O  O   . GLU A 1 136 ? 2.456   11.026  3.624   1.00 13.87  ? 136 GLU A O   1 
ATOM   1044 C  CB  . GLU A 1 136 ? 4.949   10.956  1.530   1.00 16.37  ? 136 GLU A CB  1 
ATOM   1045 C  CG  . GLU A 1 136 ? 6.070   10.743  2.457   1.00 18.59  ? 136 GLU A CG  1 
ATOM   1046 C  CD  . GLU A 1 136 ? 6.779   12.059  2.520   1.00 86.51  ? 136 GLU A CD  1 
ATOM   1047 O  OE1 . GLU A 1 136 ? 6.920   12.788  1.521   1.00 46.94  ? 136 GLU A OE1 1 
ATOM   1048 O  OE2 . GLU A 1 136 ? 6.954   12.447  3.769   1.00 100.00 ? 136 GLU A OE2 1 
ATOM   1049 N  N   . LEU A 1 137 ? 1.947   11.520  1.480   1.00 15.98  ? 137 LEU A N   1 
ATOM   1050 C  CA  . LEU A 1 137 ? 0.705   12.262  1.718   1.00 15.39  ? 137 LEU A CA  1 
ATOM   1051 C  C   . LEU A 1 137 ? -0.370  11.360  2.424   1.00 22.36  ? 137 LEU A C   1 
ATOM   1052 O  O   . LEU A 1 137 ? -0.959  11.719  3.448   1.00 12.36  ? 137 LEU A O   1 
ATOM   1053 C  CB  . LEU A 1 137 ? 0.217   12.858  0.417   1.00 15.78  ? 137 LEU A CB  1 
ATOM   1054 C  CG  . LEU A 1 137 ? -1.079  13.626  0.602   1.00 22.26  ? 137 LEU A CG  1 
ATOM   1055 C  CD1 . LEU A 1 137 ? -0.820  14.918  1.305   1.00 23.30  ? 137 LEU A CD1 1 
ATOM   1056 C  CD2 . LEU A 1 137 ? -1.770  14.044  -0.701  1.00 7.40   ? 137 LEU A CD2 1 
ATOM   1057 N  N   . PHE A 1 138 ? -0.576  10.130  1.950   1.00 9.45   ? 138 PHE A N   1 
ATOM   1058 C  CA  . PHE A 1 138 ? -1.460  9.199   2.628   1.00 13.37  ? 138 PHE A CA  1 
ATOM   1059 C  C   . PHE A 1 138 ? -1.062  8.907   4.112   1.00 14.83  ? 138 PHE A C   1 
ATOM   1060 O  O   . PHE A 1 138 ? -1.849  8.809   5.090   1.00 12.44  ? 138 PHE A O   1 
ATOM   1061 C  CB  . PHE A 1 138 ? -1.209  7.950   1.799   1.00 12.55  ? 138 PHE A CB  1 
ATOM   1062 C  CG  . PHE A 1 138 ? -1.768  6.658   2.334   1.00 18.15  ? 138 PHE A CG  1 
ATOM   1063 C  CD1 . PHE A 1 138 ? -0.900  5.638   2.735   1.00 31.21  ? 138 PHE A CD1 1 
ATOM   1064 C  CD2 . PHE A 1 138 ? -3.131  6.373   2.365   1.00 25.32  ? 138 PHE A CD2 1 
ATOM   1065 C  CE1 . PHE A 1 138 ? -1.353  4.418   3.244   1.00 28.28  ? 138 PHE A CE1 1 
ATOM   1066 C  CE2 . PHE A 1 138 ? -3.610  5.140   2.821   1.00 31.22  ? 138 PHE A CE2 1 
ATOM   1067 C  CZ  . PHE A 1 138 ? -2.721  4.160   3.267   1.00 24.36  ? 138 PHE A CZ  1 
ATOM   1068 N  N   . ARG A 1 139 ? 0.219   8.584   4.289   1.00 12.22  ? 139 ARG A N   1 
ATOM   1069 C  CA  . ARG A 1 139 ? 0.794   8.243   5.559   1.00 12.62  ? 139 ARG A CA  1 
ATOM   1070 C  C   . ARG A 1 139 ? 0.687   9.379   6.623   1.00 27.10  ? 139 ARG A C   1 
ATOM   1071 O  O   . ARG A 1 139 ? 0.569   9.142   7.806   1.00 21.53  ? 139 ARG A O   1 
ATOM   1072 C  CB  . ARG A 1 139 ? 2.292   7.968   5.386   1.00 14.98  ? 139 ARG A CB  1 
ATOM   1073 C  CG  . ARG A 1 139 ? 2.524   6.541   4.964   1.00 15.56  ? 139 ARG A CG  1 
ATOM   1074 C  CD  . ARG A 1 139 ? 3.810   5.953   5.490   1.00 15.73  ? 139 ARG A CD  1 
ATOM   1075 N  NE  . ARG A 1 139 ? 4.892   6.833   5.097   1.00 26.01  ? 139 ARG A NE  1 
ATOM   1076 C  CZ  . ARG A 1 139 ? 5.339   6.958   3.874   1.00 16.59  ? 139 ARG A CZ  1 
ATOM   1077 N  NH1 . ARG A 1 139 ? 4.814   6.270   2.862   1.00 46.86  ? 139 ARG A NH1 1 
ATOM   1078 N  NH2 . ARG A 1 139 ? 6.287   7.856   3.633   1.00 21.67  ? 139 ARG A NH2 1 
ATOM   1079 N  N   . LYS A 1 140 ? 0.820   10.617  6.155   1.00 14.44  ? 140 LYS A N   1 
ATOM   1080 C  CA  . LYS A 1 140 ? 0.789   11.805  6.935   1.00 8.05   ? 140 LYS A CA  1 
ATOM   1081 C  C   . LYS A 1 140 ? -0.644  12.048  7.373   1.00 16.17  ? 140 LYS A C   1 
ATOM   1082 O  O   . LYS A 1 140 ? -0.906  12.353  8.532   1.00 21.50  ? 140 LYS A O   1 
ATOM   1083 C  CB  . LYS A 1 140 ? 1.445   12.941  6.163   1.00 6.34   ? 140 LYS A CB  1 
ATOM   1084 C  CG  . LYS A 1 140 ? 1.017   14.356  6.506   1.00 47.35  ? 140 LYS A CG  1 
ATOM   1085 N  N   . ASP A 1 141 ? -1.572  11.826  6.449   1.00 13.45  ? 141 ASP A N   1 
ATOM   1086 C  CA  . ASP A 1 141 ? -3.002  12.005  6.723   1.00 15.27  ? 141 ASP A CA  1 
ATOM   1087 C  C   . ASP A 1 141 ? -3.447  10.974  7.739   1.00 19.54  ? 141 ASP A C   1 
ATOM   1088 O  O   . ASP A 1 141 ? -4.183  11.285  8.691   1.00 25.60  ? 141 ASP A O   1 
ATOM   1089 C  CB  . ASP A 1 141 ? -3.941  12.029  5.463   1.00 12.03  ? 141 ASP A CB  1 
ATOM   1090 C  CG  . ASP A 1 141 ? -3.780  13.335  4.727   1.00 24.22  ? 141 ASP A CG  1 
ATOM   1091 O  OD1 . ASP A 1 141 ? -3.138  14.243  5.180   1.00 20.83  ? 141 ASP A OD1 1 
ATOM   1092 O  OD2 . ASP A 1 141 ? -4.509  13.469  3.644   1.00 37.19  ? 141 ASP A OD2 1 
ATOM   1093 N  N   . ILE A 1 142 ? -2.949  9.766   7.539   1.00 8.85   ? 142 ILE A N   1 
ATOM   1094 C  CA  . ILE A 1 142 ? -3.262  8.666   8.434   1.00 13.51  ? 142 ILE A CA  1 
ATOM   1095 C  C   . ILE A 1 142 ? -2.730  8.985   9.821   1.00 11.73  ? 142 ILE A C   1 
ATOM   1096 O  O   . ILE A 1 142 ? -3.432  8.795   10.804  1.00 16.68  ? 142 ILE A O   1 
ATOM   1097 C  CB  . ILE A 1 142 ? -2.617  7.354   7.988   1.00 14.69  ? 142 ILE A CB  1 
ATOM   1098 C  CG1 . ILE A 1 142 ? -3.415  6.916   6.804   1.00 23.01  ? 142 ILE A CG1 1 
ATOM   1099 C  CG2 . ILE A 1 142 ? -2.966  6.280   9.007   1.00 16.29  ? 142 ILE A CG2 1 
ATOM   1100 C  CD1 . ILE A 1 142 ? -4.330  5.846   7.305   1.00 27.21  ? 142 ILE A CD1 1 
ATOM   1101 N  N   . ALA A 1 143 ? -1.464  9.375   9.891   1.00 5.68   ? 143 ALA A N   1 
ATOM   1102 C  CA  . ALA A 1 143 ? -0.792  9.663   11.148  1.00 10.01  ? 143 ALA A CA  1 
ATOM   1103 C  C   . ALA A 1 143 ? -1.582  10.603  12.058  1.00 17.96  ? 143 ALA A C   1 
ATOM   1104 O  O   . ALA A 1 143 ? -1.706  10.329  13.247  1.00 19.30  ? 143 ALA A O   1 
ATOM   1105 C  CB  . ALA A 1 143 ? 0.670   10.161  10.945  1.00 9.75   ? 143 ALA A CB  1 
ATOM   1106 N  N   . ALA A 1 144 ? -2.079  11.702  11.450  1.00 5.69   ? 144 ALA A N   1 
ATOM   1107 C  CA  . ALA A 1 144 ? -2.895  12.741  12.096  1.00 4.42   ? 144 ALA A CA  1 
ATOM   1108 C  C   . ALA A 1 144 ? -4.225  12.184  12.604  1.00 23.55  ? 144 ALA A C   1 
ATOM   1109 O  O   . ALA A 1 144 ? -4.607  12.413  13.742  1.00 19.82  ? 144 ALA A O   1 
ATOM   1110 C  CB  . ALA A 1 144 ? -3.189  13.838  11.055  1.00 9.69   ? 144 ALA A CB  1 
ATOM   1111 N  N   . LYS A 1 145 ? -4.911  11.437  11.730  1.00 17.27  ? 145 LYS A N   1 
ATOM   1112 C  CA  . LYS A 1 145 ? -6.145  10.836  12.115  1.00 11.75  ? 145 LYS A CA  1 
ATOM   1113 C  C   . LYS A 1 145 ? -5.915  9.891   13.225  1.00 9.92   ? 145 LYS A C   1 
ATOM   1114 O  O   . LYS A 1 145 ? -6.752  9.818   14.129  1.00 14.20  ? 145 LYS A O   1 
ATOM   1115 C  CB  . LYS A 1 145 ? -6.995  10.188  10.997  1.00 10.69  ? 145 LYS A CB  1 
ATOM   1116 C  CG  . LYS A 1 145 ? -7.546  11.232  10.007  1.00 24.12  ? 145 LYS A CG  1 
ATOM   1117 C  CD  . LYS A 1 145 ? -9.063  11.425  10.004  1.00 45.05  ? 145 LYS A CD  1 
ATOM   1118 N  N   . TYR A 1 146 ? -4.816  9.139   13.190  1.00 9.34   ? 146 TYR A N   1 
ATOM   1119 C  CA  . TYR A 1 146 ? -4.534  8.201   14.279  1.00 8.85   ? 146 TYR A CA  1 
ATOM   1120 C  C   . TYR A 1 146 ? -4.448  8.930   15.642  1.00 22.81  ? 146 TYR A C   1 
ATOM   1121 O  O   . TYR A 1 146 ? -4.902  8.469   16.711  1.00 18.29  ? 146 TYR A O   1 
ATOM   1122 C  CB  . TYR A 1 146 ? -3.128  7.639   14.053  1.00 12.38  ? 146 TYR A CB  1 
ATOM   1123 C  CG  . TYR A 1 146 ? -3.036  6.309   13.305  1.00 13.42  ? 146 TYR A CG  1 
ATOM   1124 C  CD1 . TYR A 1 146 ? -1.786  5.718   13.147  1.00 14.53  ? 146 TYR A CD1 1 
ATOM   1125 C  CD2 . TYR A 1 146 ? -4.103  5.690   12.645  1.00 11.86  ? 146 TYR A CD2 1 
ATOM   1126 C  CE1 . TYR A 1 146 ? -1.612  4.478   12.540  1.00 11.93  ? 146 TYR A CE1 1 
ATOM   1127 C  CE2 . TYR A 1 146 ? -3.983  4.410   12.097  1.00 6.71   ? 146 TYR A CE2 1 
ATOM   1128 C  CZ  . TYR A 1 146 ? -2.731  3.821   12.041  1.00 16.79  ? 146 TYR A CZ  1 
ATOM   1129 O  OH  . TYR A 1 146 ? -2.548  2.653   11.423  1.00 18.79  ? 146 TYR A OH  1 
ATOM   1130 N  N   . LYS A 1 147 ? -3.811  10.075  15.628  1.00 10.25  ? 147 LYS A N   1 
ATOM   1131 C  CA  . LYS A 1 147 ? -3.587  10.778  16.879  1.00 5.84   ? 147 LYS A CA  1 
ATOM   1132 C  C   . LYS A 1 147 ? -4.893  11.259  17.409  1.00 16.04  ? 147 LYS A C   1 
ATOM   1133 O  O   . LYS A 1 147 ? -5.137  11.156  18.632  1.00 17.96  ? 147 LYS A O   1 
ATOM   1134 C  CB  . LYS A 1 147 ? -2.717  11.988  16.600  1.00 3.44   ? 147 LYS A CB  1 
ATOM   1135 C  CG  . LYS A 1 147 ? -1.243  11.699  16.815  1.00 11.94  ? 147 LYS A CG  1 
ATOM   1136 C  CD  . LYS A 1 147 ? -0.315  11.813  15.593  1.00 39.56  ? 147 LYS A CD  1 
ATOM   1137 N  N   . GLU A 1 148 ? -5.717  11.810  16.483  1.00 14.04  ? 148 GLU A N   1 
ATOM   1138 C  CA  . GLU A 1 148 ? -7.061  12.325  16.868  1.00 7.82   ? 148 GLU A CA  1 
ATOM   1139 C  C   . GLU A 1 148 ? -7.840  11.220  17.609  1.00 28.02  ? 148 GLU A C   1 
ATOM   1140 O  O   . GLU A 1 148 ? -8.700  11.509  18.426  1.00 25.89  ? 148 GLU A O   1 
ATOM   1141 C  CB  . GLU A 1 148 ? -7.974  12.632  15.724  1.00 3.98   ? 148 GLU A CB  1 
ATOM   1142 C  CG  . GLU A 1 148 ? -7.755  13.945  15.048  1.00 17.63  ? 148 GLU A CG  1 
ATOM   1143 C  CD  . GLU A 1 148 ? -8.787  14.054  13.972  1.00 24.45  ? 148 GLU A CD  1 
ATOM   1144 O  OE1 . GLU A 1 148 ? -9.560  13.145  13.685  1.00 27.52  ? 148 GLU A OE1 1 
ATOM   1145 O  OE2 . GLU A 1 148 ? -8.697  15.180  13.341  1.00 42.66  ? 148 GLU A OE2 1 
ATOM   1146 N  N   . LEU A 1 149 ? -7.552  9.934   17.326  1.00 25.00  ? 149 LEU A N   1 
ATOM   1147 C  CA  . LEU A 1 149 ? -8.227  8.783   17.956  1.00 18.41  ? 149 LEU A CA  1 
ATOM   1148 C  C   . LEU A 1 149 ? -7.494  8.254   19.163  1.00 17.78  ? 149 LEU A C   1 
ATOM   1149 O  O   . LEU A 1 149 ? -7.881  7.241   19.745  1.00 19.12  ? 149 LEU A O   1 
ATOM   1150 C  CB  . LEU A 1 149 ? -8.487  7.604   16.935  1.00 19.92  ? 149 LEU A CB  1 
ATOM   1151 C  CG  . LEU A 1 149 ? -9.215  8.130   15.721  1.00 21.62  ? 149 LEU A CG  1 
ATOM   1152 C  CD1 . LEU A 1 149 ? -9.172  7.230   14.487  1.00 27.81  ? 149 LEU A CD1 1 
ATOM   1153 C  CD2 . LEU A 1 149 ? -10.608 8.526   16.101  1.00 25.50  ? 149 LEU A CD2 1 
ATOM   1154 N  N   . GLY A 1 150 ? -6.407  8.888   19.544  1.00 17.53  ? 150 GLY A N   1 
ATOM   1155 C  CA  . GLY A 1 150 ? -5.708  8.369   20.691  1.00 13.63  ? 150 GLY A CA  1 
ATOM   1156 C  C   . GLY A 1 150 ? -4.624  7.355   20.361  1.00 26.71  ? 150 GLY A C   1 
ATOM   1157 O  O   . GLY A 1 150 ? -4.157  6.709   21.264  1.00 28.95  ? 150 GLY A O   1 
ATOM   1158 N  N   . TYR A 1 151 ? -4.199  7.171   19.104  1.00 12.79  ? 151 TYR A N   1 
ATOM   1159 C  CA  . TYR A 1 151 ? -3.161  6.204   18.842  1.00 13.44  ? 151 TYR A CA  1 
ATOM   1160 C  C   . TYR A 1 151 ? -1.952  6.932   18.321  1.00 24.59  ? 151 TYR A C   1 
ATOM   1161 O  O   . TYR A 1 151 ? -2.099  7.778   17.442  1.00 24.24  ? 151 TYR A O   1 
ATOM   1162 C  CB  . TYR A 1 151 ? -3.657  5.196   17.750  1.00 12.74  ? 151 TYR A CB  1 
ATOM   1163 C  CG  . TYR A 1 151 ? -2.653  4.127   17.432  1.00 21.19  ? 151 TYR A CG  1 
ATOM   1164 C  CD1 . TYR A 1 151 ? -2.292  3.842   16.111  1.00 22.39  ? 151 TYR A CD1 1 
ATOM   1165 C  CD2 . TYR A 1 151 ? -2.063  3.380   18.449  1.00 29.18  ? 151 TYR A CD2 1 
ATOM   1166 C  CE1 . TYR A 1 151 ? -1.326  2.889   15.770  1.00 18.42  ? 151 TYR A CE1 1 
ATOM   1167 C  CE2 . TYR A 1 151 ? -1.120  2.402   18.125  1.00 36.80  ? 151 TYR A CE2 1 
ATOM   1168 C  CZ  . TYR A 1 151 ? -0.742  2.160   16.800  1.00 28.57  ? 151 TYR A CZ  1 
ATOM   1169 O  OH  . TYR A 1 151 ? 0.167   1.183   16.524  1.00 36.13  ? 151 TYR A OH  1 
ATOM   1170 N  N   . GLN A 1 152 ? -0.757  6.642   18.837  1.00 33.00  ? 152 GLN A N   1 
ATOM   1171 C  CA  . GLN A 1 152 ? 0.445   7.240   18.224  1.00 61.05  ? 152 GLN A CA  1 
ATOM   1172 C  C   . GLN A 1 152 ? 0.068   7.442   16.744  1.00 95.13  ? 152 GLN A C   1 
ATOM   1173 O  O   . GLN A 1 152 ? 0.787   8.013   15.917  1.00 64.93  ? 152 GLN A O   1 
ATOM   1174 C  CB  . GLN A 1 152 ? 1.555   6.190   18.136  1.00 61.74  ? 152 GLN A CB  1 
ATOM   1175 C  CG  . GLN A 1 152 ? 1.321   5.429   16.812  1.00 58.49  ? 152 GLN A CG  1 
ATOM   1176 C  CD  . GLN A 1 152 ? 2.579   5.028   16.051  1.00 70.44  ? 152 GLN A CD  1 
ATOM   1177 O  OE1 . GLN A 1 152 ? 2.727   5.252   14.824  1.00 28.93  ? 152 GLN A OE1 1 
ATOM   1178 N  NE2 . GLN A 1 152 ? 3.488   4.401   16.779  1.00 48.95  ? 152 GLN A NE2 1 
HETATM 1179 C  CHA . HEM B 2 .   ? -6.948  -5.041  6.865   1.00 7.85   ? 154 HEM A CHA 1 
HETATM 1180 C  CHB . HEM B 2 .   ? -5.865  -1.634  3.520   1.00 2.20   ? 154 HEM A CHB 1 
HETATM 1181 C  CHC . HEM B 2 .   ? -1.317  -1.770  5.020   1.00 7.27   ? 154 HEM A CHC 1 
HETATM 1182 C  CHD . HEM B 2 .   ? -2.425  -4.859  8.537   1.00 8.18   ? 154 HEM A CHD 1 
HETATM 1183 C  C1A . HEM B 2 .   ? -6.930  -4.105  5.847   1.00 4.91   ? 154 HEM A C1A 1 
HETATM 1184 C  C2A . HEM B 2 .   ? -8.102  -3.813  5.024   1.00 22.57  ? 154 HEM A C2A 1 
HETATM 1185 C  C3A . HEM B 2 .   ? -7.789  -2.898  4.120   1.00 7.08   ? 154 HEM A C3A 1 
HETATM 1186 C  C4A . HEM B 2 .   ? -6.442  -2.575  4.300   1.00 5.50   ? 154 HEM A C4A 1 
HETATM 1187 C  CMA . HEM B 2 .   ? -8.664  -2.120  3.091   1.00 13.55  ? 154 HEM A CMA 1 
HETATM 1188 C  CAA . HEM B 2 .   ? -9.491  -4.389  5.306   1.00 28.73  ? 154 HEM A CAA 1 
HETATM 1189 C  CBA . HEM B 2 .   ? -10.387 -3.660  6.353   1.00 74.54  ? 154 HEM A CBA 1 
HETATM 1190 C  CGA . HEM B 2 .   ? -9.752  -3.324  7.675   1.00 35.95  ? 154 HEM A CGA 1 
HETATM 1191 O  O1A . HEM B 2 .   ? -9.400  -4.306  8.391   1.00 37.92  ? 154 HEM A O1A 1 
HETATM 1192 O  O2A . HEM B 2 .   ? -9.604  -2.094  7.915   1.00 32.75  ? 154 HEM A O2A 1 
HETATM 1193 C  C1B . HEM B 2 .   ? -4.579  -1.393  3.707   1.00 6.31   ? 154 HEM A C1B 1 
HETATM 1194 C  C2B . HEM B 2 .   ? -3.873  -0.402  2.930   1.00 9.66   ? 154 HEM A C2B 1 
HETATM 1195 C  C3B . HEM B 2 .   ? -2.625  -0.436  3.336   1.00 4.78   ? 154 HEM A C3B 1 
HETATM 1196 C  C4B . HEM B 2 .   ? -2.511  -1.464  4.392   1.00 2.57   ? 154 HEM A C4B 1 
HETATM 1197 C  CMB . HEM B 2 .   ? -4.612  0.507   1.952   1.00 17.44  ? 154 HEM A CMB 1 
HETATM 1198 C  CAB . HEM B 2 .   ? -1.429  0.424   2.895   1.00 44.67  ? 154 HEM A CAB 1 
HETATM 1199 C  CBB . HEM B 2 .   ? -1.308  0.854   1.639   1.00 19.79  ? 154 HEM A CBB 1 
HETATM 1200 C  C1C . HEM B 2 .   ? -1.257  -2.589  6.082   1.00 28.05  ? 154 HEM A C1C 1 
HETATM 1201 C  C2C . HEM B 2 .   ? -0.042  -2.815  6.773   1.00 8.53   ? 154 HEM A C2C 1 
HETATM 1202 C  C3C . HEM B 2 .   ? -0.307  -3.685  7.804   1.00 13.01  ? 154 HEM A C3C 1 
HETATM 1203 C  C4C . HEM B 2 .   ? -1.725  -3.993  7.726   1.00 20.17  ? 154 HEM A C4C 1 
HETATM 1204 C  CMC . HEM B 2 .   ? 1.257   -2.095  6.338   1.00 14.22  ? 154 HEM A CMC 1 
HETATM 1205 C  CAC . HEM B 2 .   ? 0.623   -4.119  8.979   1.00 24.41  ? 154 HEM A CAC 1 
HETATM 1206 C  CBC . HEM B 2 .   ? 1.402   -5.178  9.051   1.00 21.79  ? 154 HEM A CBC 1 
HETATM 1207 C  C1D . HEM B 2 .   ? -3.721  -5.212  8.278   1.00 15.68  ? 154 HEM A C1D 1 
HETATM 1208 C  C2D . HEM B 2 .   ? -4.391  -6.270  8.989   1.00 38.12  ? 154 HEM A C2D 1 
HETATM 1209 C  C3D . HEM B 2 .   ? -5.648  -6.254  8.595   1.00 27.35  ? 154 HEM A C3D 1 
HETATM 1210 C  C4D . HEM B 2 .   ? -5.802  -5.284  7.561   1.00 15.94  ? 154 HEM A C4D 1 
HETATM 1211 C  CMD . HEM B 2 .   ? -3.710  -7.141  10.058  1.00 19.64  ? 154 HEM A CMD 1 
HETATM 1212 C  CAD . HEM B 2 .   ? -6.755  -7.246  8.883   1.00 21.56  ? 154 HEM A CAD 1 
HETATM 1213 C  CBD . HEM B 2 .   ? -7.201  -7.942  7.588   1.00 73.40  ? 154 HEM A CBD 1 
HETATM 1214 C  CGD . HEM B 2 .   ? -7.867  -9.275  7.806   1.00 39.92  ? 154 HEM A CGD 1 
HETATM 1215 O  O1D . HEM B 2 .   ? -7.498  -9.866  8.865   1.00 37.38  ? 154 HEM A O1D 1 
HETATM 1216 O  O2D . HEM B 2 .   ? -8.842  -9.589  7.045   1.00 77.11  ? 154 HEM A O2D 1 
HETATM 1217 N  NA  . HEM B 2 .   ? -5.855  -3.375  5.329   1.00 10.02  ? 154 HEM A NA  1 
HETATM 1218 N  NB  . HEM B 2 .   ? -3.732  -2.061  4.603   1.00 8.66   ? 154 HEM A NB  1 
HETATM 1219 N  NC  . HEM B 2 .   ? -2.291  -3.353  6.620   1.00 10.82  ? 154 HEM A NC  1 
HETATM 1220 N  ND  . HEM B 2 .   ? -4.621  -4.620  7.376   1.00 12.32  ? 154 HEM A ND  1 
HETATM 1221 FE FE  . HEM B 2 .   ? -4.151  -3.412  5.989   1.00 16.61  ? 154 HEM A FE  1 
HETATM 1222 N  N1  . 1MZ C 3 .   ? -4.919  0.060   8.031   1.00 22.67  ? 155 1MZ A N1  1 
HETATM 1223 C  C2  . 1MZ C 3 .   ? -4.301  -0.908  7.368   1.00 15.13  ? 155 1MZ A C2  1 
HETATM 1224 N  N3  . 1MZ C 3 .   ? -5.102  -1.976  7.253   1.00 25.85  ? 155 1MZ A N3  1 
HETATM 1225 C  C4  . 1MZ C 3 .   ? -6.302  -1.718  7.855   1.00 46.92  ? 155 1MZ A C4  1 
HETATM 1226 C  C5  . 1MZ C 3 .   ? -6.197  -0.445  8.338   1.00 27.60  ? 155 1MZ A C5  1 
HETATM 1227 C  CM1 . 1MZ C 3 .   ? -4.334  1.476   8.424   1.00 19.75  ? 155 1MZ A CM1 1 
HETATM 1228 O  O   . HOH D 4 .   ? -3.278  -5.057  4.781   1.00 16.17  ? 156 HOH A O   1 
HETATM 1229 O  O   . HOH D 4 .   ? -5.108  10.808  -2.587  1.00 14.06  ? 157 HOH A O   1 
HETATM 1230 O  O   . HOH D 4 .   ? -13.319 12.462  0.693   1.00 22.18  ? 158 HOH A O   1 
HETATM 1231 O  O   . HOH D 4 .   ? 0.538   -4.410  -15.974 1.00 24.91  ? 159 HOH A O   1 
HETATM 1232 O  O   . HOH D 4 .   ? -1.424  -15.579 -2.779  1.00 24.19  ? 160 HOH A O   1 
HETATM 1233 O  O   . HOH D 4 .   ? -7.015  -9.165  -10.123 1.00 23.95  ? 161 HOH A O   1 
HETATM 1234 O  O   . HOH D 4 .   ? -6.843  -6.714  -12.590 1.00 25.63  ? 162 HOH A O   1 
HETATM 1235 O  O   . HOH D 4 .   ? 5.710   3.874   13.845  1.00 35.35  ? 163 HOH A O   1 
HETATM 1236 O  O   . HOH D 4 .   ? 1.537   -12.210 -11.688 1.00 51.35  ? 164 HOH A O   1 
HETATM 1237 O  O   . HOH D 4 .   ? 7.333   -10.637 -3.886  1.00 37.08  ? 165 HOH A O   1 
HETATM 1238 O  O   . HOH D 4 .   ? -3.703  3.498   22.064  1.00 45.84  ? 166 HOH A O   1 
HETATM 1239 O  O   . HOH D 4 .   ? 6.561   7.401   0.198   1.00 31.41  ? 167 HOH A O   1 
HETATM 1240 O  O   . HOH D 4 .   ? -11.320 -2.484  -0.786  1.00 33.05  ? 168 HOH A O   1 
HETATM 1241 O  O   . HOH D 4 .   ? 5.914   8.361   7.382   1.00 30.56  ? 169 HOH A O   1 
HETATM 1242 O  O   . HOH D 4 .   ? -0.690  5.281   21.482  1.00 35.88  ? 170 HOH A O   1 
HETATM 1243 O  O   . HOH D 4 .   ? 3.518   15.245  0.207   1.00 39.24  ? 171 HOH A O   1 
HETATM 1244 O  O   . HOH D 4 .   ? -3.204  -9.875  -4.412  1.00 30.66  ? 172 HOH A O   1 
HETATM 1245 O  O   . HOH D 4 .   ? 13.210  -2.732  -13.678 1.00 29.28  ? 173 HOH A O   1 
HETATM 1246 O  O   . HOH D 4 .   ? -10.101 1.697   -6.475  1.00 47.10  ? 174 HOH A O   1 
HETATM 1247 O  O   . HOH D 4 .   ? 8.739   7.762   -16.408 1.00 41.63  ? 175 HOH A O   1 
HETATM 1248 O  O   . HOH D 4 .   ? -2.248  12.781  -18.863 1.00 73.41  ? 176 HOH A O   1 
HETATM 1249 O  O   . HOH D 4 .   ? -8.171  -13.172 3.538   1.00 69.50  ? 177 HOH A O   1 
HETATM 1250 O  O   . HOH D 4 .   ? 3.543   -25.731 -0.013  1.00 57.06  ? 178 HOH A O   1 
HETATM 1251 O  O   . HOH D 4 .   ? 6.054   -24.355 -0.547  1.00 42.33  ? 179 HOH A O   1 
# 
